data_5ODW
#
_entry.id   5ODW
#
_cell.length_a   115.524
_cell.length_b   209.390
_cell.length_c   215.845
_cell.angle_alpha   90.00
_cell.angle_beta   90.00
_cell.angle_gamma   90.00
#
_symmetry.space_group_name_H-M   'I 2 2 2'
#
loop_
_entity.id
_entity.type
_entity.pdbx_description
1 polymer 'Ferripyoverdine receptor'
2 polymer Pyocin-S2
3 non-polymer 'SULFATE ION'
#
loop_
_entity_poly.entity_id
_entity_poly.type
_entity_poly.pdbx_seq_one_letter_code
_entity_poly.pdbx_strand_id
1 'polypeptide(L)'
;MPAPHGLSPLSKAFLMRRAFQRRILPHSLAMALSLPLAGYVQAQEVEFDIPPQALGSALQEFGRQADIQVLYRPEEVRNK
RSSAIKGKLEPNQAITELLRGTGASVDFQGNAITISVAEAADSSVDLGATMITSNQLGTITEDSGSYTPGTIATATRLVL
TPRETPQSITVVTRQNMDDFGLNNIDDVMRHTPGITVSAYDTDRNNYYARGFSINNFQYDGIPSTARNVGYSAGNTLSDM
AIYDRVEVLKGATGLLTGAGSLGATINLIRKKPTHEFKGHVELGAGSWDNYRSELDVSGPLTESGNVRGRAVAAYQDKHS
FMDHYERKTSVYYGILEFDLNPDTMLTVGADYQDNDPKGSGWSGSFPLFDSQGNRNDVSRSFNNGAKWSSWEQYTRTVFA
NLEHNFANGWVGKVQLDHKINGYHAPLGAIMGDWPAPDNSAKIVAQKYTGETKSNSLDIYLTGPFQFLGREHELVVGTSA
SFSHWEGKSYWNLRNYDNTTDDFINWDGDIGKPDWGTPSQYIDDKTRQLGSYMTARFNVTDDLNLFLGGRVVDYRVTGLN
PTIRESGRFIPYVGAVYDLNDTYSVYASYTDIFMPQDSWYRDSSNKLLEPDEGQNYEIGIKGEYLDGRLNTSLAYFEIHE
ENRAEEDALYNSKPTNPAITYAYKGIKAKTKGYEAEISGELAPGWQVQAGYTHKIIRDDSGKKVSTWEPQDQLSLYTSYK
FKGALDKLTVGGGARWQGKSWQMVYNNPRSRWEKFSQEDYWLVDLMARYQITDKLSASVNVNNVFDKTYYTNIGFYTSAS
YGDPRNLMFSTRWDF
;
A,B
2 'polypeptide(L)'
;MAVNDYEPGSMVITHVQGGGRDIIQYIPARSSYGTPPFVPPGPSPYVGTGMQEYRKLRSTLDKSHSELKKNLKNETLKEV
DELKSEAGLPGKAVSANDIRDEKSIVDALMDAKAKSLKAIEDRPANLYTASDFPQKSESMYQSQLLASRKFYGEFLDRHM
SELAKAYSADIYKAQIAILKQTSQELENKARSLEAEAQRAAAEVEADYKLEHHHHHH
;
C,D
#
loop_
_chem_comp.id
_chem_comp.type
_chem_comp.name
_chem_comp.formula
SO4 non-polymer 'SULFATE ION' 'O4 S -2'
#
# COMPACT_ATOMS: atom_id res chain seq x y z
N GLU A 45 -7.35 38.44 -27.79
CA GLU A 45 -8.71 38.98 -27.70
C GLU A 45 -9.67 38.04 -26.91
N VAL A 46 -9.92 38.35 -25.59
CA VAL A 46 -10.78 37.56 -24.67
C VAL A 46 -12.13 38.27 -24.32
N GLU A 47 -13.11 37.49 -23.80
CA GLU A 47 -14.42 37.94 -23.35
C GLU A 47 -14.36 38.47 -21.90
N PHE A 48 -14.69 39.75 -21.73
CA PHE A 48 -14.66 40.43 -20.44
C PHE A 48 -16.05 40.85 -19.93
N ASP A 49 -16.33 40.55 -18.67
CA ASP A 49 -17.61 40.92 -18.06
C ASP A 49 -17.45 41.50 -16.64
N ILE A 50 -17.04 42.75 -16.54
CA ILE A 50 -16.88 43.38 -15.22
C ILE A 50 -17.82 44.57 -15.06
N PRO A 51 -18.69 44.54 -14.04
CA PRO A 51 -19.63 45.65 -13.76
C PRO A 51 -18.99 46.88 -13.07
N PRO A 52 -19.62 48.07 -13.04
CA PRO A 52 -19.00 49.21 -12.34
C PRO A 52 -18.97 48.98 -10.84
N GLN A 53 -17.77 49.02 -10.26
CA GLN A 53 -17.54 48.74 -8.83
C GLN A 53 -16.33 49.52 -8.29
N ALA A 54 -15.93 49.25 -7.03
CA ALA A 54 -14.72 49.82 -6.43
C ALA A 54 -13.57 49.43 -7.36
N LEU A 55 -12.71 50.40 -7.73
CA LEU A 55 -11.61 50.20 -8.68
C LEU A 55 -10.71 49.01 -8.33
N GLY A 56 -10.28 48.89 -7.08
CA GLY A 56 -9.44 47.79 -6.60
C GLY A 56 -10.01 46.39 -6.83
N SER A 57 -11.34 46.23 -6.73
CA SER A 57 -12.06 44.99 -6.96
C SER A 57 -12.03 44.67 -8.45
N ALA A 58 -12.31 45.69 -9.30
CA ALA A 58 -12.32 45.63 -10.76
C ALA A 58 -10.98 45.19 -11.29
N LEU A 59 -9.87 45.72 -10.72
CA LEU A 59 -8.49 45.39 -11.11
C LEU A 59 -8.14 43.91 -10.80
N GLN A 60 -8.67 43.37 -9.66
CA GLN A 60 -8.47 41.97 -9.26
C GLN A 60 -9.29 41.03 -10.15
N GLU A 61 -10.50 41.49 -10.59
CA GLU A 61 -11.40 40.75 -11.48
C GLU A 61 -10.84 40.75 -12.92
N PHE A 62 -10.24 41.89 -13.37
CA PHE A 62 -9.60 42.06 -14.69
C PHE A 62 -8.36 41.13 -14.78
N GLY A 63 -7.59 41.09 -13.69
CA GLY A 63 -6.43 40.23 -13.57
C GLY A 63 -6.81 38.77 -13.79
N ARG A 64 -7.97 38.33 -13.25
CA ARG A 64 -8.45 36.96 -13.43
C ARG A 64 -8.91 36.71 -14.86
N GLN A 65 -9.79 37.59 -15.37
CA GLN A 65 -10.36 37.50 -16.72
C GLN A 65 -9.32 37.63 -17.87
N ALA A 66 -8.30 38.50 -17.74
CA ALA A 66 -7.29 38.69 -18.77
C ALA A 66 -6.08 37.76 -18.63
N ASP A 67 -6.05 36.94 -17.57
CA ASP A 67 -4.92 36.06 -17.29
C ASP A 67 -3.62 36.87 -17.19
N ILE A 68 -3.67 37.93 -16.40
CA ILE A 68 -2.56 38.88 -16.28
C ILE A 68 -2.37 39.29 -14.81
N GLN A 69 -1.10 39.51 -14.37
CA GLN A 69 -0.92 39.98 -13.00
C GLN A 69 -1.07 41.48 -12.97
N VAL A 70 -2.02 41.94 -12.16
CA VAL A 70 -2.31 43.36 -12.01
C VAL A 70 -1.75 43.81 -10.70
N LEU A 71 -0.87 44.82 -10.75
CA LEU A 71 -0.25 45.48 -9.60
C LEU A 71 -0.82 46.91 -9.53
N TYR A 72 -1.12 47.37 -8.30
CA TYR A 72 -1.68 48.69 -7.97
C TYR A 72 -1.46 48.99 -6.50
N ARG A 73 -1.31 50.29 -6.15
CA ARG A 73 -1.13 50.70 -4.75
C ARG A 73 -2.52 50.87 -4.12
N PRO A 74 -2.73 50.31 -2.91
CA PRO A 74 -4.07 50.41 -2.28
C PRO A 74 -4.54 51.83 -1.92
N GLU A 75 -3.59 52.72 -1.58
CA GLU A 75 -3.87 54.10 -1.23
C GLU A 75 -4.28 54.94 -2.45
N GLU A 76 -3.81 54.57 -3.66
CA GLU A 76 -4.04 55.24 -4.95
C GLU A 76 -5.46 55.01 -5.54
N VAL A 77 -6.02 53.79 -5.40
CA VAL A 77 -7.35 53.34 -5.87
C VAL A 77 -8.45 53.46 -4.78
N ARG A 78 -8.09 54.07 -3.66
CA ARG A 78 -8.90 54.11 -2.45
C ARG A 78 -10.31 54.66 -2.54
N ASN A 79 -10.51 55.76 -3.25
CA ASN A 79 -11.86 56.27 -3.38
C ASN A 79 -12.11 56.56 -4.85
N LYS A 80 -12.05 55.49 -5.64
CA LYS A 80 -12.27 55.56 -7.07
C LYS A 80 -13.10 54.36 -7.49
N ARG A 81 -13.84 54.50 -8.58
CA ARG A 81 -14.67 53.42 -9.07
C ARG A 81 -14.37 53.13 -10.53
N SER A 82 -14.63 51.90 -10.94
CA SER A 82 -14.39 51.50 -12.29
C SER A 82 -15.62 51.81 -13.14
N SER A 83 -15.41 51.88 -14.47
CA SER A 83 -16.50 51.96 -15.44
C SER A 83 -16.75 50.51 -15.97
N ALA A 84 -17.95 50.29 -16.48
CA ALA A 84 -18.34 48.96 -16.97
C ALA A 84 -17.73 48.48 -18.29
N ILE A 85 -17.34 47.21 -18.32
CA ILE A 85 -16.82 46.59 -19.54
C ILE A 85 -17.49 45.23 -19.77
N LYS A 86 -17.98 45.01 -20.99
CA LYS A 86 -18.58 43.73 -21.35
C LYS A 86 -18.26 43.41 -22.81
N GLY A 87 -17.98 42.15 -23.12
CA GLY A 87 -17.69 41.78 -24.51
C GLY A 87 -16.31 41.25 -24.84
N LYS A 88 -16.10 40.94 -26.13
CA LYS A 88 -14.85 40.41 -26.66
C LYS A 88 -13.95 41.55 -27.15
N LEU A 89 -13.14 42.04 -26.23
CA LEU A 89 -12.22 43.11 -26.54
C LEU A 89 -10.84 42.62 -26.15
N GLU A 90 -9.84 43.21 -26.79
CA GLU A 90 -8.46 42.88 -26.50
C GLU A 90 -8.16 43.41 -25.10
N PRO A 91 -7.17 42.82 -24.44
CA PRO A 91 -6.85 43.26 -23.07
C PRO A 91 -6.50 44.74 -23.03
N ASN A 92 -5.82 45.24 -24.05
CA ASN A 92 -5.44 46.66 -24.06
C ASN A 92 -6.64 47.61 -24.08
N GLN A 93 -7.66 47.27 -24.85
CA GLN A 93 -8.87 48.10 -24.94
C GLN A 93 -9.61 48.02 -23.62
N ALA A 94 -9.71 46.80 -23.05
CA ALA A 94 -10.44 46.53 -21.81
C ALA A 94 -10.02 47.39 -20.61
N ILE A 95 -8.69 47.49 -20.35
CA ILE A 95 -8.17 48.24 -19.20
C ILE A 95 -8.36 49.77 -19.42
N THR A 96 -8.18 50.25 -20.63
CA THR A 96 -8.39 51.64 -20.98
C THR A 96 -9.86 52.01 -20.79
N GLU A 97 -10.78 51.06 -21.07
CA GLU A 97 -12.21 51.30 -20.89
C GLU A 97 -12.64 51.24 -19.41
N LEU A 98 -12.10 50.27 -18.65
CA LEU A 98 -12.33 50.03 -17.20
C LEU A 98 -11.86 51.25 -16.42
N LEU A 99 -10.68 51.81 -16.77
CA LEU A 99 -10.10 52.93 -16.02
C LEU A 99 -10.71 54.30 -16.37
N ARG A 100 -11.50 54.43 -17.48
CA ARG A 100 -12.12 55.72 -17.90
C ARG A 100 -12.71 56.50 -16.73
N GLY A 101 -12.16 57.68 -16.46
CA GLY A 101 -12.59 58.55 -15.38
C GLY A 101 -11.84 58.41 -14.06
N THR A 102 -10.87 57.45 -13.97
CA THR A 102 -10.09 57.23 -12.73
C THR A 102 -8.80 58.07 -12.67
N GLY A 103 -8.31 58.53 -13.82
CA GLY A 103 -7.06 59.30 -13.88
C GLY A 103 -5.83 58.42 -13.69
N ALA A 104 -5.97 57.10 -13.95
CA ALA A 104 -4.91 56.13 -13.83
C ALA A 104 -4.22 55.83 -15.18
N SER A 105 -2.92 55.44 -15.10
CA SER A 105 -2.07 55.08 -16.23
C SER A 105 -1.69 53.61 -16.10
N VAL A 106 -1.39 52.95 -17.24
CA VAL A 106 -1.02 51.52 -17.31
C VAL A 106 0.42 51.37 -17.80
N ASP A 107 1.16 50.41 -17.20
CA ASP A 107 2.49 50.06 -17.65
C ASP A 107 2.46 48.61 -18.02
N PHE A 108 2.45 48.33 -19.33
CA PHE A 108 2.43 46.99 -19.90
C PHE A 108 3.83 46.41 -19.83
N GLN A 109 3.95 45.35 -19.05
CA GLN A 109 5.24 44.70 -18.82
C GLN A 109 5.15 43.16 -18.99
N GLY A 110 4.65 42.76 -20.15
CA GLY A 110 4.52 41.37 -20.52
C GLY A 110 3.29 40.74 -19.93
N ASN A 111 3.49 39.67 -19.14
CA ASN A 111 2.39 38.95 -18.51
C ASN A 111 1.88 39.64 -17.21
N ALA A 112 2.31 40.91 -16.99
CA ALA A 112 1.93 41.78 -15.87
C ALA A 112 1.62 43.22 -16.33
N ILE A 113 0.93 43.99 -15.46
CA ILE A 113 0.63 45.42 -15.67
C ILE A 113 0.68 46.17 -14.33
N THR A 114 1.24 47.40 -14.33
CA THR A 114 1.27 48.23 -13.12
C THR A 114 0.38 49.43 -13.32
N ILE A 115 -0.59 49.61 -12.42
CA ILE A 115 -1.51 50.75 -12.45
C ILE A 115 -1.01 51.80 -11.45
N SER A 116 -0.97 53.05 -11.91
CA SER A 116 -0.51 54.21 -11.14
C SER A 116 -1.44 55.40 -11.34
N VAL A 117 -1.63 56.23 -10.28
CA VAL A 117 -2.41 57.46 -10.41
C VAL A 117 -1.43 58.65 -10.25
N ALA A 118 -1.03 59.24 -11.41
CA ALA A 118 -0.13 60.39 -11.50
C ALA A 118 -0.88 61.64 -11.06
N GLU A 119 -0.16 62.57 -10.43
CA GLU A 119 -0.72 63.84 -9.92
C GLU A 119 0.02 65.07 -10.48
N ALA A 120 -0.73 66.17 -10.53
CA ALA A 120 -0.30 67.47 -11.09
C ALA A 120 1.09 67.90 -10.65
N ALA A 121 1.40 67.64 -9.38
CA ALA A 121 2.68 67.96 -8.79
C ALA A 121 3.65 66.83 -8.99
N ASP A 122 4.93 67.09 -8.77
CA ASP A 122 5.93 66.06 -8.92
C ASP A 122 5.56 65.02 -7.86
N SER A 123 5.50 63.77 -8.25
CA SER A 123 5.13 62.72 -7.33
C SER A 123 6.38 62.18 -6.66
N SER A 124 6.35 62.07 -5.35
CA SER A 124 7.53 61.55 -4.63
C SER A 124 7.88 60.13 -5.11
N VAL A 125 9.17 59.83 -5.31
CA VAL A 125 9.55 58.51 -5.86
C VAL A 125 9.82 57.48 -4.74
N ASP A 126 8.95 56.45 -4.70
CA ASP A 126 8.98 55.34 -3.74
C ASP A 126 8.88 54.06 -4.54
N LEU A 127 10.06 53.54 -4.97
CA LEU A 127 10.15 52.35 -5.82
C LEU A 127 9.57 51.11 -5.17
N GLY A 128 9.78 50.93 -3.87
CA GLY A 128 9.29 49.75 -3.17
C GLY A 128 7.90 49.86 -2.54
N ALA A 129 7.03 50.72 -3.08
CA ALA A 129 5.67 50.92 -2.58
C ALA A 129 4.91 49.62 -2.48
N THR A 130 4.19 49.42 -1.36
CA THR A 130 3.34 48.26 -1.10
C THR A 130 2.30 48.18 -2.21
N MET A 131 2.24 47.01 -2.88
CA MET A 131 1.33 46.85 -4.01
C MET A 131 0.45 45.63 -3.89
N ILE A 132 -0.82 45.79 -4.30
CA ILE A 132 -1.82 44.72 -4.35
C ILE A 132 -1.58 43.96 -5.64
N THR A 133 -1.67 42.64 -5.56
CA THR A 133 -1.38 41.70 -6.64
C THR A 133 -2.59 40.78 -6.92
N SER A 134 -2.82 40.43 -8.21
CA SER A 134 -3.90 39.53 -8.60
C SER A 134 -3.50 38.04 -8.53
N ASN A 135 -2.18 37.70 -8.71
CA ASN A 135 -1.69 36.30 -8.68
C ASN A 135 -0.75 36.12 -7.50
N GLN A 136 -1.23 35.41 -6.46
CA GLN A 136 -0.52 35.18 -5.21
C GLN A 136 0.81 34.43 -5.35
N LEU A 137 1.03 33.73 -6.48
CA LEU A 137 2.26 32.94 -6.74
C LEU A 137 3.36 33.69 -7.52
N GLY A 138 2.98 34.81 -8.14
CA GLY A 138 3.86 35.66 -8.94
C GLY A 138 3.40 35.74 -10.37
N THR A 139 4.22 36.34 -11.25
CA THR A 139 3.95 36.50 -12.68
C THR A 139 4.31 35.23 -13.39
N ILE A 140 3.42 34.78 -14.30
CA ILE A 140 3.56 33.60 -15.17
C ILE A 140 4.67 33.85 -16.21
N THR A 141 5.64 32.92 -16.29
CA THR A 141 6.77 33.00 -17.18
C THR A 141 6.49 32.45 -18.60
N GLU A 142 5.35 31.72 -18.76
CA GLU A 142 4.94 31.16 -20.03
C GLU A 142 4.46 32.26 -20.97
N ASP A 143 5.00 32.27 -22.21
CA ASP A 143 4.77 33.22 -23.31
C ASP A 143 5.32 34.60 -23.03
N SER A 144 6.19 34.74 -22.02
CA SER A 144 6.81 36.01 -21.66
C SER A 144 7.93 36.32 -22.61
N GLY A 145 8.60 35.29 -23.10
CA GLY A 145 9.78 35.39 -23.94
C GLY A 145 11.09 35.58 -23.16
N SER A 146 11.01 35.98 -21.90
CA SER A 146 12.16 36.23 -21.02
C SER A 146 12.83 35.06 -20.27
N TYR A 147 14.06 35.29 -19.78
CA TYR A 147 14.86 34.36 -18.97
C TYR A 147 14.88 34.82 -17.49
N THR A 148 14.31 36.04 -17.26
CA THR A 148 14.16 36.69 -15.94
C THR A 148 12.67 36.63 -15.51
N PRO A 149 12.32 36.47 -14.21
CA PRO A 149 10.90 36.45 -13.84
C PRO A 149 10.36 37.87 -13.64
N GLY A 150 9.07 37.96 -13.27
CA GLY A 150 8.40 39.21 -12.91
C GLY A 150 8.36 39.31 -11.40
N THR A 151 7.18 39.05 -10.81
CA THR A 151 7.05 39.00 -9.36
C THR A 151 7.19 37.52 -8.97
N ILE A 152 7.57 37.26 -7.72
CA ILE A 152 7.73 35.92 -7.13
C ILE A 152 7.41 36.05 -5.64
N ALA A 153 6.70 35.08 -5.08
CA ALA A 153 6.31 35.10 -3.67
C ALA A 153 7.09 34.06 -2.82
N THR A 154 8.14 33.49 -3.37
CA THR A 154 8.91 32.38 -2.84
C THR A 154 9.70 32.67 -1.54
N ALA A 155 9.99 33.94 -1.19
CA ALA A 155 10.77 34.23 0.03
C ALA A 155 9.96 34.35 1.32
N THR A 156 9.01 35.28 1.33
CA THR A 156 8.20 35.56 2.50
C THR A 156 6.69 35.43 2.34
N ARG A 157 6.27 34.92 1.18
CA ARG A 157 4.86 34.72 0.74
C ARG A 157 4.17 36.01 0.28
N LEU A 158 4.95 37.08 0.16
CA LEU A 158 4.48 38.37 -0.29
C LEU A 158 4.90 38.47 -1.74
N VAL A 159 4.08 39.08 -2.57
CA VAL A 159 4.37 39.12 -4.01
C VAL A 159 5.32 40.29 -4.30
N LEU A 160 6.61 39.94 -4.39
CA LEU A 160 7.69 40.88 -4.57
C LEU A 160 8.45 40.67 -5.87
N THR A 161 9.10 41.74 -6.38
CA THR A 161 9.97 41.65 -7.56
C THR A 161 11.33 41.17 -7.07
N PRO A 162 12.22 40.56 -7.89
CA PRO A 162 13.55 40.15 -7.37
C PRO A 162 14.33 41.23 -6.59
N ARG A 163 14.28 42.50 -7.00
CA ARG A 163 14.97 43.63 -6.35
C ARG A 163 14.43 43.88 -4.92
N GLU A 164 13.08 43.75 -4.76
CA GLU A 164 12.32 43.90 -3.52
C GLU A 164 12.60 42.75 -2.55
N THR A 165 13.11 41.59 -3.03
CA THR A 165 13.43 40.39 -2.24
C THR A 165 14.84 40.50 -1.60
N PRO A 166 14.96 40.60 -0.25
CA PRO A 166 16.28 40.74 0.38
C PRO A 166 17.03 39.40 0.56
N GLN A 167 16.94 38.53 -0.48
CA GLN A 167 17.52 37.19 -0.48
C GLN A 167 18.01 36.79 -1.85
N SER A 168 18.80 35.72 -1.93
CA SER A 168 19.30 35.18 -3.19
C SER A 168 18.22 34.29 -3.78
N ILE A 169 17.56 34.78 -4.84
CA ILE A 169 16.48 34.13 -5.58
C ILE A 169 16.85 33.97 -7.06
N THR A 170 16.94 32.71 -7.52
CA THR A 170 17.22 32.36 -8.93
C THR A 170 16.00 31.62 -9.44
N VAL A 171 15.52 31.96 -10.64
CA VAL A 171 14.36 31.34 -11.29
C VAL A 171 14.75 30.84 -12.70
N VAL A 172 14.34 29.61 -13.06
CA VAL A 172 14.48 29.04 -14.41
C VAL A 172 13.07 29.12 -15.04
N THR A 173 12.83 30.16 -15.88
CA THR A 173 11.55 30.45 -16.55
C THR A 173 11.20 29.41 -17.59
N ARG A 174 9.91 29.36 -18.02
CA ARG A 174 9.40 28.45 -19.07
C ARG A 174 10.23 28.51 -20.35
N GLN A 175 10.56 29.72 -20.85
CA GLN A 175 11.33 29.88 -22.10
C GLN A 175 12.70 29.27 -22.04
N ASN A 176 13.39 29.42 -20.89
CA ASN A 176 14.69 28.81 -20.67
C ASN A 176 14.57 27.27 -20.84
N MET A 177 13.51 26.66 -20.26
CA MET A 177 13.23 25.21 -20.33
C MET A 177 12.88 24.78 -21.77
N ASP A 178 12.04 25.57 -22.50
CA ASP A 178 11.69 25.27 -23.90
C ASP A 178 12.97 25.32 -24.77
N ASP A 179 13.67 26.45 -24.73
CA ASP A 179 14.89 26.70 -25.46
C ASP A 179 15.98 25.67 -25.24
N PHE A 180 16.32 25.32 -24.00
CA PHE A 180 17.43 24.38 -23.81
C PHE A 180 17.01 22.90 -23.55
N GLY A 181 15.74 22.57 -23.84
CA GLY A 181 15.18 21.23 -23.70
C GLY A 181 15.34 20.57 -22.34
N LEU A 182 15.13 21.35 -21.25
CA LEU A 182 15.22 20.94 -19.84
C LEU A 182 13.90 20.22 -19.46
N ASN A 183 13.86 18.90 -19.75
CA ASN A 183 12.71 18.02 -19.60
C ASN A 183 12.37 17.62 -18.17
N ASN A 184 13.35 17.69 -17.27
CA ASN A 184 13.19 17.31 -15.87
C ASN A 184 13.94 18.26 -14.93
N ILE A 185 13.78 18.07 -13.63
CA ILE A 185 14.39 18.87 -12.60
C ILE A 185 15.93 18.71 -12.58
N ASP A 186 16.49 17.54 -12.94
CA ASP A 186 17.96 17.35 -12.99
C ASP A 186 18.55 18.27 -14.05
N ASP A 187 17.91 18.32 -15.22
CA ASP A 187 18.31 19.19 -16.34
C ASP A 187 18.19 20.64 -15.92
N VAL A 188 17.08 20.97 -15.27
CA VAL A 188 16.87 22.32 -14.73
C VAL A 188 18.03 22.68 -13.78
N MET A 189 18.28 21.83 -12.75
CA MET A 189 19.34 22.02 -11.75
C MET A 189 20.76 22.17 -12.36
N ARG A 190 21.09 21.41 -13.40
CA ARG A 190 22.36 21.51 -14.12
C ARG A 190 22.54 22.89 -14.76
N HIS A 191 21.41 23.55 -15.09
CA HIS A 191 21.33 24.88 -15.73
C HIS A 191 21.01 26.01 -14.73
N THR A 192 21.01 25.73 -13.41
CA THR A 192 20.67 26.72 -12.39
C THR A 192 21.92 27.27 -11.69
N PRO A 193 22.22 28.59 -11.89
CA PRO A 193 23.41 29.19 -11.25
C PRO A 193 23.54 28.91 -9.76
N GLY A 194 24.71 28.39 -9.37
CA GLY A 194 25.05 28.04 -7.99
C GLY A 194 24.64 26.67 -7.53
N ILE A 195 24.16 25.81 -8.45
CA ILE A 195 23.71 24.43 -8.13
C ILE A 195 24.71 23.48 -8.73
N THR A 196 25.12 22.47 -7.94
CA THR A 196 26.00 21.39 -8.31
C THR A 196 25.20 20.08 -8.19
N VAL A 197 25.04 19.38 -9.31
CA VAL A 197 24.32 18.11 -9.39
C VAL A 197 25.40 17.01 -9.25
N SER A 198 25.39 16.31 -8.12
CA SER A 198 26.27 15.17 -7.83
C SER A 198 25.41 13.91 -7.82
N ALA A 199 25.89 12.83 -8.43
CA ALA A 199 25.11 11.59 -8.50
C ALA A 199 25.66 10.48 -7.64
N TYR A 200 24.77 9.62 -7.11
CA TYR A 200 25.12 8.41 -6.37
C TYR A 200 25.20 7.29 -7.43
N ASP A 201 24.06 7.00 -8.10
CA ASP A 201 23.91 6.03 -9.18
C ASP A 201 22.95 6.57 -10.23
N THR A 202 22.70 5.80 -11.33
CA THR A 202 21.84 6.14 -12.48
C THR A 202 20.54 6.90 -12.11
N ASP A 203 19.85 6.48 -11.01
CA ASP A 203 18.56 7.06 -10.60
C ASP A 203 18.57 7.80 -9.25
N ARG A 204 19.77 8.14 -8.73
CA ARG A 204 19.90 8.85 -7.45
C ARG A 204 20.85 10.05 -7.61
N ASN A 205 20.27 11.27 -7.76
CA ASN A 205 20.99 12.53 -7.90
C ASN A 205 20.74 13.39 -6.67
N ASN A 206 21.75 14.19 -6.30
CA ASN A 206 21.74 15.10 -5.16
C ASN A 206 22.19 16.47 -5.65
N TYR A 207 21.55 17.52 -5.11
CA TYR A 207 21.83 18.91 -5.47
C TYR A 207 22.49 19.61 -4.31
N TYR A 208 23.55 20.37 -4.61
CA TYR A 208 24.35 21.10 -3.61
C TYR A 208 24.32 22.59 -3.89
N ALA A 209 24.12 23.37 -2.82
CA ALA A 209 24.15 24.84 -2.85
C ALA A 209 24.79 25.30 -1.55
N ARG A 210 25.75 26.25 -1.67
CA ARG A 210 26.45 26.92 -0.59
C ARG A 210 27.06 25.95 0.44
N GLY A 211 27.58 24.81 -0.05
CA GLY A 211 28.21 23.76 0.75
C GLY A 211 27.27 22.73 1.34
N PHE A 212 25.92 22.87 1.10
CA PHE A 212 24.88 21.99 1.66
C PHE A 212 24.07 21.27 0.62
N SER A 213 23.62 20.06 0.97
CA SER A 213 22.77 19.25 0.10
C SER A 213 21.33 19.76 0.25
N ILE A 214 20.70 20.20 -0.85
CA ILE A 214 19.32 20.71 -0.84
C ILE A 214 18.32 19.56 -0.66
N ASN A 215 17.56 19.54 0.45
CA ASN A 215 16.60 18.47 0.75
C ASN A 215 15.16 19.02 0.77
N ASN A 216 15.03 20.28 0.37
CA ASN A 216 13.74 20.96 0.39
C ASN A 216 13.12 21.25 -0.98
N PHE A 217 11.88 20.80 -1.12
CA PHE A 217 11.02 20.98 -2.30
C PHE A 217 9.69 21.48 -1.89
N GLN A 218 9.12 22.35 -2.70
CA GLN A 218 7.78 22.93 -2.52
C GLN A 218 7.09 22.87 -3.85
N TYR A 219 5.77 22.69 -3.84
CA TYR A 219 4.95 22.63 -5.04
C TYR A 219 3.84 23.64 -4.86
N ASP A 220 3.93 24.75 -5.60
CA ASP A 220 3.00 25.86 -5.46
C ASP A 220 3.09 26.51 -4.08
N GLY A 221 4.29 26.61 -3.54
CA GLY A 221 4.51 27.19 -2.21
C GLY A 221 4.26 26.30 -1.01
N ILE A 222 3.67 25.11 -1.20
CA ILE A 222 3.39 24.14 -0.14
C ILE A 222 4.56 23.17 0.00
N PRO A 223 5.28 23.16 1.13
CA PRO A 223 6.42 22.25 1.26
C PRO A 223 6.10 20.76 1.40
N SER A 224 6.84 19.94 0.66
CA SER A 224 6.84 18.49 0.64
C SER A 224 7.69 18.05 1.82
N THR A 225 7.37 16.88 2.41
CA THR A 225 8.06 16.31 3.58
C THR A 225 9.52 16.00 3.25
N ALA A 226 10.46 16.57 4.05
CA ALA A 226 11.93 16.50 3.93
C ALA A 226 12.48 15.17 3.46
N ARG A 227 13.01 15.20 2.26
CA ARG A 227 13.52 14.04 1.57
C ARG A 227 14.70 13.35 2.22
N ASN A 228 14.63 12.02 2.26
CA ASN A 228 15.70 11.21 2.77
C ASN A 228 16.73 11.26 1.66
N VAL A 229 17.99 11.44 2.01
CA VAL A 229 19.01 11.56 0.98
C VAL A 229 19.17 10.31 0.12
N GLY A 230 19.09 9.13 0.73
CA GLY A 230 19.27 7.89 -0.05
C GLY A 230 18.03 7.21 -0.63
N TYR A 231 16.87 7.31 0.06
CA TYR A 231 15.59 6.66 -0.29
C TYR A 231 14.75 7.45 -1.30
N SER A 232 15.27 7.55 -2.53
CA SER A 232 14.61 8.36 -3.50
C SER A 232 13.17 7.96 -3.63
N ALA A 233 12.34 8.98 -3.49
CA ALA A 233 10.88 8.87 -3.60
C ALA A 233 10.28 9.53 -4.84
N GLY A 234 11.04 10.38 -5.55
CA GLY A 234 10.58 10.99 -6.79
C GLY A 234 10.72 12.48 -7.02
N ASN A 235 11.16 13.23 -6.03
CA ASN A 235 11.34 14.68 -6.18
C ASN A 235 12.42 15.07 -7.20
N THR A 236 13.49 14.29 -7.26
CA THR A 236 14.64 14.55 -8.14
C THR A 236 14.37 14.11 -9.58
N LEU A 237 13.15 13.65 -9.88
CA LEU A 237 12.78 13.17 -11.21
C LEU A 237 11.55 13.85 -11.80
N SER A 238 11.05 14.89 -11.10
CA SER A 238 9.90 15.68 -11.49
C SER A 238 10.05 16.09 -12.94
N ASP A 239 9.08 15.72 -13.76
CA ASP A 239 9.09 16.07 -15.16
C ASP A 239 8.55 17.50 -15.29
N MET A 240 9.15 18.29 -16.23
CA MET A 240 8.82 19.71 -16.41
C MET A 240 7.57 19.99 -17.21
N ALA A 241 6.94 18.96 -17.76
CA ALA A 241 5.76 19.13 -18.60
C ALA A 241 4.59 19.78 -17.89
N ILE A 242 4.55 19.68 -16.54
CA ILE A 242 3.38 20.20 -15.82
C ILE A 242 3.67 21.53 -15.12
N TYR A 243 4.90 22.05 -15.16
CA TYR A 243 5.26 23.30 -14.45
C TYR A 243 5.50 24.50 -15.37
N ASP A 244 5.36 25.72 -14.80
CA ASP A 244 5.55 27.00 -15.46
C ASP A 244 6.98 27.51 -15.30
N ARG A 245 7.57 27.34 -14.10
CA ARG A 245 8.93 27.78 -13.76
C ARG A 245 9.41 27.02 -12.53
N VAL A 246 10.68 27.13 -12.22
CA VAL A 246 11.18 26.56 -10.98
C VAL A 246 11.89 27.70 -10.25
N GLU A 247 11.50 27.93 -9.00
CA GLU A 247 12.09 29.01 -8.21
C GLU A 247 13.02 28.42 -7.17
N VAL A 248 14.26 28.86 -7.21
CA VAL A 248 15.29 28.36 -6.29
C VAL A 248 15.74 29.49 -5.41
N LEU A 249 15.35 29.43 -4.12
CA LEU A 249 15.68 30.44 -3.13
C LEU A 249 16.83 29.86 -2.29
N LYS A 250 17.96 30.59 -2.22
CA LYS A 250 19.21 30.15 -1.61
C LYS A 250 19.56 30.78 -0.27
N GLY A 251 20.13 29.95 0.62
CA GLY A 251 20.57 30.31 1.96
C GLY A 251 19.97 29.40 3.02
N ALA A 252 19.21 30.03 3.96
CA ALA A 252 18.44 29.43 5.06
C ALA A 252 16.96 29.90 4.86
N THR A 253 16.12 28.99 4.35
CA THR A 253 14.72 29.18 3.91
C THR A 253 13.58 28.73 4.87
N GLY A 254 13.87 28.62 6.16
CA GLY A 254 12.96 28.14 7.20
C GLY A 254 11.59 28.74 7.38
N LEU A 255 11.44 30.08 7.21
CA LEU A 255 10.21 30.85 7.41
C LEU A 255 8.96 30.22 6.73
N LEU A 256 9.08 29.75 5.46
CA LEU A 256 7.97 29.12 4.72
C LEU A 256 8.12 27.59 4.56
N THR A 257 9.35 27.06 4.74
CA THR A 257 9.66 25.63 4.64
C THR A 257 9.36 24.88 5.97
N GLY A 258 9.72 25.48 7.09
CA GLY A 258 9.61 24.89 8.41
C GLY A 258 10.90 24.14 8.66
N ALA A 259 10.81 22.89 9.07
CA ALA A 259 11.99 22.04 9.26
C ALA A 259 12.52 21.57 7.89
N GLY A 260 13.81 21.74 7.66
CA GLY A 260 14.45 21.34 6.41
C GLY A 260 15.94 21.55 6.44
N SER A 261 16.61 21.40 5.25
CA SER A 261 18.05 21.59 5.07
C SER A 261 18.49 23.05 4.82
N LEU A 262 19.81 23.23 4.75
CA LEU A 262 20.44 24.49 4.43
C LEU A 262 20.84 24.46 2.94
N GLY A 263 21.13 25.63 2.38
CA GLY A 263 21.53 25.79 0.99
C GLY A 263 20.48 26.30 0.03
N ALA A 264 19.29 25.72 0.06
CA ALA A 264 18.18 26.24 -0.75
C ALA A 264 16.89 25.44 -0.61
N THR A 265 15.83 25.93 -1.23
CA THR A 265 14.48 25.36 -1.36
C THR A 265 14.19 25.50 -2.84
N ILE A 266 13.64 24.45 -3.46
CA ILE A 266 13.27 24.43 -4.86
C ILE A 266 11.75 24.45 -4.91
N ASN A 267 11.19 25.57 -5.32
CA ASN A 267 9.74 25.74 -5.46
C ASN A 267 9.37 25.60 -6.93
N LEU A 268 8.50 24.63 -7.23
CA LEU A 268 8.05 24.34 -8.57
C LEU A 268 6.60 24.89 -8.72
N ILE A 269 6.36 25.73 -9.74
CA ILE A 269 5.07 26.37 -9.96
C ILE A 269 4.32 25.66 -11.08
N ARG A 270 3.23 24.92 -10.75
CA ARG A 270 2.40 24.14 -11.69
C ARG A 270 1.73 25.05 -12.74
N LYS A 271 1.43 24.50 -13.92
CA LYS A 271 0.75 25.22 -15.00
C LYS A 271 -0.73 25.42 -14.58
N LYS A 272 -1.41 26.47 -15.09
CA LYS A 272 -2.79 26.74 -14.64
C LYS A 272 -3.81 26.91 -15.75
N PRO A 273 -5.15 26.61 -15.50
CA PRO A 273 -6.18 26.83 -16.55
C PRO A 273 -6.24 28.28 -17.06
N THR A 274 -6.59 28.48 -18.31
CA THR A 274 -6.66 29.80 -18.94
C THR A 274 -8.09 30.17 -19.35
N HIS A 275 -8.36 31.47 -19.56
CA HIS A 275 -9.67 31.98 -19.96
C HIS A 275 -9.88 31.93 -21.47
N GLU A 276 -8.83 31.59 -22.25
CA GLU A 276 -8.85 31.44 -23.70
C GLU A 276 -8.18 30.12 -24.06
N PHE A 277 -8.73 29.39 -25.03
CA PHE A 277 -8.18 28.11 -25.47
C PHE A 277 -6.76 28.19 -26.02
N LYS A 278 -5.87 27.31 -25.52
CA LYS A 278 -4.48 27.17 -25.96
C LYS A 278 -3.90 25.82 -25.55
N GLY A 279 -3.19 25.20 -26.46
CA GLY A 279 -2.53 23.94 -26.20
C GLY A 279 -1.49 23.61 -27.25
N HIS A 280 -0.75 22.47 -27.05
CA HIS A 280 0.29 21.99 -27.96
C HIS A 280 0.58 20.50 -27.88
N VAL A 281 1.14 19.93 -28.98
CA VAL A 281 1.64 18.55 -29.07
C VAL A 281 3.13 18.71 -29.41
N GLU A 282 4.02 18.03 -28.67
CA GLU A 282 5.45 18.08 -28.92
C GLU A 282 6.09 16.68 -28.91
N LEU A 283 6.73 16.28 -30.01
CA LEU A 283 7.44 15.00 -30.15
C LEU A 283 8.92 15.27 -30.28
N GLY A 284 9.71 14.41 -29.67
CA GLY A 284 11.16 14.54 -29.67
C GLY A 284 11.88 13.21 -29.79
N ALA A 285 13.05 13.24 -30.39
CA ALA A 285 13.91 12.07 -30.54
C ALA A 285 15.36 12.51 -30.40
N GLY A 286 16.13 11.77 -29.62
CA GLY A 286 17.52 12.09 -29.36
C GLY A 286 18.38 10.90 -29.09
N SER A 287 19.71 11.13 -28.99
CA SER A 287 20.78 10.16 -28.74
C SER A 287 20.43 9.06 -27.78
N TRP A 288 20.81 7.83 -28.14
CA TRP A 288 20.62 6.58 -27.41
C TRP A 288 19.14 6.27 -27.18
N ASP A 289 18.39 6.18 -28.28
CA ASP A 289 16.97 5.80 -28.39
C ASP A 289 16.06 6.52 -27.42
N ASN A 290 16.26 7.84 -27.35
CA ASN A 290 15.52 8.70 -26.46
C ASN A 290 14.36 9.33 -27.17
N TYR A 291 13.15 8.86 -26.86
CA TYR A 291 11.93 9.32 -27.51
C TYR A 291 11.04 9.98 -26.50
N ARG A 292 10.51 11.16 -26.86
CA ARG A 292 9.66 11.92 -25.95
C ARG A 292 8.42 12.42 -26.63
N SER A 293 7.31 12.45 -25.88
CA SER A 293 6.03 12.98 -26.38
C SER A 293 5.32 13.76 -25.27
N GLU A 294 4.66 14.88 -25.63
CA GLU A 294 3.96 15.74 -24.68
C GLU A 294 2.72 16.39 -25.29
N LEU A 295 1.62 16.40 -24.54
CA LEU A 295 0.37 17.04 -24.96
C LEU A 295 -0.13 17.98 -23.87
N ASP A 296 -0.39 19.24 -24.21
CA ASP A 296 -0.89 20.20 -23.25
C ASP A 296 -2.14 20.92 -23.78
N VAL A 297 -3.23 20.88 -23.02
CA VAL A 297 -4.47 21.54 -23.42
C VAL A 297 -5.03 22.42 -22.30
N SER A 298 -5.41 23.65 -22.63
CA SER A 298 -5.93 24.60 -21.63
C SER A 298 -7.05 25.48 -22.22
N GLY A 299 -8.04 25.85 -21.41
CA GLY A 299 -9.14 26.71 -21.84
C GLY A 299 -10.39 26.70 -20.99
N PRO A 300 -11.39 27.57 -21.33
CA PRO A 300 -12.66 27.57 -20.57
C PRO A 300 -13.47 26.32 -20.89
N LEU A 301 -14.33 25.86 -19.96
CA LEU A 301 -15.14 24.65 -20.19
C LEU A 301 -16.63 24.93 -20.22
N THR A 302 -17.03 26.20 -20.04
CA THR A 302 -18.39 26.72 -20.11
C THR A 302 -18.39 28.03 -20.96
N GLU A 303 -19.55 28.44 -21.47
CA GLU A 303 -19.66 29.64 -22.30
C GLU A 303 -19.27 30.93 -21.56
N SER A 304 -19.68 31.05 -20.31
CA SER A 304 -19.33 32.19 -19.45
C SER A 304 -17.85 32.18 -19.07
N GLY A 305 -17.23 31.01 -19.17
CA GLY A 305 -15.83 30.92 -18.81
C GLY A 305 -15.65 30.78 -17.30
N ASN A 306 -16.75 30.53 -16.59
CA ASN A 306 -16.72 30.35 -15.15
C ASN A 306 -15.90 29.13 -14.75
N VAL A 307 -15.99 28.07 -15.55
CA VAL A 307 -15.24 26.84 -15.32
C VAL A 307 -14.07 26.80 -16.32
N ARG A 308 -12.89 26.50 -15.82
CA ARG A 308 -11.67 26.46 -16.65
C ARG A 308 -10.89 25.24 -16.28
N GLY A 309 -10.19 24.69 -17.26
CA GLY A 309 -9.41 23.50 -17.09
C GLY A 309 -8.16 23.47 -17.91
N ARG A 310 -7.22 22.61 -17.48
CA ARG A 310 -5.93 22.36 -18.12
C ARG A 310 -5.60 20.90 -17.82
N ALA A 311 -5.21 20.18 -18.87
CA ALA A 311 -4.85 18.80 -18.76
C ALA A 311 -3.52 18.60 -19.52
N VAL A 312 -2.47 18.06 -18.85
CA VAL A 312 -1.21 17.77 -19.55
C VAL A 312 -0.80 16.28 -19.32
N ALA A 313 -0.29 15.63 -20.40
CA ALA A 313 0.14 14.23 -20.45
C ALA A 313 1.43 14.12 -21.22
N ALA A 314 2.42 13.46 -20.61
CA ALA A 314 3.73 13.26 -21.24
C ALA A 314 4.26 11.84 -21.08
N TYR A 315 5.07 11.40 -22.04
CA TYR A 315 5.69 10.08 -22.03
C TYR A 315 7.08 10.13 -22.58
N GLN A 316 8.01 9.51 -21.87
CA GLN A 316 9.39 9.41 -22.29
C GLN A 316 9.87 7.99 -22.06
N ASP A 317 10.52 7.45 -23.08
CA ASP A 317 11.09 6.14 -23.12
C ASP A 317 12.48 6.32 -23.70
N LYS A 318 13.49 6.10 -22.87
CA LYS A 318 14.87 6.28 -23.30
C LYS A 318 15.78 5.16 -22.94
N HIS A 319 16.90 5.14 -23.63
CA HIS A 319 18.03 4.27 -23.40
C HIS A 319 19.12 5.25 -23.01
N SER A 320 20.35 4.75 -22.82
CA SER A 320 21.44 5.58 -22.35
C SER A 320 22.69 5.31 -23.11
N PHE A 321 23.73 6.07 -22.79
CA PHE A 321 25.07 5.88 -23.33
C PHE A 321 25.63 4.69 -22.52
N MET A 322 24.97 4.37 -21.39
CA MET A 322 25.30 3.29 -20.48
C MET A 322 24.61 2.03 -20.93
N ASP A 323 25.33 0.92 -20.82
CA ASP A 323 24.87 -0.41 -21.21
C ASP A 323 23.70 -0.95 -20.39
N HIS A 324 22.89 -1.77 -21.05
CA HIS A 324 21.68 -2.40 -20.46
C HIS A 324 20.84 -1.44 -19.58
N TYR A 325 20.75 -0.15 -19.99
CA TYR A 325 19.95 0.83 -19.28
C TYR A 325 18.84 1.43 -20.16
N GLU A 326 17.62 1.46 -19.61
CA GLU A 326 16.42 2.00 -20.19
C GLU A 326 15.50 2.53 -19.08
N ARG A 327 14.84 3.70 -19.32
CA ARG A 327 13.86 4.26 -18.38
C ARG A 327 12.59 4.73 -19.07
N LYS A 328 11.43 4.41 -18.50
CA LYS A 328 10.08 4.81 -18.98
C LYS A 328 9.42 5.69 -17.90
N THR A 329 8.97 6.88 -18.32
CA THR A 329 8.36 7.90 -17.50
C THR A 329 7.00 8.32 -18.04
N SER A 330 6.02 8.47 -17.15
CA SER A 330 4.69 8.91 -17.54
C SER A 330 4.18 10.02 -16.62
N VAL A 331 3.77 11.15 -17.18
CA VAL A 331 3.17 12.20 -16.38
C VAL A 331 1.71 12.50 -16.86
N TYR A 332 0.85 12.71 -15.91
CA TYR A 332 -0.56 13.05 -16.09
C TYR A 332 -0.83 14.14 -15.10
N TYR A 333 -1.58 15.14 -15.52
CA TYR A 333 -1.95 16.31 -14.73
C TYR A 333 -3.27 16.89 -15.24
N GLY A 334 -4.15 17.19 -14.31
CA GLY A 334 -5.46 17.75 -14.60
C GLY A 334 -5.82 18.73 -13.52
N ILE A 335 -6.31 19.89 -13.92
CA ILE A 335 -6.73 20.95 -12.98
C ILE A 335 -8.00 21.66 -13.48
N LEU A 336 -8.95 21.94 -12.57
CA LEU A 336 -10.23 22.63 -12.78
C LEU A 336 -10.34 23.77 -11.81
N GLU A 337 -10.70 24.96 -12.31
CA GLU A 337 -10.91 26.20 -11.55
C GLU A 337 -12.36 26.65 -11.72
N PHE A 338 -13.05 26.90 -10.62
CA PHE A 338 -14.45 27.34 -10.60
C PHE A 338 -14.54 28.71 -9.96
N ASP A 339 -15.24 29.64 -10.61
CA ASP A 339 -15.53 30.93 -10.00
C ASP A 339 -16.90 30.82 -9.29
N LEU A 340 -16.90 30.72 -7.94
CA LEU A 340 -18.13 30.60 -7.17
C LEU A 340 -18.90 31.91 -7.19
N ASN A 341 -18.13 33.02 -7.28
CA ASN A 341 -18.56 34.43 -7.40
C ASN A 341 -17.33 35.24 -7.85
N PRO A 342 -17.40 36.58 -8.13
CA PRO A 342 -16.19 37.31 -8.55
C PRO A 342 -15.00 37.33 -7.58
N ASP A 343 -15.24 37.15 -6.25
CA ASP A 343 -14.21 37.13 -5.18
C ASP A 343 -13.77 35.73 -4.71
N THR A 344 -14.58 34.68 -4.95
CA THR A 344 -14.25 33.32 -4.53
C THR A 344 -14.02 32.35 -5.69
N MET A 345 -12.93 31.59 -5.57
CA MET A 345 -12.52 30.59 -6.53
C MET A 345 -12.11 29.29 -5.86
N LEU A 346 -12.65 28.17 -6.37
CA LEU A 346 -12.34 26.83 -5.91
C LEU A 346 -11.54 26.13 -6.99
N THR A 347 -10.49 25.41 -6.58
CA THR A 347 -9.60 24.66 -7.46
C THR A 347 -9.50 23.18 -6.99
N VAL A 348 -9.61 22.24 -7.93
CA VAL A 348 -9.39 20.81 -7.69
C VAL A 348 -8.44 20.33 -8.77
N GLY A 349 -7.39 19.67 -8.36
CA GLY A 349 -6.39 19.17 -9.28
C GLY A 349 -5.73 17.90 -8.79
N ALA A 350 -5.04 17.22 -9.72
CA ALA A 350 -4.32 16.00 -9.43
C ALA A 350 -3.23 15.79 -10.45
N ASP A 351 -2.13 15.20 -10.01
CA ASP A 351 -1.00 14.90 -10.87
C ASP A 351 -0.38 13.54 -10.50
N TYR A 352 0.13 12.85 -11.53
CA TYR A 352 0.71 11.53 -11.44
C TYR A 352 2.04 11.51 -12.17
N GLN A 353 2.99 10.70 -11.69
CA GLN A 353 4.29 10.48 -12.31
C GLN A 353 4.90 9.16 -11.89
N ASP A 354 5.29 8.38 -12.87
CA ASP A 354 5.94 7.10 -12.63
C ASP A 354 7.24 7.07 -13.41
N ASN A 355 8.30 6.64 -12.76
CA ASN A 355 9.67 6.54 -13.28
C ASN A 355 10.06 5.09 -13.12
N ASP A 356 10.17 4.36 -14.24
CA ASP A 356 10.47 2.93 -14.24
C ASP A 356 11.73 2.57 -15.04
N PRO A 357 12.91 2.47 -14.36
CA PRO A 357 14.14 2.06 -15.06
C PRO A 357 14.42 0.55 -14.96
N LYS A 358 15.23 0.07 -15.89
CA LYS A 358 15.72 -1.29 -15.89
C LYS A 358 17.23 -1.17 -16.12
N GLY A 359 18.04 -1.85 -15.32
CA GLY A 359 19.48 -1.80 -15.46
C GLY A 359 20.12 -0.75 -14.58
N SER A 360 19.36 -0.23 -13.57
CA SER A 360 19.83 0.76 -12.59
C SER A 360 21.14 0.34 -11.88
N GLY A 361 22.11 1.24 -11.88
CA GLY A 361 23.40 1.05 -11.20
C GLY A 361 23.20 1.20 -9.70
N TRP A 362 24.21 0.95 -8.89
CA TRP A 362 24.00 1.09 -7.45
C TRP A 362 24.94 1.99 -6.67
N SER A 363 26.20 1.61 -6.52
CA SER A 363 27.09 2.49 -5.75
C SER A 363 27.60 3.67 -6.62
N GLY A 364 28.17 3.38 -7.76
CA GLY A 364 28.50 4.37 -8.78
C GLY A 364 28.01 3.77 -10.08
N SER A 365 28.92 3.61 -11.02
CA SER A 365 28.73 2.90 -12.30
C SER A 365 29.81 1.82 -12.36
N PHE A 366 30.91 2.01 -11.61
CA PHE A 366 32.00 1.05 -11.57
C PHE A 366 32.83 1.19 -10.30
N PRO A 367 33.56 0.13 -9.84
CA PRO A 367 34.43 0.29 -8.66
C PRO A 367 35.68 1.12 -9.00
N LEU A 368 36.12 1.95 -8.07
CA LEU A 368 37.33 2.74 -8.26
C LEU A 368 38.59 1.88 -8.40
N PHE A 369 38.68 0.80 -7.62
CA PHE A 369 39.84 -0.08 -7.64
C PHE A 369 39.51 -1.55 -7.83
N ASP A 370 40.47 -2.30 -8.38
CA ASP A 370 40.37 -3.74 -8.57
C ASP A 370 40.78 -4.47 -7.30
N SER A 371 40.63 -5.78 -7.26
CA SER A 371 40.96 -6.53 -6.05
C SER A 371 42.41 -6.25 -5.50
N GLN A 372 43.38 -5.90 -6.37
CA GLN A 372 44.78 -5.63 -6.01
C GLN A 372 45.03 -4.19 -5.51
N GLY A 373 44.07 -3.31 -5.73
CA GLY A 373 44.21 -1.93 -5.29
C GLY A 373 44.62 -1.00 -6.40
N ASN A 374 44.67 -1.52 -7.65
CA ASN A 374 44.98 -0.72 -8.84
C ASN A 374 43.69 -0.05 -9.32
N ARG A 375 43.80 1.21 -9.82
CA ARG A 375 42.65 1.99 -10.30
C ARG A 375 42.11 1.34 -11.55
N ASN A 376 40.77 1.26 -11.62
CA ASN A 376 40.06 0.66 -12.77
C ASN A 376 40.01 1.60 -13.97
N ASP A 377 40.01 1.03 -15.17
CA ASP A 377 39.90 1.81 -16.39
C ASP A 377 38.71 1.28 -17.20
N VAL A 378 37.51 1.86 -17.00
CA VAL A 378 36.35 1.36 -17.74
C VAL A 378 35.80 2.44 -18.67
N SER A 379 35.21 2.01 -19.79
CA SER A 379 34.61 2.88 -20.79
C SER A 379 33.33 3.55 -20.29
N ARG A 380 32.99 4.71 -20.84
CA ARG A 380 31.81 5.44 -20.41
C ARG A 380 30.49 4.64 -20.53
N SER A 381 30.47 3.57 -21.35
CA SER A 381 29.29 2.73 -21.53
C SER A 381 29.10 1.69 -20.40
N PHE A 382 30.15 1.48 -19.55
CA PHE A 382 30.08 0.53 -18.44
C PHE A 382 28.94 0.83 -17.44
N ASN A 383 28.13 -0.20 -17.17
CA ASN A 383 27.05 -0.14 -16.19
C ASN A 383 27.13 -1.36 -15.27
N ASN A 384 27.35 -1.12 -13.97
CA ASN A 384 27.45 -2.20 -12.98
C ASN A 384 26.17 -2.96 -12.63
N GLY A 385 25.05 -2.29 -12.82
CA GLY A 385 23.73 -2.82 -12.49
C GLY A 385 23.34 -4.03 -13.30
N ALA A 386 22.67 -5.00 -12.68
CA ALA A 386 22.10 -6.20 -13.32
C ALA A 386 20.91 -5.71 -14.19
N LYS A 387 20.54 -6.46 -15.29
CA LYS A 387 19.46 -6.08 -16.24
C LYS A 387 18.12 -5.78 -15.53
N TRP A 388 17.79 -6.60 -14.53
CA TRP A 388 16.57 -6.52 -13.75
C TRP A 388 16.60 -5.47 -12.63
N SER A 389 17.79 -4.90 -12.29
CA SER A 389 17.98 -3.91 -11.23
C SER A 389 17.15 -2.69 -11.56
N SER A 390 16.39 -2.19 -10.59
CA SER A 390 15.46 -1.09 -10.80
C SER A 390 15.24 -0.24 -9.55
N TRP A 391 15.37 1.06 -9.69
CA TRP A 391 14.97 1.92 -8.60
C TRP A 391 13.77 2.63 -9.21
N GLU A 392 12.60 2.05 -8.97
CA GLU A 392 11.32 2.57 -9.48
C GLU A 392 10.77 3.62 -8.48
N GLN A 393 10.51 4.86 -8.96
CA GLN A 393 10.02 5.98 -8.13
C GLN A 393 8.71 6.54 -8.66
N TYR A 394 7.72 6.73 -7.78
CA TYR A 394 6.41 7.28 -8.17
C TYR A 394 5.94 8.38 -7.23
N THR A 395 5.06 9.25 -7.75
CA THR A 395 4.43 10.38 -7.05
C THR A 395 3.01 10.59 -7.56
N ARG A 396 2.13 11.05 -6.67
CA ARG A 396 0.75 11.45 -6.97
C ARG A 396 0.39 12.53 -5.96
N THR A 397 -0.37 13.52 -6.41
CA THR A 397 -0.85 14.60 -5.57
C THR A 397 -2.33 14.84 -5.89
N VAL A 398 -3.12 15.12 -4.87
CA VAL A 398 -4.52 15.50 -5.06
C VAL A 398 -4.64 16.76 -4.25
N PHE A 399 -4.94 17.86 -4.91
CA PHE A 399 -5.04 19.12 -4.21
C PHE A 399 -6.37 19.85 -4.46
N ALA A 400 -6.76 20.68 -3.50
CA ALA A 400 -7.93 21.51 -3.57
C ALA A 400 -7.57 22.86 -2.96
N ASN A 401 -7.90 23.95 -3.62
CA ASN A 401 -7.58 25.29 -3.13
C ASN A 401 -8.78 26.21 -3.10
N LEU A 402 -8.86 27.05 -2.08
CA LEU A 402 -9.93 28.03 -1.97
C LEU A 402 -9.32 29.42 -1.79
N GLU A 403 -9.69 30.36 -2.66
CA GLU A 403 -9.17 31.73 -2.59
C GLU A 403 -10.30 32.78 -2.53
N HIS A 404 -10.18 33.73 -1.59
CA HIS A 404 -11.15 34.78 -1.37
C HIS A 404 -10.53 36.15 -1.35
N ASN A 405 -11.22 37.14 -1.95
CA ASN A 405 -10.81 38.54 -1.97
C ASN A 405 -11.72 39.32 -1.05
N PHE A 406 -11.18 39.82 0.04
CA PHE A 406 -11.92 40.59 1.03
C PHE A 406 -11.93 42.06 0.62
N ALA A 407 -12.99 42.81 1.06
CA ALA A 407 -13.25 44.23 0.78
C ALA A 407 -12.09 45.20 1.09
N ASN A 408 -11.23 44.84 2.06
CA ASN A 408 -10.09 45.65 2.54
C ASN A 408 -8.79 45.44 1.73
N GLY A 409 -8.87 44.82 0.55
CA GLY A 409 -7.69 44.53 -0.27
C GLY A 409 -6.90 43.28 0.11
N TRP A 410 -7.33 42.62 1.20
CA TRP A 410 -6.78 41.39 1.75
C TRP A 410 -7.29 40.21 1.01
N VAL A 411 -6.47 39.16 0.92
CA VAL A 411 -6.88 37.93 0.24
C VAL A 411 -6.50 36.74 1.08
N GLY A 412 -7.45 35.84 1.29
CA GLY A 412 -7.27 34.61 2.06
C GLY A 412 -7.13 33.38 1.17
N LYS A 413 -6.26 32.41 1.56
CA LYS A 413 -6.10 31.20 0.77
C LYS A 413 -6.08 29.95 1.63
N VAL A 414 -6.81 28.90 1.19
CA VAL A 414 -6.87 27.57 1.81
C VAL A 414 -6.39 26.53 0.80
N GLN A 415 -5.36 25.74 1.19
CA GLN A 415 -4.73 24.68 0.40
C GLN A 415 -4.67 23.30 1.12
N LEU A 416 -5.46 22.33 0.62
CA LEU A 416 -5.50 20.92 1.07
C LEU A 416 -4.81 20.01 0.07
N ASP A 417 -3.83 19.24 0.55
CA ASP A 417 -3.05 18.31 -0.26
C ASP A 417 -2.91 16.93 0.34
N HIS A 418 -3.02 15.91 -0.51
CA HIS A 418 -2.80 14.50 -0.21
C HIS A 418 -1.73 13.99 -1.17
N LYS A 419 -0.49 13.77 -0.67
CA LYS A 419 0.64 13.33 -1.50
C LYS A 419 1.11 11.92 -1.21
N ILE A 420 1.69 11.28 -2.24
CA ILE A 420 2.28 9.93 -2.21
C ILE A 420 3.61 10.02 -2.90
N ASN A 421 4.63 9.43 -2.29
CA ASN A 421 6.01 9.47 -2.77
C ASN A 421 6.60 8.15 -2.34
N GLY A 422 6.60 7.20 -3.25
CA GLY A 422 7.13 5.86 -3.00
C GLY A 422 8.24 5.43 -3.92
N TYR A 423 8.64 4.16 -3.76
CA TYR A 423 9.73 3.49 -4.49
C TYR A 423 9.65 1.98 -4.33
N HIS A 424 9.99 1.23 -5.39
CA HIS A 424 10.04 -0.24 -5.44
C HIS A 424 11.38 -0.57 -6.10
N ALA A 425 12.43 -0.76 -5.27
CA ALA A 425 13.81 -0.89 -5.69
C ALA A 425 14.45 -2.27 -5.48
N PRO A 426 14.18 -3.29 -6.37
CA PRO A 426 14.93 -4.56 -6.26
C PRO A 426 16.30 -4.35 -6.96
N LEU A 427 17.31 -3.89 -6.21
CA LEU A 427 18.65 -3.56 -6.72
C LEU A 427 19.62 -4.75 -6.76
N GLY A 428 20.57 -4.68 -7.68
CA GLY A 428 21.62 -5.69 -7.87
C GLY A 428 22.69 -5.16 -8.80
N ALA A 429 23.96 -5.15 -8.34
CA ALA A 429 25.08 -4.59 -9.11
C ALA A 429 26.44 -5.11 -8.68
N ILE A 430 27.45 -5.10 -9.61
CA ILE A 430 28.84 -5.47 -9.30
C ILE A 430 29.27 -4.49 -8.21
N MET A 431 29.68 -5.03 -7.06
CA MET A 431 30.05 -4.15 -5.96
C MET A 431 31.19 -4.72 -5.11
N GLY A 432 32.17 -3.86 -4.83
CA GLY A 432 33.36 -4.20 -4.07
C GLY A 432 34.61 -4.03 -4.88
N ASP A 433 35.77 -4.44 -4.33
CA ASP A 433 37.06 -4.34 -5.01
C ASP A 433 37.14 -5.39 -6.15
N TRP A 434 36.55 -5.03 -7.31
CA TRP A 434 36.46 -5.89 -8.50
C TRP A 434 36.96 -5.16 -9.75
N PRO A 435 37.53 -5.86 -10.75
CA PRO A 435 37.62 -7.33 -10.91
C PRO A 435 38.72 -8.01 -10.10
N ALA A 436 38.68 -9.34 -10.08
CA ALA A 436 39.69 -10.17 -9.47
C ALA A 436 40.69 -10.50 -10.63
N PRO A 437 41.91 -11.04 -10.37
CA PRO A 437 42.87 -11.29 -11.45
C PRO A 437 42.36 -12.11 -12.65
N ASP A 438 41.43 -13.05 -12.42
CA ASP A 438 40.81 -13.89 -13.46
C ASP A 438 39.57 -13.20 -14.06
N ASN A 439 39.52 -11.84 -13.99
CA ASN A 439 38.44 -11.01 -14.50
C ASN A 439 37.04 -11.47 -13.98
N SER A 440 37.01 -11.79 -12.67
CA SER A 440 35.81 -12.20 -11.92
C SER A 440 35.31 -11.03 -11.10
N ALA A 441 34.02 -11.06 -10.75
CA ALA A 441 33.39 -10.05 -9.93
C ALA A 441 32.27 -10.68 -9.08
N LYS A 442 31.78 -9.93 -8.06
CA LYS A 442 30.67 -10.31 -7.20
C LYS A 442 29.59 -9.25 -7.23
N ILE A 443 28.34 -9.69 -7.16
CA ILE A 443 27.11 -8.89 -7.19
C ILE A 443 26.55 -8.73 -5.78
N VAL A 444 26.11 -7.53 -5.46
CA VAL A 444 25.46 -7.24 -4.20
C VAL A 444 24.03 -6.87 -4.62
N ALA A 445 23.02 -7.54 -4.00
CA ALA A 445 21.59 -7.34 -4.28
C ALA A 445 20.79 -7.14 -2.98
N GLN A 446 20.04 -6.02 -2.89
CA GLN A 446 19.17 -5.67 -1.77
C GLN A 446 17.93 -4.99 -2.33
N LYS A 447 16.79 -5.24 -1.69
CA LYS A 447 15.50 -4.70 -2.09
C LYS A 447 14.92 -3.78 -1.02
N TYR A 448 14.54 -2.58 -1.43
CA TYR A 448 13.95 -1.55 -0.56
C TYR A 448 12.62 -1.20 -1.16
N THR A 449 11.57 -1.18 -0.36
CA THR A 449 10.21 -0.80 -0.80
C THR A 449 9.58 0.06 0.27
N GLY A 450 9.28 1.29 -0.09
CA GLY A 450 8.68 2.25 0.82
C GLY A 450 7.75 3.25 0.18
N GLU A 451 6.89 3.83 1.00
CA GLU A 451 5.90 4.81 0.59
C GLU A 451 5.63 5.79 1.72
N THR A 452 5.49 7.08 1.37
CA THR A 452 5.16 8.15 2.32
C THR A 452 3.86 8.81 1.89
N LYS A 453 2.79 8.70 2.73
CA LYS A 453 1.49 9.32 2.48
C LYS A 453 1.44 10.62 3.32
N SER A 454 1.17 11.78 2.69
CA SER A 454 1.11 13.07 3.42
C SER A 454 -0.21 13.78 3.24
N ASN A 455 -0.72 14.35 4.32
CA ASN A 455 -1.94 15.15 4.35
C ASN A 455 -1.61 16.50 4.95
N SER A 456 -1.63 17.55 4.12
CA SER A 456 -1.29 18.88 4.58
C SER A 456 -2.45 19.87 4.43
N LEU A 457 -2.53 20.84 5.33
CA LEU A 457 -3.53 21.92 5.33
C LEU A 457 -2.79 23.23 5.59
N ASP A 458 -3.01 24.21 4.71
CA ASP A 458 -2.34 25.48 4.77
C ASP A 458 -3.28 26.65 4.48
N ILE A 459 -3.60 27.43 5.51
CA ILE A 459 -4.42 28.64 5.50
C ILE A 459 -3.50 29.87 5.71
N TYR A 460 -3.64 30.95 4.90
CA TYR A 460 -2.85 32.19 5.07
C TYR A 460 -3.59 33.44 4.59
N LEU A 461 -3.33 34.56 5.27
CA LEU A 461 -3.87 35.90 4.99
C LEU A 461 -2.77 36.92 4.69
N THR A 462 -2.98 37.66 3.61
CA THR A 462 -2.05 38.68 3.14
C THR A 462 -2.80 40.00 2.81
N GLY A 463 -2.35 41.13 3.34
CA GLY A 463 -3.00 42.41 3.06
C GLY A 463 -2.25 43.68 3.44
N PRO A 464 -2.72 44.86 2.98
CA PRO A 464 -2.07 46.13 3.36
C PRO A 464 -2.51 46.67 4.72
N PHE A 465 -1.64 47.43 5.38
CA PHE A 465 -1.97 48.08 6.66
C PHE A 465 -1.27 49.42 6.74
N GLN A 466 -1.95 50.41 7.33
CA GLN A 466 -1.40 51.74 7.49
C GLN A 466 -0.84 51.88 8.91
N PHE A 467 0.28 52.60 9.04
CA PHE A 467 0.93 52.90 10.32
C PHE A 467 1.82 54.13 10.15
N LEU A 468 1.44 55.23 10.82
CA LEU A 468 2.09 56.54 10.77
C LEU A 468 2.11 57.10 9.34
N GLY A 469 0.92 57.09 8.72
CA GLY A 469 0.65 57.57 7.36
C GLY A 469 1.34 56.87 6.20
N ARG A 470 1.69 55.56 6.35
CA ARG A 470 2.44 54.81 5.35
C ARG A 470 1.85 53.42 5.14
N GLU A 471 1.93 52.89 3.86
CA GLU A 471 1.35 51.58 3.53
C GLU A 471 2.33 50.44 3.60
N HIS A 472 2.04 49.48 4.47
CA HIS A 472 2.88 48.31 4.71
C HIS A 472 2.05 47.06 4.31
N GLU A 473 2.68 45.87 4.32
CA GLU A 473 1.97 44.61 4.04
C GLU A 473 2.29 43.55 5.10
N LEU A 474 1.34 42.66 5.35
CA LEU A 474 1.47 41.62 6.35
C LEU A 474 1.03 40.29 5.84
N VAL A 475 1.69 39.21 6.34
CA VAL A 475 1.36 37.81 6.08
C VAL A 475 1.24 37.12 7.41
N VAL A 476 0.13 36.43 7.60
CA VAL A 476 -0.15 35.65 8.79
C VAL A 476 -0.66 34.28 8.29
N GLY A 477 -0.09 33.20 8.80
CA GLY A 477 -0.48 31.88 8.35
C GLY A 477 -0.31 30.78 9.37
N THR A 478 -0.93 29.65 9.06
CA THR A 478 -0.87 28.47 9.88
C THR A 478 -0.77 27.27 8.93
N SER A 479 -0.08 26.22 9.35
CA SER A 479 0.08 25.02 8.55
C SER A 479 0.10 23.78 9.43
N ALA A 480 -0.44 22.66 8.94
CA ALA A 480 -0.44 21.37 9.64
C ALA A 480 -0.17 20.25 8.64
N SER A 481 0.74 19.34 9.00
CA SER A 481 1.14 18.23 8.13
C SER A 481 1.18 16.94 8.91
N PHE A 482 0.67 15.87 8.31
CA PHE A 482 0.61 14.52 8.90
C PHE A 482 1.08 13.60 7.82
N SER A 483 2.26 13.04 8.04
CA SER A 483 3.04 12.19 7.13
C SER A 483 3.21 10.81 7.74
N HIS A 484 3.13 9.76 6.90
CA HIS A 484 3.30 8.38 7.34
C HIS A 484 4.24 7.64 6.36
N TRP A 485 5.38 7.14 6.88
CA TRP A 485 6.39 6.44 6.09
C TRP A 485 6.50 4.99 6.46
N GLU A 486 6.09 4.15 5.55
CA GLU A 486 6.21 2.72 5.71
C GLU A 486 7.26 2.22 4.72
N GLY A 487 8.08 1.28 5.15
CA GLY A 487 9.15 0.72 4.33
C GLY A 487 9.65 -0.62 4.82
N LYS A 488 10.07 -1.49 3.91
CA LYS A 488 10.62 -2.81 4.21
C LYS A 488 11.97 -2.84 3.54
N SER A 489 12.92 -3.57 4.13
CA SER A 489 14.27 -3.68 3.56
C SER A 489 14.68 -5.16 3.59
N TYR A 490 15.10 -5.73 2.41
CA TYR A 490 15.45 -7.15 2.26
C TYR A 490 16.93 -7.35 1.95
N TRP A 491 17.69 -8.01 2.86
CA TRP A 491 19.13 -8.27 2.65
C TRP A 491 19.56 -9.69 3.04
N ASN A 492 18.58 -10.56 3.42
CA ASN A 492 18.87 -11.95 3.76
C ASN A 492 18.26 -12.80 2.64
N LEU A 493 19.01 -12.91 1.53
CA LEU A 493 18.61 -13.60 0.30
C LEU A 493 18.73 -15.12 0.43
N ARG A 494 17.79 -15.84 -0.20
CA ARG A 494 17.76 -17.28 -0.17
C ARG A 494 18.59 -17.91 -1.27
N ASN A 495 19.59 -18.72 -0.91
CA ASN A 495 20.32 -19.54 -1.88
C ASN A 495 20.76 -18.83 -3.16
N TYR A 496 21.43 -17.70 -3.04
CA TYR A 496 21.78 -16.93 -4.23
C TYR A 496 23.26 -16.98 -4.62
N ASP A 497 23.55 -17.30 -5.91
CA ASP A 497 24.91 -17.31 -6.45
C ASP A 497 25.14 -15.94 -7.08
N ASN A 498 25.94 -15.11 -6.40
CA ASN A 498 26.21 -13.73 -6.79
C ASN A 498 27.54 -13.53 -7.52
N THR A 499 28.08 -14.55 -8.18
CA THR A 499 29.33 -14.40 -8.91
C THR A 499 29.15 -14.34 -10.42
N THR A 500 29.99 -13.56 -11.08
CA THR A 500 29.99 -13.44 -12.53
C THR A 500 31.42 -13.66 -13.04
N ASP A 501 31.57 -14.55 -14.02
CA ASP A 501 32.88 -14.83 -14.61
C ASP A 501 33.53 -13.69 -15.37
N ASP A 502 32.72 -12.90 -16.09
CA ASP A 502 33.26 -11.80 -16.90
C ASP A 502 32.89 -10.41 -16.38
N PHE A 503 33.90 -9.60 -16.08
CA PHE A 503 33.70 -8.23 -15.60
C PHE A 503 33.81 -7.16 -16.68
N ILE A 504 34.85 -7.27 -17.50
CA ILE A 504 35.10 -6.34 -18.59
C ILE A 504 33.97 -6.32 -19.59
N ASN A 505 33.41 -7.49 -19.87
CA ASN A 505 32.32 -7.62 -20.83
C ASN A 505 30.94 -7.85 -20.18
N TRP A 506 30.83 -7.31 -18.97
CA TRP A 506 29.62 -7.44 -18.19
C TRP A 506 28.49 -6.84 -18.99
N ASP A 507 27.46 -7.65 -19.11
CA ASP A 507 26.24 -7.36 -19.84
C ASP A 507 25.06 -7.06 -18.93
N GLY A 508 25.16 -7.43 -17.66
CA GLY A 508 24.07 -7.27 -16.69
C GLY A 508 23.32 -8.56 -16.50
N ASP A 509 23.87 -9.62 -17.07
CA ASP A 509 23.29 -10.94 -17.08
C ASP A 509 23.57 -11.84 -15.86
N ILE A 510 22.74 -11.67 -14.84
CA ILE A 510 22.74 -12.47 -13.61
C ILE A 510 21.26 -12.62 -13.21
N GLY A 511 20.92 -13.76 -12.63
CA GLY A 511 19.56 -14.06 -12.17
C GLY A 511 19.16 -13.23 -10.97
N LYS A 512 17.83 -13.07 -10.77
CA LYS A 512 17.26 -12.28 -9.68
C LYS A 512 17.18 -13.16 -8.42
N PRO A 513 17.53 -12.66 -7.20
CA PRO A 513 17.46 -13.53 -6.01
C PRO A 513 16.06 -13.70 -5.37
N ASP A 514 15.90 -14.73 -4.49
CA ASP A 514 14.70 -14.89 -3.67
C ASP A 514 15.03 -14.01 -2.47
N TRP A 515 14.45 -12.80 -2.44
CA TRP A 515 14.69 -11.72 -1.46
C TRP A 515 14.48 -12.12 -0.02
N GLY A 516 13.80 -13.25 0.15
CA GLY A 516 13.43 -13.76 1.45
C GLY A 516 12.36 -12.89 2.07
N THR A 517 12.52 -12.65 3.37
CA THR A 517 11.59 -11.90 4.22
C THR A 517 12.22 -10.55 4.68
N PRO A 518 11.42 -9.50 5.03
CA PRO A 518 12.03 -8.22 5.43
C PRO A 518 12.99 -8.35 6.61
N SER A 519 14.18 -7.77 6.43
CA SER A 519 15.32 -7.73 7.35
C SER A 519 15.25 -6.50 8.27
N GLN A 520 14.38 -5.53 7.91
CA GLN A 520 14.16 -4.25 8.61
C GLN A 520 12.85 -3.63 8.14
N TYR A 521 12.14 -2.96 9.04
CA TYR A 521 10.88 -2.29 8.78
C TYR A 521 10.95 -0.83 9.26
N ILE A 522 10.28 0.05 8.55
CA ILE A 522 10.14 1.46 8.89
C ILE A 522 8.63 1.70 8.93
N ASP A 523 8.14 2.35 9.99
CA ASP A 523 6.74 2.75 10.18
C ASP A 523 6.81 4.01 11.04
N ASP A 524 6.98 5.18 10.39
CA ASP A 524 7.10 6.46 11.08
C ASP A 524 5.98 7.43 10.76
N LYS A 525 5.36 7.99 11.82
CA LYS A 525 4.28 8.98 11.74
C LYS A 525 4.79 10.35 12.18
N THR A 526 4.75 11.36 11.30
CA THR A 526 5.26 12.70 11.59
C THR A 526 4.11 13.71 11.49
N ARG A 527 4.03 14.60 12.50
CA ARG A 527 3.04 15.64 12.67
C ARG A 527 3.82 16.96 12.85
N GLN A 528 3.77 17.85 11.84
CA GLN A 528 4.42 19.17 11.92
C GLN A 528 3.39 20.29 11.88
N LEU A 529 3.42 21.18 12.88
CA LEU A 529 2.51 22.31 12.99
C LEU A 529 3.30 23.62 12.93
N GLY A 530 2.84 24.54 12.07
CA GLY A 530 3.48 25.83 11.90
C GLY A 530 2.59 27.04 12.03
N SER A 531 3.23 28.17 12.33
CA SER A 531 2.64 29.50 12.45
C SER A 531 3.67 30.52 12.00
N TYR A 532 3.30 31.37 11.04
CA TYR A 532 4.19 32.39 10.53
C TYR A 532 3.49 33.75 10.48
N MET A 533 4.29 34.80 10.55
CA MET A 533 3.86 36.18 10.44
C MET A 533 5.05 36.97 9.91
N THR A 534 4.83 37.78 8.87
CA THR A 534 5.88 38.59 8.23
C THR A 534 5.30 39.97 7.92
N ALA A 535 6.00 41.00 8.34
CA ALA A 535 5.62 42.36 8.05
C ALA A 535 6.70 43.00 7.20
N ARG A 536 6.27 43.73 6.18
CA ARG A 536 7.16 44.47 5.31
C ARG A 536 6.75 45.90 5.49
N PHE A 537 7.56 46.64 6.24
CA PHE A 537 7.29 48.05 6.52
C PHE A 537 7.94 48.93 5.49
N ASN A 538 7.17 49.85 4.92
CA ASN A 538 7.65 50.86 4.00
C ASN A 538 7.99 52.06 4.94
N VAL A 539 9.25 52.02 5.45
CA VAL A 539 9.81 52.97 6.43
C VAL A 539 9.96 54.39 5.86
N THR A 540 10.66 54.54 4.73
CA THR A 540 10.84 55.80 4.00
C THR A 540 10.66 55.42 2.54
N ASP A 541 10.82 56.39 1.65
CA ASP A 541 10.71 56.12 0.23
C ASP A 541 11.82 55.17 -0.20
N ASP A 542 12.99 55.33 0.40
CA ASP A 542 14.16 54.49 0.09
C ASP A 542 14.40 53.25 0.98
N LEU A 543 13.66 53.11 2.08
CA LEU A 543 13.86 51.98 2.98
C LEU A 543 12.63 51.16 3.32
N ASN A 544 12.78 49.82 3.11
CA ASN A 544 11.78 48.79 3.41
C ASN A 544 12.38 47.75 4.34
N LEU A 545 11.76 47.54 5.53
CA LEU A 545 12.19 46.60 6.56
C LEU A 545 11.29 45.35 6.65
N PHE A 546 11.93 44.16 6.71
CA PHE A 546 11.27 42.87 6.82
C PHE A 546 11.51 42.29 8.17
N LEU A 547 10.43 41.99 8.89
CA LEU A 547 10.44 41.37 10.20
C LEU A 547 9.37 40.30 10.23
N GLY A 548 9.77 39.09 10.53
CA GLY A 548 8.87 37.95 10.61
C GLY A 548 9.49 36.76 11.31
N GLY A 549 8.75 35.69 11.39
CA GLY A 549 9.26 34.48 12.03
C GLY A 549 8.29 33.33 11.94
N ARG A 550 8.78 32.14 12.28
CA ARG A 550 7.96 30.93 12.32
C ARG A 550 8.14 30.19 13.64
N VAL A 551 7.04 29.64 14.17
CA VAL A 551 7.05 28.83 15.39
C VAL A 551 6.65 27.45 14.88
N VAL A 552 7.49 26.45 15.20
CA VAL A 552 7.36 25.07 14.70
C VAL A 552 7.23 24.08 15.87
N ASP A 553 6.26 23.15 15.71
CA ASP A 553 5.97 22.02 16.58
C ASP A 553 6.18 20.79 15.68
N TYR A 554 6.97 19.82 16.17
CA TYR A 554 7.39 18.65 15.40
C TYR A 554 7.36 17.40 16.29
N ARG A 555 6.73 16.32 15.81
CA ARG A 555 6.59 15.08 16.58
C ARG A 555 6.65 13.88 15.66
N VAL A 556 7.52 12.90 15.97
CA VAL A 556 7.67 11.67 15.19
C VAL A 556 7.41 10.45 16.05
N THR A 557 6.45 9.62 15.67
CA THR A 557 6.15 8.38 16.39
C THR A 557 6.46 7.18 15.46
N GLY A 558 6.74 6.03 16.04
CA GLY A 558 7.06 4.85 15.24
C GLY A 558 7.61 3.68 16.02
N LEU A 559 8.44 2.86 15.36
CA LEU A 559 9.07 1.68 15.97
C LEU A 559 10.20 2.06 16.92
N ASN A 560 10.83 3.22 16.65
CA ASN A 560 11.92 3.82 17.44
C ASN A 560 11.31 4.75 18.51
N PRO A 561 12.06 5.36 19.47
CA PRO A 561 11.40 6.21 20.48
C PRO A 561 10.88 7.53 19.92
N THR A 562 9.76 8.01 20.48
CA THR A 562 9.07 9.25 20.09
C THR A 562 9.98 10.48 20.23
N ILE A 563 10.03 11.30 19.15
CA ILE A 563 10.78 12.56 19.07
C ILE A 563 9.74 13.67 19.24
N ARG A 564 9.98 14.59 20.18
CA ARG A 564 9.05 15.69 20.47
C ARG A 564 9.84 16.97 20.48
N GLU A 565 9.42 17.93 19.65
CA GLU A 565 10.04 19.25 19.57
C GLU A 565 8.97 20.31 19.54
N SER A 566 8.86 21.13 20.60
CA SER A 566 7.85 22.19 20.64
C SER A 566 8.47 23.57 20.67
N GLY A 567 7.71 24.56 20.18
CA GLY A 567 8.06 25.97 20.16
C GLY A 567 9.44 26.28 19.59
N ARG A 568 9.67 25.80 18.37
CA ARG A 568 10.93 26.07 17.72
C ARG A 568 10.77 27.30 16.86
N PHE A 569 11.46 28.35 17.28
CA PHE A 569 11.47 29.65 16.61
C PHE A 569 12.47 29.67 15.43
N ILE A 570 12.09 30.33 14.31
CA ILE A 570 12.87 30.58 13.08
C ILE A 570 12.71 32.10 12.78
N PRO A 571 13.77 32.92 12.99
CA PRO A 571 13.63 34.38 12.76
C PRO A 571 13.76 34.79 11.31
N TYR A 572 13.29 36.00 10.97
CA TYR A 572 13.40 36.59 9.63
C TYR A 572 13.59 38.12 9.73
N VAL A 573 14.78 38.59 9.38
CA VAL A 573 15.13 40.02 9.43
C VAL A 573 15.73 40.35 8.07
N GLY A 574 15.18 41.36 7.42
CA GLY A 574 15.63 41.80 6.11
C GLY A 574 15.42 43.29 5.95
N ALA A 575 16.17 43.89 5.02
CA ALA A 575 16.07 45.32 4.68
C ALA A 575 16.55 45.54 3.25
N VAL A 576 15.99 46.57 2.57
CA VAL A 576 16.32 46.94 1.19
C VAL A 576 16.37 48.47 1.13
N TYR A 577 17.51 49.03 0.69
CA TYR A 577 17.70 50.47 0.55
C TYR A 577 18.01 50.88 -0.90
N ASP A 578 17.14 51.72 -1.48
CA ASP A 578 17.21 52.24 -2.84
C ASP A 578 18.31 53.29 -2.98
N LEU A 579 19.38 52.93 -3.66
CA LEU A 579 20.47 53.84 -3.95
C LEU A 579 20.05 54.88 -4.97
N ASN A 580 19.33 54.40 -5.98
CA ASN A 580 18.83 55.20 -7.10
C ASN A 580 17.77 54.40 -7.85
N ASP A 581 17.42 54.85 -9.06
CA ASP A 581 16.42 54.18 -9.86
C ASP A 581 16.77 52.74 -10.25
N THR A 582 18.06 52.51 -10.50
CA THR A 582 18.56 51.19 -10.90
C THR A 582 18.92 50.28 -9.73
N TYR A 583 19.76 50.76 -8.78
CA TYR A 583 20.31 49.94 -7.72
C TYR A 583 19.69 50.08 -6.37
N SER A 584 19.64 48.92 -5.65
CA SER A 584 19.19 48.77 -4.27
C SER A 584 20.14 47.84 -3.54
N VAL A 585 20.52 48.21 -2.31
CA VAL A 585 21.38 47.36 -1.49
C VAL A 585 20.49 46.63 -0.48
N TYR A 586 20.81 45.34 -0.18
CA TYR A 586 20.05 44.56 0.80
C TYR A 586 20.95 43.87 1.82
N ALA A 587 20.33 43.37 2.88
CA ALA A 587 20.94 42.66 3.99
C ALA A 587 19.86 41.81 4.61
N SER A 588 20.20 40.55 4.96
CA SER A 588 19.26 39.61 5.58
C SER A 588 19.89 38.68 6.63
N TYR A 589 19.08 38.29 7.62
CA TYR A 589 19.37 37.32 8.67
C TYR A 589 18.18 36.36 8.68
N THR A 590 18.46 35.14 8.20
CA THR A 590 17.51 34.05 8.03
C THR A 590 18.07 32.79 8.69
N ASP A 591 17.17 31.85 8.99
CA ASP A 591 17.49 30.60 9.70
C ASP A 591 16.60 29.39 9.32
N ILE A 592 17.09 28.20 9.65
CA ILE A 592 16.42 26.91 9.41
C ILE A 592 17.08 25.83 10.29
N PHE A 593 16.28 24.82 10.70
CA PHE A 593 16.71 23.66 11.47
C PHE A 593 16.11 22.41 10.87
N MET A 594 16.68 21.27 11.22
CA MET A 594 16.20 19.97 10.78
C MET A 594 16.25 19.06 11.99
N PRO A 595 15.10 18.55 12.46
CA PRO A 595 15.13 17.59 13.56
C PRO A 595 15.94 16.39 13.07
N GLN A 596 16.92 15.98 13.86
CA GLN A 596 17.81 14.87 13.51
C GLN A 596 17.05 13.51 13.64
N ASP A 597 17.70 12.45 13.16
CA ASP A 597 17.20 11.07 13.20
C ASP A 597 17.28 10.46 14.60
N SER A 598 16.56 9.37 14.83
CA SER A 598 16.62 8.74 16.12
C SER A 598 17.97 8.02 16.22
N TRP A 599 18.69 7.93 15.10
CA TRP A 599 19.98 7.25 15.05
C TRP A 599 21.09 8.20 15.53
N TYR A 600 20.91 9.52 15.32
CA TYR A 600 21.84 10.59 15.70
C TYR A 600 21.63 11.03 17.15
N ARG A 601 22.14 10.24 18.11
CA ARG A 601 22.06 10.51 19.56
C ARG A 601 23.47 10.50 20.12
N ASP A 602 23.68 11.18 21.23
CA ASP A 602 24.97 11.26 21.90
C ASP A 602 25.18 10.07 22.81
N SER A 603 26.29 10.09 23.55
CA SER A 603 26.66 9.02 24.46
C SER A 603 25.61 8.79 25.53
N SER A 604 25.06 9.88 26.04
CA SER A 604 24.05 9.81 27.09
C SER A 604 22.67 9.38 26.55
N ASN A 605 22.65 8.85 25.31
CA ASN A 605 21.48 8.38 24.53
C ASN A 605 20.49 9.51 24.23
N LYS A 606 20.78 10.75 24.66
CA LYS A 606 19.91 11.89 24.36
C LYS A 606 20.12 12.25 22.90
N LEU A 607 19.02 12.58 22.20
CA LEU A 607 19.12 12.96 20.79
C LEU A 607 19.91 14.24 20.64
N LEU A 608 20.55 14.43 19.48
CA LEU A 608 21.32 15.63 19.25
C LEU A 608 20.36 16.77 18.95
N GLU A 609 20.75 18.01 19.35
CA GLU A 609 19.98 19.23 19.07
C GLU A 609 19.85 19.33 17.53
N PRO A 610 18.78 19.94 16.98
CA PRO A 610 18.61 19.93 15.51
C PRO A 610 19.75 20.56 14.75
N ASP A 611 20.09 19.97 13.58
CA ASP A 611 21.11 20.50 12.67
C ASP A 611 20.55 21.82 12.14
N GLU A 612 21.25 22.93 12.38
CA GLU A 612 20.69 24.23 12.01
C GLU A 612 21.73 25.25 11.60
N GLY A 613 21.29 26.32 10.97
CA GLY A 613 22.19 27.38 10.51
C GLY A 613 21.53 28.69 10.18
N GLN A 614 22.36 29.78 10.23
CA GLN A 614 21.96 31.16 9.90
C GLN A 614 22.62 31.71 8.63
N ASN A 615 21.87 32.41 7.82
CA ASN A 615 22.44 32.99 6.61
C ASN A 615 22.54 34.46 6.84
N TYR A 616 23.77 34.98 6.77
CA TYR A 616 24.11 36.40 6.91
C TYR A 616 24.44 36.85 5.51
N GLU A 617 23.61 37.76 4.94
CA GLU A 617 23.80 38.21 3.55
C GLU A 617 23.75 39.69 3.34
N ILE A 618 24.71 40.20 2.57
CA ILE A 618 24.81 41.60 2.15
C ILE A 618 24.90 41.56 0.63
N GLY A 619 24.26 42.49 -0.04
CA GLY A 619 24.26 42.49 -1.50
C GLY A 619 23.73 43.74 -2.14
N ILE A 620 23.88 43.78 -3.46
CA ILE A 620 23.39 44.86 -4.30
C ILE A 620 22.65 44.26 -5.50
N LYS A 621 21.52 44.84 -5.85
CA LYS A 621 20.69 44.39 -6.98
C LYS A 621 20.37 45.56 -7.92
N GLY A 622 20.40 45.28 -9.22
CA GLY A 622 20.11 46.23 -10.29
C GLY A 622 18.86 45.84 -11.07
N GLU A 623 18.18 46.85 -11.63
CA GLU A 623 16.97 46.70 -12.44
C GLU A 623 17.03 47.68 -13.58
N TYR A 624 17.00 47.13 -14.80
CA TYR A 624 17.09 47.87 -16.05
C TYR A 624 15.90 47.55 -16.90
N LEU A 625 15.69 48.35 -17.95
CA LEU A 625 14.64 48.22 -18.95
C LEU A 625 13.24 47.88 -18.40
N ASP A 626 12.76 48.63 -17.41
CA ASP A 626 11.44 48.36 -16.84
C ASP A 626 11.29 46.95 -16.26
N GLY A 627 12.36 46.45 -15.66
CA GLY A 627 12.39 45.13 -15.04
C GLY A 627 12.65 43.96 -15.96
N ARG A 628 12.85 44.23 -17.28
CA ARG A 628 13.11 43.20 -18.29
C ARG A 628 14.50 42.57 -18.18
N LEU A 629 15.42 43.23 -17.47
CA LEU A 629 16.77 42.75 -17.18
C LEU A 629 17.04 43.02 -15.70
N ASN A 630 17.65 42.02 -15.05
CA ASN A 630 17.98 42.04 -13.62
C ASN A 630 19.41 41.57 -13.37
N THR A 631 20.17 42.32 -12.55
CA THR A 631 21.54 41.97 -12.12
C THR A 631 21.63 41.94 -10.59
N SER A 632 22.55 41.13 -10.04
CA SER A 632 22.77 41.00 -8.61
C SER A 632 24.24 40.61 -8.31
N LEU A 633 24.70 40.99 -7.11
CA LEU A 633 26.01 40.68 -6.54
C LEU A 633 25.79 40.60 -5.04
N ALA A 634 26.16 39.46 -4.42
CA ALA A 634 25.93 39.23 -2.99
C ALA A 634 27.11 38.58 -2.25
N TYR A 635 27.22 38.85 -0.95
CA TYR A 635 28.20 38.21 -0.07
C TYR A 635 27.44 37.47 1.02
N PHE A 636 27.76 36.19 1.20
CA PHE A 636 27.11 35.33 2.18
C PHE A 636 28.04 34.59 3.10
N GLU A 637 27.49 34.19 4.26
CA GLU A 637 28.10 33.39 5.31
C GLU A 637 27.03 32.54 5.93
N ILE A 638 27.26 31.24 6.01
CA ILE A 638 26.29 30.31 6.61
C ILE A 638 26.92 29.75 7.84
N HIS A 639 26.24 29.97 8.95
CA HIS A 639 26.73 29.54 10.25
C HIS A 639 25.98 28.31 10.69
N GLU A 640 26.69 27.18 10.76
CA GLU A 640 26.04 25.94 11.11
C GLU A 640 26.34 25.48 12.50
N GLU A 641 25.30 24.95 13.14
CA GLU A 641 25.31 24.39 14.48
C GLU A 641 24.75 22.96 14.42
N ASN A 642 25.25 22.10 15.33
CA ASN A 642 24.86 20.69 15.56
C ASN A 642 25.00 19.81 14.33
N ARG A 643 26.16 19.90 13.65
CA ARG A 643 26.52 19.07 12.50
C ARG A 643 27.02 17.74 13.11
N ALA A 644 26.20 16.68 12.96
CA ALA A 644 26.53 15.38 13.53
C ALA A 644 27.84 14.82 12.96
N GLU A 645 28.71 14.45 13.88
CA GLU A 645 30.02 13.90 13.59
C GLU A 645 30.15 12.68 14.49
N GLU A 646 30.83 11.64 14.02
CA GLU A 646 30.99 10.44 14.80
C GLU A 646 31.79 10.67 16.07
N ASP A 647 31.33 10.11 17.19
CA ASP A 647 32.05 10.24 18.45
C ASP A 647 32.98 9.03 18.49
N ALA A 648 34.20 9.22 17.98
CA ALA A 648 35.18 8.15 17.89
C ALA A 648 35.61 7.60 19.24
N LEU A 649 35.79 8.48 20.19
CA LEU A 649 36.24 8.13 21.55
C LEU A 649 35.24 7.22 22.26
N TYR A 650 33.96 7.58 22.20
CA TYR A 650 32.89 6.75 22.74
C TYR A 650 32.71 5.47 21.94
N ASN A 651 32.56 5.59 20.62
CA ASN A 651 32.32 4.47 19.71
C ASN A 651 33.38 3.37 19.71
N SER A 652 34.63 3.72 20.04
CA SER A 652 35.71 2.74 20.09
C SER A 652 35.57 1.89 21.35
N LYS A 653 35.12 2.50 22.47
CA LYS A 653 34.92 1.86 23.79
C LYS A 653 33.52 2.24 24.32
N PRO A 654 32.41 1.75 23.69
CA PRO A 654 31.06 2.13 24.16
C PRO A 654 30.74 1.65 25.56
N THR A 655 30.24 2.53 26.44
CA THR A 655 29.95 2.15 27.83
C THR A 655 28.46 2.00 28.14
N ASN A 656 27.60 2.72 27.44
CA ASN A 656 26.15 2.64 27.69
C ASN A 656 25.48 1.57 26.84
N PRO A 657 24.68 0.70 27.47
CA PRO A 657 24.00 -0.35 26.68
C PRO A 657 22.89 0.15 25.76
N ALA A 658 22.29 1.32 26.08
CA ALA A 658 21.19 1.92 25.30
C ALA A 658 21.64 2.52 23.95
N ILE A 659 22.91 2.89 23.88
CA ILE A 659 23.51 3.42 22.67
C ILE A 659 24.79 2.63 22.37
N THR A 660 24.90 2.09 21.18
CA THR A 660 26.09 1.32 20.76
C THR A 660 27.00 2.15 19.80
N TYR A 661 26.39 3.06 19.02
CA TYR A 661 27.04 3.98 18.08
C TYR A 661 26.46 5.39 18.31
N ALA A 662 27.25 6.28 18.89
CA ALA A 662 26.85 7.63 19.26
C ALA A 662 27.49 8.68 18.37
N TYR A 663 26.97 9.93 18.45
CA TYR A 663 27.38 11.12 17.70
C TYR A 663 27.70 12.33 18.61
N LYS A 664 28.36 13.32 18.00
CA LYS A 664 28.90 14.53 18.59
C LYS A 664 28.52 15.67 17.65
N GLY A 665 28.07 16.77 18.21
CA GLY A 665 27.69 17.94 17.44
C GLY A 665 28.85 18.90 17.26
N ILE A 666 29.04 19.36 16.03
CA ILE A 666 30.10 20.32 15.72
C ILE A 666 29.53 21.52 14.92
N LYS A 667 30.34 22.57 14.80
CA LYS A 667 30.00 23.77 14.05
C LYS A 667 30.72 23.70 12.71
N ALA A 668 30.17 24.40 11.68
CA ALA A 668 30.74 24.54 10.32
C ALA A 668 30.42 25.96 9.82
N LYS A 669 31.19 26.48 8.85
CA LYS A 669 30.97 27.84 8.34
C LYS A 669 31.25 27.97 6.85
N THR A 670 30.23 28.37 6.05
CA THR A 670 30.40 28.64 4.60
C THR A 670 30.64 30.16 4.46
N LYS A 671 31.56 30.55 3.58
CA LYS A 671 31.91 31.94 3.26
C LYS A 671 31.99 31.94 1.75
N GLY A 672 31.28 32.86 1.12
CA GLY A 672 31.26 32.94 -0.33
C GLY A 672 30.63 34.19 -0.90
N TYR A 673 30.49 34.21 -2.21
CA TYR A 673 29.88 35.29 -2.97
C TYR A 673 29.27 34.76 -4.26
N GLU A 674 28.32 35.52 -4.82
CA GLU A 674 27.57 35.13 -6.01
C GLU A 674 27.20 36.37 -6.80
N ALA A 675 27.39 36.34 -8.12
CA ALA A 675 27.01 37.40 -9.06
C ALA A 675 26.04 36.78 -10.09
N GLU A 676 24.98 37.50 -10.48
CA GLU A 676 24.01 36.96 -11.45
C GLU A 676 23.41 38.01 -12.37
N ILE A 677 23.12 37.60 -13.61
CA ILE A 677 22.47 38.45 -14.63
C ILE A 677 21.42 37.63 -15.36
N SER A 678 20.20 38.17 -15.51
CA SER A 678 19.14 37.50 -16.27
C SER A 678 18.18 38.48 -16.96
N GLY A 679 17.86 38.14 -18.20
CA GLY A 679 16.93 38.87 -19.05
C GLY A 679 17.55 39.44 -20.30
N GLU A 680 16.81 40.38 -20.92
CA GLU A 680 17.12 41.10 -22.15
C GLU A 680 18.43 41.91 -22.12
N LEU A 681 19.36 41.59 -23.05
CA LEU A 681 20.62 42.33 -23.25
C LEU A 681 20.44 43.37 -24.38
N ALA A 682 19.54 42.99 -25.29
CA ALA A 682 19.13 43.70 -26.49
C ALA A 682 17.67 43.32 -26.76
N PRO A 683 17.07 43.88 -27.81
CA PRO A 683 15.65 43.58 -28.04
C PRO A 683 15.31 42.09 -28.23
N GLY A 684 16.10 41.29 -28.93
CA GLY A 684 15.74 39.87 -29.05
C GLY A 684 16.75 38.91 -28.44
N TRP A 685 17.65 39.46 -27.62
CA TRP A 685 18.75 38.77 -27.00
C TRP A 685 18.53 38.62 -25.52
N GLN A 686 18.53 37.37 -25.05
CA GLN A 686 18.28 37.01 -23.66
C GLN A 686 19.42 36.24 -22.99
N VAL A 687 19.51 36.36 -21.66
CA VAL A 687 20.53 35.65 -20.87
C VAL A 687 20.12 35.23 -19.46
N GLN A 688 20.86 34.26 -18.95
CA GLN A 688 20.79 33.72 -17.60
C GLN A 688 22.25 33.32 -17.36
N ALA A 689 22.94 34.12 -16.57
CA ALA A 689 24.35 33.88 -16.24
C ALA A 689 24.60 34.07 -14.74
N GLY A 690 25.61 33.39 -14.25
CA GLY A 690 25.99 33.41 -12.85
C GLY A 690 27.37 32.86 -12.54
N TYR A 691 27.96 33.38 -11.46
CA TYR A 691 29.25 32.98 -10.91
C TYR A 691 29.10 32.75 -9.42
N THR A 692 29.62 31.62 -8.92
CA THR A 692 29.53 31.35 -7.48
C THR A 692 30.87 30.91 -6.87
N HIS A 693 31.29 31.55 -5.79
CA HIS A 693 32.50 31.12 -5.09
C HIS A 693 32.14 30.64 -3.69
N LYS A 694 32.53 29.43 -3.34
CA LYS A 694 32.23 28.97 -2.01
C LYS A 694 33.25 28.05 -1.34
N ILE A 695 33.44 28.28 -0.05
CA ILE A 695 34.26 27.40 0.78
C ILE A 695 33.54 27.09 2.11
N ILE A 696 33.39 25.81 2.44
CA ILE A 696 32.80 25.40 3.73
C ILE A 696 33.88 24.65 4.53
N ARG A 697 34.14 25.10 5.77
CA ARG A 697 35.13 24.53 6.69
C ARG A 697 34.43 24.18 8.00
N ASP A 698 34.88 23.14 8.69
CA ASP A 698 34.25 22.75 9.95
C ASP A 698 34.88 23.42 11.17
N ASP A 699 34.55 22.93 12.36
CA ASP A 699 35.01 23.51 13.61
C ASP A 699 36.53 23.54 13.72
N SER A 700 37.17 22.46 13.28
CA SER A 700 38.61 22.34 13.27
C SER A 700 39.35 23.30 12.33
N GLY A 701 38.75 23.58 11.17
CA GLY A 701 39.37 24.39 10.13
C GLY A 701 39.50 23.66 8.80
N LYS A 702 39.23 22.34 8.82
CA LYS A 702 39.26 21.44 7.65
C LYS A 702 38.16 21.80 6.61
N LYS A 703 38.50 21.75 5.30
CA LYS A 703 37.49 21.98 4.25
C LYS A 703 36.59 20.74 4.19
N VAL A 704 35.29 20.96 3.93
CA VAL A 704 34.25 19.91 3.85
C VAL A 704 33.42 20.10 2.56
N SER A 705 32.64 19.07 2.12
CA SER A 705 31.83 19.09 0.87
C SER A 705 32.76 19.42 -0.33
N THR A 706 33.96 18.83 -0.34
CA THR A 706 35.05 19.04 -1.26
C THR A 706 34.69 18.66 -2.72
N TRP A 707 33.74 17.73 -2.92
CA TRP A 707 33.22 17.32 -4.24
C TRP A 707 32.41 18.47 -4.88
N GLU A 708 32.02 19.47 -4.11
CA GLU A 708 31.33 20.60 -4.72
C GLU A 708 32.41 21.63 -4.99
N PRO A 709 32.56 22.06 -6.25
CA PRO A 709 33.66 23.00 -6.55
C PRO A 709 33.56 24.35 -5.83
N GLN A 710 34.72 24.92 -5.48
CA GLN A 710 34.81 26.22 -4.81
C GLN A 710 34.34 27.33 -5.73
N ASP A 711 34.57 27.16 -7.05
CA ASP A 711 34.21 28.11 -8.12
C ASP A 711 33.39 27.45 -9.22
N GLN A 712 32.35 28.16 -9.70
CA GLN A 712 31.49 27.68 -10.78
C GLN A 712 30.95 28.85 -11.58
N LEU A 713 30.78 28.65 -12.89
CA LEU A 713 30.34 29.69 -13.84
C LEU A 713 29.32 29.13 -14.84
N SER A 714 28.26 29.90 -15.12
CA SER A 714 27.19 29.47 -16.05
C SER A 714 26.70 30.62 -16.90
N LEU A 715 26.52 30.35 -18.19
CA LEU A 715 26.01 31.32 -19.14
C LEU A 715 25.18 30.60 -20.17
N TYR A 716 23.93 31.04 -20.35
CA TYR A 716 22.97 30.49 -21.33
C TYR A 716 22.29 31.64 -22.03
N THR A 717 22.58 31.79 -23.30
CA THR A 717 22.09 32.90 -24.13
C THR A 717 21.34 32.38 -25.37
N SER A 718 20.45 33.20 -25.91
CA SER A 718 19.69 32.89 -27.13
C SER A 718 19.36 34.19 -27.82
N TYR A 719 19.38 34.18 -29.15
CA TYR A 719 19.06 35.35 -29.96
C TYR A 719 18.00 35.04 -31.02
N LYS A 720 16.93 35.87 -31.05
CA LYS A 720 15.85 35.78 -32.01
C LYS A 720 16.09 36.85 -33.06
N PHE A 721 16.20 36.40 -34.31
CA PHE A 721 16.49 37.23 -35.45
C PHE A 721 15.33 38.11 -35.87
N LYS A 722 15.67 39.26 -36.46
CA LYS A 722 14.71 40.26 -36.94
C LYS A 722 14.70 40.38 -38.44
N GLY A 723 13.65 40.99 -38.97
CA GLY A 723 13.44 41.09 -40.42
C GLY A 723 13.15 39.78 -41.08
N ALA A 724 13.74 39.53 -42.26
CA ALA A 724 13.54 38.30 -43.03
C ALA A 724 13.84 36.99 -42.27
N LEU A 725 14.73 37.02 -41.27
CA LEU A 725 15.10 35.82 -40.51
C LEU A 725 14.28 35.66 -39.24
N ASP A 726 13.14 36.33 -39.20
CA ASP A 726 12.30 36.45 -38.01
C ASP A 726 11.94 35.12 -37.38
N LYS A 727 11.75 34.12 -38.20
CA LYS A 727 11.36 32.76 -37.81
C LYS A 727 12.48 31.90 -37.20
N LEU A 728 13.76 32.38 -37.27
CA LEU A 728 14.93 31.69 -36.73
C LEU A 728 15.41 32.20 -35.38
N THR A 729 15.63 31.26 -34.47
CA THR A 729 16.20 31.47 -33.14
C THR A 729 17.44 30.59 -33.06
N VAL A 730 18.49 31.18 -32.51
CA VAL A 730 19.77 30.51 -32.33
C VAL A 730 20.15 30.71 -30.88
N GLY A 731 20.87 29.75 -30.32
CA GLY A 731 21.25 29.82 -28.92
C GLY A 731 22.46 28.99 -28.61
N GLY A 732 22.89 29.08 -27.36
CA GLY A 732 24.05 28.38 -26.85
C GLY A 732 24.34 28.67 -25.39
N GLY A 733 25.31 27.96 -24.85
CA GLY A 733 25.67 28.12 -23.46
C GLY A 733 26.93 27.36 -23.09
N ALA A 734 27.45 27.66 -21.92
CA ALA A 734 28.65 27.06 -21.41
C ALA A 734 28.62 27.10 -19.91
N ARG A 735 29.13 26.03 -19.30
CA ARG A 735 29.20 25.85 -17.86
C ARG A 735 30.63 25.40 -17.53
N TRP A 736 31.29 26.17 -16.65
CA TRP A 736 32.61 25.83 -16.16
C TRP A 736 32.52 25.59 -14.66
N GLN A 737 33.36 24.66 -14.16
CA GLN A 737 33.46 24.39 -12.74
C GLN A 737 34.87 24.04 -12.35
N GLY A 738 35.33 24.57 -11.22
CA GLY A 738 36.67 24.34 -10.69
C GLY A 738 36.94 22.92 -10.23
N LYS A 739 38.16 22.68 -9.71
CA LYS A 739 38.60 21.38 -9.21
C LYS A 739 37.73 20.93 -8.03
N SER A 740 37.32 19.67 -8.07
CA SER A 740 36.49 19.01 -7.08
C SER A 740 37.19 17.69 -6.74
N TRP A 741 37.28 17.36 -5.45
CA TRP A 741 37.95 16.14 -4.99
C TRP A 741 37.20 15.47 -3.84
N GLN A 742 37.63 14.24 -3.55
CA GLN A 742 37.13 13.49 -2.42
C GLN A 742 38.18 12.47 -1.99
N MET A 743 38.30 12.26 -0.68
CA MET A 743 39.20 11.25 -0.13
C MET A 743 38.47 9.92 -0.20
N VAL A 744 39.12 8.91 -0.77
CA VAL A 744 38.58 7.56 -0.93
C VAL A 744 39.46 6.54 -0.23
N TYR A 745 38.87 5.51 0.37
CA TYR A 745 39.70 4.51 1.05
C TYR A 745 39.98 3.34 0.15
N ASN A 746 41.29 3.06 -0.06
CA ASN A 746 41.78 1.93 -0.85
C ASN A 746 41.95 0.77 0.14
N ASN A 747 40.92 -0.12 0.21
CA ASN A 747 40.93 -1.28 1.09
C ASN A 747 42.05 -2.28 0.73
N PRO A 748 42.22 -2.71 -0.57
CA PRO A 748 43.32 -3.65 -0.88
C PRO A 748 44.73 -3.17 -0.54
N ARG A 749 45.00 -1.84 -0.66
CA ARG A 749 46.29 -1.24 -0.34
C ARG A 749 46.32 -0.54 1.04
N SER A 750 45.23 -0.69 1.84
CA SER A 750 45.05 -0.14 3.20
C SER A 750 45.52 1.31 3.33
N ARG A 751 45.06 2.18 2.41
CA ARG A 751 45.48 3.60 2.38
C ARG A 751 44.37 4.52 1.87
N TRP A 752 44.41 5.79 2.29
CA TRP A 752 43.47 6.78 1.78
C TRP A 752 44.09 7.40 0.53
N GLU A 753 43.25 7.72 -0.46
CA GLU A 753 43.66 8.34 -1.71
C GLU A 753 42.79 9.57 -1.99
N LYS A 754 43.29 10.51 -2.82
CA LYS A 754 42.55 11.71 -3.22
C LYS A 754 42.11 11.49 -4.66
N PHE A 755 40.79 11.40 -4.85
CA PHE A 755 40.21 11.21 -6.17
C PHE A 755 39.73 12.59 -6.62
N SER A 756 40.36 13.13 -7.66
CA SER A 756 40.08 14.47 -8.18
C SER A 756 39.38 14.50 -9.54
N GLN A 757 38.70 15.62 -9.80
CA GLN A 757 38.09 15.98 -11.08
C GLN A 757 38.67 17.36 -11.33
N GLU A 758 39.51 17.50 -12.37
CA GLU A 758 40.10 18.78 -12.70
C GLU A 758 39.01 19.69 -13.21
N ASP A 759 39.24 21.01 -13.25
CA ASP A 759 38.23 21.95 -13.75
C ASP A 759 37.83 21.59 -15.18
N TYR A 760 36.56 21.84 -15.57
CA TYR A 760 36.12 21.48 -16.90
C TYR A 760 35.03 22.35 -17.43
N TRP A 761 34.96 22.44 -18.77
CA TRP A 761 33.97 23.22 -19.50
C TRP A 761 33.00 22.29 -20.14
N LEU A 762 31.73 22.69 -20.20
CA LEU A 762 30.69 21.99 -20.94
C LEU A 762 29.95 23.01 -21.85
N VAL A 763 29.95 22.76 -23.17
CA VAL A 763 29.31 23.65 -24.14
C VAL A 763 28.08 22.99 -24.76
N ASP A 764 26.96 23.74 -24.77
CA ASP A 764 25.66 23.38 -25.34
C ASP A 764 25.37 24.34 -26.50
N LEU A 765 24.74 23.84 -27.57
CA LEU A 765 24.28 24.67 -28.68
C LEU A 765 22.82 24.43 -28.93
N MET A 766 22.15 25.37 -29.59
CA MET A 766 20.72 25.29 -29.84
C MET A 766 20.32 26.11 -31.11
N ALA A 767 19.21 25.69 -31.77
CA ALA A 767 18.61 26.37 -32.92
C ALA A 767 17.16 25.95 -33.07
N ARG A 768 16.29 26.90 -33.47
CA ARG A 768 14.87 26.67 -33.69
C ARG A 768 14.38 27.41 -34.92
N TYR A 769 13.49 26.75 -35.68
CA TYR A 769 12.91 27.41 -36.81
C TYR A 769 11.40 27.27 -36.77
N GLN A 770 10.69 28.41 -36.87
CA GLN A 770 9.23 28.41 -36.93
C GLN A 770 8.81 28.19 -38.39
N ILE A 771 8.58 26.93 -38.81
CA ILE A 771 8.21 26.63 -40.21
C ILE A 771 6.86 27.19 -40.68
N THR A 772 5.84 27.01 -39.84
CA THR A 772 4.49 27.52 -40.01
C THR A 772 4.16 28.24 -38.70
N ASP A 773 3.03 28.90 -38.61
CA ASP A 773 2.64 29.59 -37.39
C ASP A 773 2.46 28.59 -36.25
N LYS A 774 1.91 27.44 -36.64
CA LYS A 774 1.63 26.31 -35.76
C LYS A 774 2.78 25.31 -35.55
N LEU A 775 3.60 25.08 -36.58
CA LEU A 775 4.68 24.12 -36.47
C LEU A 775 6.07 24.74 -36.43
N SER A 776 6.91 24.20 -35.56
CA SER A 776 8.30 24.60 -35.35
C SER A 776 9.17 23.38 -35.09
N ALA A 777 10.39 23.45 -35.53
CA ALA A 777 11.34 22.38 -35.30
C ALA A 777 12.58 22.95 -34.59
N SER A 778 13.17 22.15 -33.70
CA SER A 778 14.35 22.51 -32.94
C SER A 778 15.41 21.41 -32.87
N VAL A 779 16.65 21.82 -32.64
CA VAL A 779 17.80 20.93 -32.47
C VAL A 779 18.58 21.43 -31.28
N ASN A 780 19.06 20.49 -30.45
CA ASN A 780 19.85 20.80 -29.26
C ASN A 780 21.05 19.90 -29.19
N VAL A 781 22.27 20.48 -29.16
CA VAL A 781 23.55 19.73 -29.02
C VAL A 781 24.12 19.98 -27.60
N ASN A 782 24.27 18.93 -26.80
CA ASN A 782 24.79 19.02 -25.43
C ASN A 782 26.14 18.31 -25.35
N ASN A 783 27.07 18.83 -24.53
CA ASN A 783 28.47 18.39 -24.41
C ASN A 783 29.10 18.41 -25.83
N VAL A 784 28.92 19.56 -26.54
CA VAL A 784 29.39 19.85 -27.90
C VAL A 784 30.84 19.33 -28.15
N PHE A 785 31.75 19.54 -27.21
CA PHE A 785 33.15 19.09 -27.36
C PHE A 785 33.45 17.75 -26.72
N ASP A 786 32.40 17.00 -26.38
CA ASP A 786 32.51 15.63 -25.85
C ASP A 786 33.47 15.38 -24.71
N LYS A 787 33.44 16.21 -23.67
CA LYS A 787 34.32 16.06 -22.53
C LYS A 787 34.03 14.86 -21.63
N THR A 788 35.07 14.14 -21.20
CA THR A 788 34.90 13.06 -20.24
C THR A 788 35.07 13.69 -18.84
N TYR A 789 34.09 13.47 -17.98
CA TYR A 789 34.08 14.00 -16.62
C TYR A 789 33.25 13.10 -15.72
N TYR A 790 33.25 13.38 -14.42
CA TYR A 790 32.52 12.61 -13.42
C TYR A 790 31.39 13.35 -12.75
N THR A 791 30.30 12.62 -12.44
CA THR A 791 29.13 13.11 -11.71
C THR A 791 29.23 12.65 -10.24
N ASN A 792 29.83 11.43 -10.03
CA ASN A 792 30.12 10.84 -8.73
C ASN A 792 31.62 10.81 -8.59
N ILE A 793 32.11 11.53 -7.56
CA ILE A 793 33.53 11.62 -7.25
C ILE A 793 33.76 10.78 -5.95
N GLY A 794 33.96 9.47 -6.12
CA GLY A 794 34.26 8.55 -5.01
C GLY A 794 33.22 8.15 -3.97
N PHE A 795 31.91 8.41 -4.16
CA PHE A 795 30.90 7.93 -3.21
C PHE A 795 30.79 6.43 -3.34
N TYR A 796 30.87 5.74 -2.20
CA TYR A 796 30.80 4.29 -2.09
C TYR A 796 31.99 3.63 -2.82
N THR A 797 33.17 4.32 -2.81
CA THR A 797 34.47 3.94 -3.43
C THR A 797 34.27 3.50 -4.89
N SER A 798 33.42 4.30 -5.59
CA SER A 798 32.97 4.12 -6.96
C SER A 798 32.91 5.49 -7.63
N ALA A 799 32.87 5.52 -8.98
CA ALA A 799 32.71 6.75 -9.75
C ALA A 799 31.61 6.56 -10.86
N SER A 800 31.17 7.69 -11.44
CA SER A 800 30.16 7.76 -12.49
C SER A 800 30.58 8.83 -13.46
N TYR A 801 30.29 8.62 -14.77
CA TYR A 801 30.60 9.59 -15.82
C TYR A 801 29.37 10.44 -16.21
N GLY A 802 29.63 11.69 -16.58
CA GLY A 802 28.63 12.61 -17.12
C GLY A 802 28.39 12.27 -18.59
N ASP A 803 27.25 12.72 -19.12
CA ASP A 803 26.85 12.40 -20.51
C ASP A 803 27.85 12.75 -21.58
N PRO A 804 28.14 11.80 -22.50
CA PRO A 804 28.97 12.14 -23.67
C PRO A 804 28.21 13.13 -24.58
N ARG A 805 28.79 13.55 -25.72
CA ARG A 805 28.08 14.46 -26.62
C ARG A 805 26.73 13.82 -27.03
N ASN A 806 25.63 14.61 -26.98
CA ASN A 806 24.30 14.12 -27.36
C ASN A 806 23.42 15.21 -28.00
N LEU A 807 22.48 14.78 -28.87
CA LEU A 807 21.58 15.68 -29.59
C LEU A 807 20.13 15.33 -29.35
N MET A 808 19.25 16.35 -29.38
CA MET A 808 17.80 16.17 -29.26
C MET A 808 17.13 16.98 -30.34
N PHE A 809 16.32 16.31 -31.11
CA PHE A 809 15.55 16.89 -32.20
C PHE A 809 14.09 16.84 -31.80
N SER A 810 13.41 18.00 -31.86
CA SER A 810 11.99 18.09 -31.51
C SER A 810 11.20 18.95 -32.47
N THR A 811 9.92 18.62 -32.63
CA THR A 811 8.96 19.32 -33.49
C THR A 811 7.76 19.60 -32.64
N ARG A 812 7.23 20.83 -32.69
CA ARG A 812 6.09 21.21 -31.87
C ARG A 812 4.97 21.81 -32.68
N TRP A 813 3.74 21.31 -32.47
CA TRP A 813 2.53 21.80 -33.11
C TRP A 813 1.60 22.46 -32.08
N ASP A 814 1.38 23.78 -32.23
CA ASP A 814 0.51 24.62 -31.39
C ASP A 814 -0.87 24.68 -32.06
N PHE A 815 -1.96 24.52 -31.28
CA PHE A 815 -3.31 24.54 -31.83
C PHE A 815 -3.83 25.95 -31.96
N ALA B 54 -36.59 23.45 -29.52
CA ALA B 54 -37.29 22.20 -29.76
C ALA B 54 -37.82 21.72 -28.42
N LEU B 55 -39.11 21.31 -28.37
CA LEU B 55 -39.79 20.88 -27.15
C LEU B 55 -39.02 19.78 -26.37
N GLY B 56 -38.59 18.72 -27.05
CA GLY B 56 -37.84 17.62 -26.45
C GLY B 56 -36.56 18.03 -25.73
N SER B 57 -35.85 19.05 -26.26
CA SER B 57 -34.62 19.60 -25.69
C SER B 57 -34.97 20.35 -24.39
N ALA B 58 -36.04 21.19 -24.45
CA ALA B 58 -36.56 22.00 -23.35
C ALA B 58 -37.00 21.14 -22.19
N LEU B 59 -37.63 19.98 -22.47
CA LEU B 59 -38.08 19.02 -21.46
C LEU B 59 -36.88 18.34 -20.73
N GLN B 60 -35.81 18.06 -21.46
CA GLN B 60 -34.58 17.53 -20.89
C GLN B 60 -33.87 18.57 -20.01
N GLU B 61 -33.85 19.82 -20.46
CA GLU B 61 -33.24 20.94 -19.76
C GLU B 61 -34.05 21.31 -18.51
N PHE B 62 -35.42 21.23 -18.57
CA PHE B 62 -36.34 21.47 -17.44
C PHE B 62 -36.14 20.38 -16.38
N GLY B 63 -35.99 19.13 -16.82
CA GLY B 63 -35.72 17.98 -15.96
C GLY B 63 -34.47 18.20 -15.14
N ARG B 64 -33.40 18.72 -15.78
CA ARG B 64 -32.14 19.01 -15.12
C ARG B 64 -32.33 20.16 -14.12
N GLN B 65 -32.86 21.33 -14.55
CA GLN B 65 -33.08 22.53 -13.74
C GLN B 65 -34.09 22.35 -12.56
N ALA B 66 -35.22 21.65 -12.76
CA ALA B 66 -36.23 21.42 -11.73
C ALA B 66 -35.94 20.25 -10.79
N ASP B 67 -34.83 19.49 -11.00
CA ASP B 67 -34.47 18.29 -10.23
C ASP B 67 -35.60 17.24 -10.29
N ILE B 68 -36.15 17.02 -11.48
CA ILE B 68 -37.25 16.09 -11.66
C ILE B 68 -37.08 15.21 -12.90
N GLN B 69 -37.59 13.98 -12.86
CA GLN B 69 -37.48 13.11 -14.04
C GLN B 69 -38.64 13.40 -14.96
N VAL B 70 -38.31 13.79 -16.18
CA VAL B 70 -39.28 14.15 -17.19
C VAL B 70 -39.34 13.01 -18.18
N LEU B 71 -40.56 12.47 -18.34
CA LEU B 71 -40.89 11.41 -19.28
C LEU B 71 -41.79 12.02 -20.38
N TYR B 72 -41.52 11.64 -21.64
CA TYR B 72 -42.25 12.09 -22.84
C TYR B 72 -41.97 11.13 -24.00
N ARG B 73 -42.94 10.98 -24.91
CA ARG B 73 -42.78 10.11 -26.08
C ARG B 73 -42.09 10.93 -27.19
N PRO B 74 -41.04 10.35 -27.83
CA PRO B 74 -40.31 11.11 -28.87
C PRO B 74 -41.13 11.47 -30.12
N GLU B 75 -42.07 10.62 -30.51
CA GLU B 75 -42.94 10.89 -31.64
C GLU B 75 -43.90 12.08 -31.41
N GLU B 76 -44.36 12.20 -30.16
CA GLU B 76 -45.35 13.19 -29.71
C GLU B 76 -44.84 14.65 -29.76
N VAL B 77 -43.56 14.88 -29.37
CA VAL B 77 -42.87 16.19 -29.29
C VAL B 77 -42.06 16.50 -30.57
N ARG B 78 -42.20 15.63 -31.57
CA ARG B 78 -41.37 15.64 -32.78
C ARG B 78 -41.35 16.91 -33.62
N ASN B 79 -42.48 17.55 -33.81
CA ASN B 79 -42.46 18.79 -34.57
C ASN B 79 -43.16 19.81 -33.69
N LYS B 80 -42.49 20.11 -32.58
CA LYS B 80 -42.96 21.05 -31.60
C LYS B 80 -41.83 21.88 -31.03
N ARG B 81 -42.19 23.06 -30.55
CA ARG B 81 -41.25 23.99 -29.90
C ARG B 81 -41.84 24.51 -28.56
N SER B 82 -40.99 24.99 -27.63
CA SER B 82 -41.43 25.50 -26.32
C SER B 82 -41.49 27.06 -26.21
N SER B 83 -42.15 27.59 -25.15
CA SER B 83 -42.30 29.04 -24.87
C SER B 83 -41.29 29.55 -23.84
N LEU B 98 -43.91 26.79 -20.21
CA LEU B 98 -43.00 26.16 -21.18
C LEU B 98 -43.81 25.49 -22.30
N LEU B 99 -44.88 24.77 -21.92
CA LEU B 99 -45.69 24.03 -22.87
C LEU B 99 -46.74 24.87 -23.62
N ARG B 100 -46.98 26.14 -23.22
CA ARG B 100 -47.98 27.03 -23.87
C ARG B 100 -47.86 27.00 -25.40
N GLY B 101 -48.92 26.54 -26.06
CA GLY B 101 -49.01 26.42 -27.50
C GLY B 101 -48.66 25.06 -28.08
N THR B 102 -48.22 24.08 -27.24
CA THR B 102 -47.84 22.73 -27.70
C THR B 102 -49.03 21.73 -27.70
N GLY B 103 -50.08 22.02 -26.92
CA GLY B 103 -51.24 21.14 -26.80
C GLY B 103 -50.95 19.92 -25.94
N ALA B 104 -49.91 20.01 -25.09
CA ALA B 104 -49.48 18.93 -24.20
C ALA B 104 -50.04 19.09 -22.78
N SER B 105 -50.21 17.94 -22.07
CA SER B 105 -50.70 17.85 -20.70
C SER B 105 -49.60 17.29 -19.81
N VAL B 106 -49.63 17.63 -18.50
CA VAL B 106 -48.65 17.19 -17.51
C VAL B 106 -49.31 16.29 -16.48
N ASP B 107 -48.60 15.22 -16.08
CA ASP B 107 -49.06 14.34 -15.02
C ASP B 107 -48.00 14.37 -13.95
N PHE B 108 -48.31 15.07 -12.85
CA PHE B 108 -47.45 15.22 -11.69
C PHE B 108 -47.51 13.94 -10.86
N GLN B 109 -46.38 13.20 -10.85
CA GLN B 109 -46.18 11.91 -10.17
C GLN B 109 -44.93 11.93 -9.26
N GLY B 110 -44.96 12.83 -8.28
CA GLY B 110 -43.90 12.98 -7.27
C GLY B 110 -42.63 13.61 -7.79
N ASN B 111 -41.51 12.87 -7.68
CA ASN B 111 -40.21 13.34 -8.16
C ASN B 111 -40.05 13.12 -9.68
N ALA B 112 -41.18 12.87 -10.39
CA ALA B 112 -41.28 12.66 -11.83
C ALA B 112 -42.55 13.30 -12.41
N ILE B 113 -42.55 13.54 -13.75
CA ILE B 113 -43.68 14.07 -14.53
C ILE B 113 -43.78 13.38 -15.91
N THR B 114 -45.01 13.09 -16.38
CA THR B 114 -45.20 12.50 -17.70
C THR B 114 -45.91 13.49 -18.61
N ILE B 115 -45.28 13.80 -19.74
CA ILE B 115 -45.85 14.71 -20.73
C ILE B 115 -46.50 13.88 -21.86
N SER B 116 -47.74 14.26 -22.22
CA SER B 116 -48.56 13.59 -23.23
C SER B 116 -49.22 14.62 -24.15
N VAL B 125 -54.75 3.23 -26.71
CA VAL B 125 -54.05 3.16 -25.43
C VAL B 125 -52.84 2.18 -25.51
N ASP B 126 -51.67 2.77 -25.33
CA ASP B 126 -50.39 2.09 -25.31
C ASP B 126 -49.73 2.49 -24.00
N LEU B 127 -49.84 1.62 -23.01
CA LEU B 127 -49.23 1.83 -21.68
C LEU B 127 -47.70 1.77 -21.69
N GLY B 128 -47.14 0.81 -22.42
CA GLY B 128 -45.69 0.62 -22.50
C GLY B 128 -44.94 1.40 -23.55
N ALA B 129 -45.49 2.56 -24.00
CA ALA B 129 -44.88 3.40 -25.02
C ALA B 129 -43.45 3.78 -24.68
N THR B 130 -42.55 3.70 -25.68
CA THR B 130 -41.14 4.08 -25.53
C THR B 130 -41.08 5.55 -25.10
N MET B 131 -40.39 5.82 -23.98
CA MET B 131 -40.33 7.17 -23.47
C MET B 131 -38.92 7.66 -23.22
N ILE B 132 -38.70 8.96 -23.51
CA ILE B 132 -37.44 9.68 -23.28
C ILE B 132 -37.46 10.09 -21.82
N THR B 133 -36.31 9.95 -21.18
CA THR B 133 -36.15 10.25 -19.77
C THR B 133 -34.99 11.23 -19.53
N SER B 134 -35.11 12.01 -18.47
CA SER B 134 -34.09 13.00 -18.11
C SER B 134 -32.99 12.40 -17.14
N ASN B 135 -33.34 11.40 -16.30
CA ASN B 135 -32.40 10.75 -15.36
C ASN B 135 -32.14 9.29 -15.73
N GLN B 136 -30.95 9.00 -16.27
CA GLN B 136 -30.53 7.67 -16.75
C GLN B 136 -30.54 6.56 -15.71
N LEU B 137 -30.52 6.92 -14.39
CA LEU B 137 -30.49 5.95 -13.26
C LEU B 137 -31.88 5.61 -12.67
N GLY B 138 -32.88 6.43 -13.02
CA GLY B 138 -34.26 6.28 -12.59
C GLY B 138 -34.72 7.49 -11.79
N THR B 139 -35.90 7.38 -11.16
CA THR B 139 -36.49 8.43 -10.34
C THR B 139 -35.90 8.35 -8.97
N ILE B 140 -35.50 9.54 -8.42
CA ILE B 140 -34.93 9.76 -7.09
C ILE B 140 -36.01 9.49 -6.04
N THR B 141 -35.70 8.63 -5.05
CA THR B 141 -36.61 8.21 -3.97
C THR B 141 -36.62 9.16 -2.78
N GLU B 142 -35.62 10.07 -2.72
CA GLU B 142 -35.49 11.06 -1.64
C GLU B 142 -36.56 12.15 -1.81
N ASP B 143 -37.30 12.40 -0.70
CA ASP B 143 -38.41 13.37 -0.56
C ASP B 143 -39.67 12.96 -1.33
N SER B 144 -39.73 11.71 -1.78
CA SER B 144 -40.88 11.19 -2.52
C SER B 144 -42.00 10.88 -1.55
N GLY B 145 -41.61 10.43 -0.36
CA GLY B 145 -42.54 10.00 0.68
C GLY B 145 -42.92 8.53 0.55
N SER B 146 -42.73 7.96 -0.62
CA SER B 146 -43.06 6.56 -0.94
C SER B 146 -42.08 5.43 -0.56
N TYR B 147 -42.61 4.22 -0.51
CA TYR B 147 -41.91 2.98 -0.22
C TYR B 147 -41.66 2.21 -1.52
N THR B 148 -42.33 2.63 -2.62
CA THR B 148 -42.25 2.09 -3.97
C THR B 148 -41.40 3.03 -4.86
N PRO B 149 -40.58 2.54 -5.83
CA PRO B 149 -39.82 3.48 -6.66
C PRO B 149 -40.65 4.01 -7.84
N GLY B 150 -40.05 4.84 -8.67
CA GLY B 150 -40.64 5.34 -9.90
C GLY B 150 -40.09 4.53 -11.06
N THR B 151 -39.16 5.11 -11.82
CA THR B 151 -38.47 4.40 -12.89
C THR B 151 -37.18 3.84 -12.27
N ILE B 152 -36.62 2.80 -12.87
CA ILE B 152 -35.37 2.13 -12.47
C ILE B 152 -34.75 1.57 -13.73
N ALA B 153 -33.42 1.70 -13.86
CA ALA B 153 -32.69 1.21 -15.03
C ALA B 153 -31.83 -0.05 -14.74
N THR B 154 -32.05 -0.67 -13.59
CA THR B 154 -31.25 -1.76 -13.03
C THR B 154 -31.28 -3.10 -13.83
N ALA B 155 -32.30 -3.37 -14.68
CA ALA B 155 -32.37 -4.65 -15.41
C ALA B 155 -31.62 -4.71 -16.72
N THR B 156 -31.84 -3.69 -17.58
CA THR B 156 -31.26 -3.66 -18.94
C THR B 156 -30.47 -2.37 -19.24
N ARG B 157 -30.58 -1.40 -18.35
CA ARG B 157 -30.00 -0.08 -18.51
C ARG B 157 -30.98 0.87 -19.23
N LEU B 158 -32.20 0.38 -19.44
CA LEU B 158 -33.27 1.15 -20.04
C LEU B 158 -34.10 1.70 -18.89
N VAL B 159 -34.53 2.95 -18.97
CA VAL B 159 -35.29 3.56 -17.86
C VAL B 159 -36.75 3.12 -17.92
N LEU B 160 -37.05 2.06 -17.15
CA LEU B 160 -38.36 1.42 -17.13
C LEU B 160 -39.02 1.49 -15.76
N THR B 161 -40.36 1.44 -15.74
CA THR B 161 -41.13 1.40 -14.50
C THR B 161 -41.12 -0.07 -14.04
N PRO B 162 -41.34 -0.42 -12.73
CA PRO B 162 -41.36 -1.84 -12.34
C PRO B 162 -42.25 -2.76 -13.20
N ARG B 163 -43.42 -2.30 -13.64
CA ARG B 163 -44.37 -3.05 -14.47
C ARG B 163 -43.79 -3.38 -15.87
N GLU B 164 -43.04 -2.42 -16.44
CA GLU B 164 -42.35 -2.50 -17.73
C GLU B 164 -41.14 -3.44 -17.68
N THR B 165 -40.61 -3.73 -16.47
CA THR B 165 -39.45 -4.61 -16.23
C THR B 165 -39.88 -6.12 -16.18
N PRO B 166 -39.48 -6.96 -17.18
CA PRO B 166 -39.88 -8.39 -17.17
C PRO B 166 -39.03 -9.27 -16.22
N GLN B 167 -38.70 -8.73 -15.03
CA GLN B 167 -37.88 -9.41 -14.05
C GLN B 167 -38.31 -9.07 -12.62
N SER B 168 -37.79 -9.84 -11.64
CA SER B 168 -38.08 -9.60 -10.23
C SER B 168 -37.13 -8.51 -9.74
N ILE B 169 -37.70 -7.30 -9.51
CA ILE B 169 -37.01 -6.10 -9.05
C ILE B 169 -37.61 -5.57 -7.75
N THR B 170 -36.83 -5.57 -6.65
CA THR B 170 -37.22 -5.05 -5.34
C THR B 170 -36.30 -3.87 -5.02
N VAL B 171 -36.87 -2.74 -4.55
CA VAL B 171 -36.13 -1.52 -4.20
C VAL B 171 -36.45 -1.10 -2.76
N VAL B 172 -35.42 -0.74 -1.96
CA VAL B 172 -35.56 -0.16 -0.60
C VAL B 172 -35.28 1.34 -0.76
N THR B 173 -36.36 2.16 -0.84
CA THR B 173 -36.32 3.61 -1.06
C THR B 173 -35.75 4.35 0.14
N ARG B 174 -35.33 5.63 -0.05
CA ARG B 174 -34.79 6.52 1.00
C ARG B 174 -35.69 6.58 2.22
N GLN B 175 -37.00 6.76 2.02
CA GLN B 175 -37.94 6.90 3.11
C GLN B 175 -37.97 5.67 3.98
N ASN B 176 -37.87 4.51 3.36
CA ASN B 176 -37.86 3.25 4.10
C ASN B 176 -36.64 3.22 5.03
N MET B 177 -35.49 3.65 4.51
CA MET B 177 -34.26 3.73 5.30
C MET B 177 -34.34 4.75 6.43
N ASP B 178 -34.94 5.90 6.16
CA ASP B 178 -35.13 6.95 7.20
C ASP B 178 -36.09 6.53 8.31
N ASP B 179 -37.25 5.99 7.91
CA ASP B 179 -38.28 5.48 8.79
C ASP B 179 -37.82 4.34 9.66
N PHE B 180 -37.18 3.31 9.11
CA PHE B 180 -36.80 2.16 9.95
C PHE B 180 -35.31 2.14 10.43
N GLY B 181 -34.62 3.27 10.30
CA GLY B 181 -33.25 3.46 10.74
C GLY B 181 -32.23 2.46 10.23
N LEU B 182 -32.33 2.12 8.90
CA LEU B 182 -31.47 1.18 8.17
C LEU B 182 -30.18 1.93 7.79
N ASN B 183 -29.21 1.94 8.73
CA ASN B 183 -27.94 2.67 8.66
C ASN B 183 -26.89 2.06 7.73
N ASN B 184 -27.00 0.75 7.43
CA ASN B 184 -26.07 0.01 6.58
C ASN B 184 -26.79 -0.98 5.67
N ILE B 185 -26.02 -1.62 4.78
CA ILE B 185 -26.53 -2.59 3.83
C ILE B 185 -27.06 -3.87 4.52
N ASP B 186 -26.51 -4.30 5.69
CA ASP B 186 -27.00 -5.47 6.44
C ASP B 186 -28.41 -5.20 6.90
N ASP B 187 -28.64 -4.01 7.45
CA ASP B 187 -29.95 -3.56 7.92
C ASP B 187 -30.93 -3.49 6.75
N VAL B 188 -30.47 -2.93 5.64
CA VAL B 188 -31.25 -2.89 4.39
C VAL B 188 -31.66 -4.31 3.98
N MET B 189 -30.67 -5.22 3.82
CA MET B 189 -30.87 -6.63 3.43
C MET B 189 -31.85 -7.40 4.35
N ARG B 190 -31.78 -7.18 5.67
CA ARG B 190 -32.69 -7.79 6.65
C ARG B 190 -34.15 -7.35 6.40
N HIS B 191 -34.35 -6.16 5.81
CA HIS B 191 -35.65 -5.56 5.49
C HIS B 191 -36.01 -5.70 3.98
N THR B 192 -35.25 -6.52 3.20
CA THR B 192 -35.50 -6.68 1.76
C THR B 192 -36.20 -7.99 1.46
N PRO B 193 -37.49 -7.93 0.97
CA PRO B 193 -38.23 -9.16 0.63
C PRO B 193 -37.47 -10.17 -0.21
N GLY B 194 -37.39 -11.40 0.29
CA GLY B 194 -36.71 -12.51 -0.36
C GLY B 194 -35.22 -12.65 -0.09
N ILE B 195 -34.68 -11.86 0.84
CA ILE B 195 -33.26 -11.91 1.21
C ILE B 195 -33.16 -12.50 2.59
N THR B 196 -32.20 -13.42 2.74
CA THR B 196 -31.85 -14.08 3.99
C THR B 196 -30.40 -13.67 4.32
N VAL B 197 -30.24 -12.97 5.46
CA VAL B 197 -28.94 -12.55 5.97
C VAL B 197 -28.47 -13.63 6.95
N SER B 198 -27.43 -14.39 6.53
CA SER B 198 -26.80 -15.43 7.36
C SER B 198 -25.40 -14.92 7.72
N ALA B 199 -24.96 -15.07 8.96
CA ALA B 199 -23.65 -14.53 9.33
C ALA B 199 -22.60 -15.48 9.90
N TYR B 200 -21.39 -15.46 9.32
CA TYR B 200 -20.27 -16.25 9.81
C TYR B 200 -19.75 -15.80 11.17
N ASP B 201 -19.58 -14.49 11.32
CA ASP B 201 -19.04 -13.88 12.53
C ASP B 201 -19.42 -12.41 12.66
N THR B 202 -19.04 -11.79 13.77
CA THR B 202 -19.41 -10.39 14.04
C THR B 202 -19.32 -9.45 12.81
N ASP B 203 -18.25 -9.60 11.97
CA ASP B 203 -17.99 -8.71 10.82
C ASP B 203 -18.04 -9.38 9.42
N ARG B 204 -18.68 -10.56 9.33
CA ARG B 204 -18.82 -11.32 8.09
C ARG B 204 -20.24 -11.83 7.92
N ASN B 205 -21.02 -11.14 7.09
CA ASN B 205 -22.39 -11.51 6.77
C ASN B 205 -22.48 -11.89 5.30
N ASN B 206 -23.42 -12.81 4.99
CA ASN B 206 -23.70 -13.33 3.65
C ASN B 206 -25.17 -13.21 3.37
N TYR B 207 -25.53 -12.86 2.12
CA TYR B 207 -26.91 -12.68 1.69
C TYR B 207 -27.29 -13.78 0.72
N TYR B 208 -28.49 -14.32 0.92
CA TYR B 208 -29.03 -15.40 0.12
C TYR B 208 -30.35 -15.05 -0.55
N ALA B 209 -30.44 -15.41 -1.81
CA ALA B 209 -31.65 -15.21 -2.62
C ALA B 209 -31.77 -16.41 -3.55
N ARG B 210 -32.99 -16.96 -3.62
CA ARG B 210 -33.41 -18.07 -4.48
C ARG B 210 -32.47 -19.30 -4.42
N GLY B 211 -31.98 -19.60 -3.20
CA GLY B 211 -31.07 -20.71 -2.91
C GLY B 211 -29.58 -20.45 -3.15
N PHE B 212 -29.23 -19.20 -3.60
CA PHE B 212 -27.85 -18.80 -3.92
C PHE B 212 -27.34 -17.68 -3.08
N SER B 213 -26.03 -17.68 -2.83
CA SER B 213 -25.35 -16.61 -2.09
C SER B 213 -25.08 -15.48 -3.09
N ILE B 214 -25.61 -14.25 -2.83
CA ILE B 214 -25.43 -13.09 -3.70
C ILE B 214 -24.00 -12.55 -3.56
N ASN B 215 -23.23 -12.55 -4.65
CA ASN B 215 -21.84 -12.03 -4.63
C ASN B 215 -21.70 -10.84 -5.60
N ASN B 216 -22.85 -10.33 -6.08
CA ASN B 216 -22.91 -9.27 -7.06
C ASN B 216 -23.37 -7.93 -6.52
N PHE B 217 -22.48 -6.95 -6.57
CA PHE B 217 -22.69 -5.56 -6.15
C PHE B 217 -22.39 -4.62 -7.30
N GLN B 218 -23.15 -3.53 -7.39
CA GLN B 218 -22.98 -2.46 -8.37
C GLN B 218 -23.18 -1.12 -7.66
N TYR B 219 -22.45 -0.08 -8.10
CA TYR B 219 -22.53 1.27 -7.54
C TYR B 219 -22.81 2.19 -8.70
N ASP B 220 -24.05 2.69 -8.75
CA ASP B 220 -24.54 3.52 -9.85
C ASP B 220 -24.56 2.79 -11.19
N GLY B 221 -24.86 1.50 -11.16
CA GLY B 221 -24.89 0.66 -12.34
C GLY B 221 -23.59 0.04 -12.79
N ILE B 222 -22.45 0.45 -12.20
CA ILE B 222 -21.11 -0.06 -12.52
C ILE B 222 -20.77 -1.24 -11.60
N PRO B 223 -20.61 -2.48 -12.14
CA PRO B 223 -20.33 -3.62 -11.26
C PRO B 223 -18.93 -3.67 -10.65
N SER B 224 -18.89 -3.99 -9.34
CA SER B 224 -17.72 -4.18 -8.50
C SER B 224 -17.21 -5.58 -8.76
N THR B 225 -15.91 -5.79 -8.65
CA THR B 225 -15.33 -7.10 -8.90
C THR B 225 -15.91 -8.02 -7.84
N ALA B 226 -16.15 -9.28 -8.21
CA ALA B 226 -16.71 -10.27 -7.30
C ALA B 226 -15.97 -10.28 -5.97
N ARG B 227 -16.52 -10.96 -4.97
CA ARG B 227 -15.87 -10.96 -3.69
C ARG B 227 -15.47 -12.32 -3.19
N ASN B 228 -14.24 -12.41 -2.70
CA ASN B 228 -13.79 -13.65 -2.13
C ASN B 228 -14.70 -13.68 -0.91
N VAL B 229 -15.43 -14.77 -0.73
CA VAL B 229 -16.39 -14.80 0.36
C VAL B 229 -15.75 -14.64 1.73
N GLY B 230 -14.66 -15.36 1.96
CA GLY B 230 -13.96 -15.26 3.22
C GLY B 230 -13.22 -13.96 3.50
N TYR B 231 -12.55 -13.47 2.47
CA TYR B 231 -11.71 -12.28 2.56
C TYR B 231 -12.59 -11.08 2.27
N SER B 232 -13.31 -10.62 3.29
CA SER B 232 -14.23 -9.50 3.09
C SER B 232 -13.50 -8.20 2.84
N ALA B 233 -13.95 -7.46 1.83
CA ALA B 233 -13.32 -6.18 1.51
C ALA B 233 -14.13 -4.93 1.87
N GLY B 234 -15.39 -5.08 2.23
CA GLY B 234 -16.18 -3.90 2.58
C GLY B 234 -17.53 -3.70 1.96
N ASN B 235 -17.96 -4.57 1.04
CA ASN B 235 -19.25 -4.39 0.37
C ASN B 235 -20.49 -4.79 1.19
N THR B 236 -20.31 -5.56 2.27
CA THR B 236 -21.36 -5.96 3.21
C THR B 236 -21.46 -4.97 4.39
N LEU B 237 -20.67 -3.87 4.35
CA LEU B 237 -20.64 -2.86 5.42
C LEU B 237 -20.91 -1.45 4.93
N SER B 238 -21.27 -1.30 3.64
CA SER B 238 -21.58 -0.02 3.02
C SER B 238 -22.56 0.73 3.90
N ASP B 239 -22.18 1.93 4.33
CA ASP B 239 -23.03 2.78 5.15
C ASP B 239 -24.01 3.50 4.20
N MET B 240 -25.28 3.64 4.65
CA MET B 240 -26.37 4.21 3.83
C MET B 240 -26.40 5.72 3.75
N ALA B 241 -25.52 6.42 4.48
CA ALA B 241 -25.50 7.88 4.51
C ALA B 241 -25.23 8.51 3.16
N ILE B 242 -24.59 7.75 2.23
CA ILE B 242 -24.23 8.34 0.94
C ILE B 242 -25.13 7.89 -0.20
N TYR B 243 -26.10 6.98 0.04
CA TYR B 243 -26.98 6.47 -1.04
C TYR B 243 -28.43 6.97 -0.97
N ASP B 244 -29.13 6.94 -2.13
CA ASP B 244 -30.53 7.35 -2.30
C ASP B 244 -31.48 6.18 -2.12
N ARG B 245 -31.12 4.99 -2.64
CA ARG B 245 -31.92 3.76 -2.60
C ARG B 245 -31.01 2.56 -2.87
N VAL B 246 -31.53 1.37 -2.61
CA VAL B 246 -30.80 0.15 -2.93
C VAL B 246 -31.74 -0.64 -3.83
N GLU B 247 -31.25 -1.04 -4.99
CA GLU B 247 -32.07 -1.79 -5.93
C GLU B 247 -31.60 -3.23 -5.99
N VAL B 248 -32.50 -4.16 -5.69
CA VAL B 248 -32.14 -5.56 -5.73
C VAL B 248 -32.89 -6.23 -6.88
N LEU B 249 -32.14 -6.72 -7.84
CA LEU B 249 -32.70 -7.40 -9.01
C LEU B 249 -32.37 -8.89 -8.84
N LYS B 250 -33.40 -9.73 -8.84
CA LYS B 250 -33.25 -11.17 -8.56
C LYS B 250 -33.42 -12.12 -9.73
N GLY B 251 -32.51 -13.07 -9.87
CA GLY B 251 -32.54 -14.02 -10.95
C GLY B 251 -31.14 -14.21 -11.49
N ALA B 252 -31.04 -14.19 -12.82
CA ALA B 252 -29.75 -14.27 -13.49
C ALA B 252 -29.63 -12.85 -14.03
N THR B 253 -28.64 -12.13 -13.55
CA THR B 253 -28.44 -10.73 -13.92
C THR B 253 -27.25 -10.48 -14.83
N GLY B 254 -26.72 -11.55 -15.40
CA GLY B 254 -25.54 -11.48 -16.25
C GLY B 254 -25.37 -10.37 -17.27
N LEU B 255 -26.47 -9.97 -17.96
CA LEU B 255 -26.49 -8.95 -19.03
C LEU B 255 -25.72 -7.64 -18.68
N LEU B 256 -25.90 -7.09 -17.45
CA LEU B 256 -25.20 -5.88 -17.03
C LEU B 256 -24.08 -6.12 -15.98
N THR B 257 -24.09 -7.31 -15.32
CA THR B 257 -23.12 -7.73 -14.31
C THR B 257 -21.86 -8.34 -14.93
N GLY B 258 -22.06 -9.19 -15.96
CA GLY B 258 -21.01 -9.95 -16.62
C GLY B 258 -20.86 -11.25 -15.86
N ALA B 259 -19.62 -11.60 -15.46
CA ALA B 259 -19.36 -12.80 -14.66
C ALA B 259 -19.77 -12.51 -13.20
N GLY B 260 -20.54 -13.42 -12.62
CA GLY B 260 -20.97 -13.27 -11.24
C GLY B 260 -21.76 -14.46 -10.76
N SER B 261 -22.40 -14.32 -9.55
CA SER B 261 -23.25 -15.34 -8.92
C SER B 261 -24.73 -15.32 -9.40
N LEU B 262 -25.45 -16.36 -9.00
CA LEU B 262 -26.87 -16.49 -9.26
C LEU B 262 -27.65 -15.83 -8.13
N GLY B 263 -28.96 -15.78 -8.31
CA GLY B 263 -29.88 -15.20 -7.35
C GLY B 263 -30.14 -13.71 -7.41
N ALA B 264 -29.13 -12.85 -7.20
CA ALA B 264 -29.33 -11.40 -7.23
C ALA B 264 -28.10 -10.52 -7.44
N THR B 265 -28.35 -9.27 -7.77
CA THR B 265 -27.37 -8.19 -7.90
C THR B 265 -27.94 -7.09 -7.02
N ILE B 266 -27.09 -6.45 -6.23
CA ILE B 266 -27.47 -5.34 -5.34
C ILE B 266 -26.85 -4.08 -5.93
N ASN B 267 -27.70 -3.21 -6.49
CA ASN B 267 -27.27 -1.95 -7.08
C ASN B 267 -27.59 -0.82 -6.09
N LEU B 268 -26.56 -0.08 -5.69
CA LEU B 268 -26.67 1.01 -4.74
C LEU B 268 -26.56 2.34 -5.53
N ILE B 269 -27.54 3.24 -5.37
CA ILE B 269 -27.60 4.52 -6.09
C ILE B 269 -27.15 5.65 -5.17
N ARG B 270 -25.96 6.25 -5.45
CA ARG B 270 -25.35 7.35 -4.66
C ARG B 270 -26.22 8.60 -4.69
N LYS B 271 -26.13 9.44 -3.65
CA LYS B 271 -26.85 10.72 -3.55
C LYS B 271 -26.22 11.72 -4.55
N LYS B 272 -27.01 12.68 -5.06
CA LYS B 272 -26.47 13.58 -6.09
C LYS B 272 -26.64 15.09 -5.78
N PRO B 273 -25.76 15.98 -6.34
CA PRO B 273 -25.93 17.44 -6.12
C PRO B 273 -27.30 17.96 -6.61
N THR B 274 -27.82 19.01 -5.96
CA THR B 274 -29.14 19.58 -6.27
C THR B 274 -29.04 21.02 -6.79
N HIS B 275 -30.09 21.51 -7.48
CA HIS B 275 -30.19 22.89 -8.03
C HIS B 275 -30.58 23.92 -6.97
N GLU B 276 -31.04 23.45 -5.80
CA GLU B 276 -31.49 24.30 -4.68
C GLU B 276 -30.81 23.79 -3.42
N PHE B 277 -30.39 24.70 -2.53
CA PHE B 277 -29.71 24.34 -1.29
C PHE B 277 -30.57 23.52 -0.34
N LYS B 278 -30.02 22.39 0.16
CA LYS B 278 -30.65 21.52 1.14
C LYS B 278 -29.62 20.64 1.84
N GLY B 279 -29.78 20.50 3.14
CA GLY B 279 -28.93 19.63 3.94
C GLY B 279 -29.53 19.36 5.31
N HIS B 280 -28.86 18.50 6.09
CA HIS B 280 -29.25 18.16 7.46
C HIS B 280 -28.08 17.71 8.36
N VAL B 281 -28.33 17.72 9.68
CA VAL B 281 -27.45 17.15 10.72
C VAL B 281 -28.36 16.18 11.46
N GLU B 282 -27.89 14.93 11.66
CA GLU B 282 -28.66 13.92 12.37
C GLU B 282 -27.80 13.17 13.40
N LEU B 283 -28.19 13.23 14.69
CA LEU B 283 -27.52 12.53 15.80
C LEU B 283 -28.42 11.43 16.32
N GLY B 284 -27.82 10.30 16.64
CA GLY B 284 -28.55 9.14 17.15
C GLY B 284 -27.83 8.43 18.28
N ALA B 285 -28.60 7.80 19.14
CA ALA B 285 -28.10 7.06 20.28
C ALA B 285 -29.02 5.88 20.51
N GLY B 286 -28.43 4.71 20.69
CA GLY B 286 -29.17 3.49 20.88
C GLY B 286 -28.46 2.49 21.76
N SER B 287 -29.19 1.41 22.12
CA SER B 287 -28.77 0.27 22.93
C SER B 287 -27.34 -0.14 22.72
N TRP B 288 -26.65 -0.43 23.83
CA TRP B 288 -25.27 -0.88 23.93
C TRP B 288 -24.28 0.14 23.35
N ASP B 289 -24.33 1.37 23.90
CA ASP B 289 -23.46 2.51 23.62
C ASP B 289 -23.26 2.79 22.15
N ASN B 290 -24.38 2.77 21.41
CA ASN B 290 -24.39 2.97 19.98
C ASN B 290 -24.70 4.41 19.64
N TYR B 291 -23.68 5.14 19.22
CA TYR B 291 -23.80 6.56 18.93
C TYR B 291 -23.53 6.82 17.46
N ARG B 292 -24.40 7.60 16.83
CA ARG B 292 -24.28 7.88 15.42
C ARG B 292 -24.43 9.35 15.10
N SER B 293 -23.67 9.85 14.11
CA SER B 293 -23.76 11.23 13.68
C SER B 293 -23.63 11.30 12.16
N GLU B 294 -24.39 12.22 11.52
CA GLU B 294 -24.42 12.35 10.05
C GLU B 294 -24.66 13.79 9.64
N LEU B 295 -23.91 14.26 8.64
CA LEU B 295 -24.05 15.60 8.09
C LEU B 295 -24.14 15.53 6.56
N ASP B 296 -25.19 16.12 5.99
CA ASP B 296 -25.37 16.13 4.55
C ASP B 296 -25.64 17.53 4.04
N VAL B 297 -24.85 18.00 3.07
CA VAL B 297 -25.04 19.32 2.48
C VAL B 297 -25.08 19.24 0.96
N SER B 298 -26.06 19.89 0.33
CA SER B 298 -26.22 19.86 -1.13
C SER B 298 -26.73 21.22 -1.67
N GLY B 299 -26.30 21.60 -2.87
CA GLY B 299 -26.72 22.85 -3.49
C GLY B 299 -25.87 23.37 -4.64
N PRO B 300 -26.32 24.47 -5.32
CA PRO B 300 -25.49 25.07 -6.39
C PRO B 300 -24.26 25.75 -5.81
N LEU B 301 -23.17 25.85 -6.58
CA LEU B 301 -21.95 26.50 -6.11
C LEU B 301 -21.60 27.77 -6.87
N THR B 302 -22.42 28.14 -7.87
CA THR B 302 -22.30 29.35 -8.70
C THR B 302 -23.72 30.00 -8.81
N GLU B 303 -23.80 31.33 -9.15
CA GLU B 303 -25.07 32.07 -9.27
C GLU B 303 -26.02 31.47 -10.32
N SER B 304 -25.48 31.01 -11.47
CA SER B 304 -26.24 30.39 -12.57
C SER B 304 -26.65 28.98 -12.19
N GLY B 305 -25.96 28.39 -11.22
CA GLY B 305 -26.20 27.05 -10.73
C GLY B 305 -25.67 25.99 -11.67
N ASN B 306 -24.78 26.41 -12.56
CA ASN B 306 -24.13 25.52 -13.52
C ASN B 306 -23.27 24.49 -12.79
N VAL B 307 -22.66 24.90 -11.69
CA VAL B 307 -21.84 24.02 -10.88
C VAL B 307 -22.63 23.67 -9.62
N ARG B 308 -22.67 22.38 -9.30
CA ARG B 308 -23.45 21.86 -8.17
C ARG B 308 -22.62 20.87 -7.41
N GLY B 309 -22.83 20.82 -6.10
CA GLY B 309 -22.10 19.93 -5.23
C GLY B 309 -22.91 19.38 -4.08
N ARG B 310 -22.44 18.26 -3.53
CA ARG B 310 -23.00 17.54 -2.39
C ARG B 310 -21.83 16.89 -1.64
N ALA B 311 -21.84 17.05 -0.33
CA ALA B 311 -20.81 16.52 0.53
C ALA B 311 -21.49 15.87 1.73
N VAL B 312 -21.14 14.62 2.00
CA VAL B 312 -21.69 13.85 3.13
C VAL B 312 -20.60 13.25 4.02
N ALA B 313 -20.79 13.35 5.33
CA ALA B 313 -19.86 12.84 6.34
C ALA B 313 -20.63 12.20 7.49
N ALA B 314 -20.29 10.96 7.84
CA ALA B 314 -20.96 10.24 8.91
C ALA B 314 -19.94 9.51 9.82
N TYR B 315 -20.30 9.34 11.10
CA TYR B 315 -19.50 8.64 12.07
C TYR B 315 -20.35 7.83 13.00
N GLN B 316 -19.96 6.57 13.21
CA GLN B 316 -20.64 5.66 14.11
C GLN B 316 -19.61 4.94 14.96
N ASP B 317 -19.87 4.92 16.25
CA ASP B 317 -19.07 4.30 17.27
C ASP B 317 -20.05 3.54 18.14
N LYS B 318 -19.97 2.21 18.10
CA LYS B 318 -20.87 1.39 18.86
C LYS B 318 -20.21 0.28 19.62
N HIS B 319 -20.95 -0.23 20.59
CA HIS B 319 -20.64 -1.40 21.37
C HIS B 319 -21.74 -2.37 20.99
N SER B 320 -21.79 -3.54 21.63
CA SER B 320 -22.75 -4.56 21.24
C SER B 320 -23.41 -5.17 22.43
N PHE B 321 -24.35 -6.07 22.17
CA PHE B 321 -24.99 -6.88 23.20
C PHE B 321 -23.97 -7.97 23.54
N MET B 322 -22.97 -8.14 22.64
CA MET B 322 -21.85 -9.05 22.76
C MET B 322 -20.72 -8.41 23.54
N ASP B 323 -20.16 -9.18 24.48
CA ASP B 323 -19.05 -8.82 25.34
C ASP B 323 -17.80 -8.43 24.56
N HIS B 324 -17.03 -7.47 25.12
CA HIS B 324 -15.76 -6.90 24.60
C HIS B 324 -15.78 -6.56 23.12
N TYR B 325 -16.92 -6.11 22.60
CA TYR B 325 -17.03 -5.75 21.19
C TYR B 325 -17.38 -4.29 21.02
N GLU B 326 -16.65 -3.61 20.11
CA GLU B 326 -16.80 -2.22 19.73
C GLU B 326 -16.39 -2.03 18.25
N ARG B 327 -17.16 -1.21 17.48
CA ARG B 327 -16.83 -0.88 16.09
C ARG B 327 -16.93 0.61 15.81
N LYS B 328 -15.94 1.18 15.09
CA LYS B 328 -15.88 2.59 14.67
C LYS B 328 -15.87 2.63 13.12
N THR B 329 -16.80 3.41 12.57
CA THR B 329 -17.04 3.57 11.14
C THR B 329 -17.02 5.05 10.75
N SER B 330 -16.36 5.36 9.63
CA SER B 330 -16.29 6.71 9.10
C SER B 330 -16.63 6.75 7.62
N VAL B 331 -17.54 7.64 7.23
CA VAL B 331 -17.89 7.81 5.83
C VAL B 331 -17.76 9.27 5.37
N TYR B 332 -17.12 9.45 4.23
CA TYR B 332 -16.88 10.74 3.61
C TYR B 332 -17.27 10.54 2.15
N TYR B 333 -17.93 11.54 1.59
CA TYR B 333 -18.39 11.52 0.21
C TYR B 333 -18.52 12.96 -0.29
N GLY B 334 -18.02 13.19 -1.50
CA GLY B 334 -18.05 14.49 -2.14
C GLY B 334 -18.25 14.31 -3.62
N ILE B 335 -19.16 15.10 -4.20
CA ILE B 335 -19.48 15.05 -5.63
C ILE B 335 -19.74 16.47 -6.19
N LEU B 336 -19.20 16.76 -7.40
CA LEU B 336 -19.33 17.99 -8.16
C LEU B 336 -19.81 17.68 -9.57
N GLU B 337 -20.83 18.44 -10.03
CA GLU B 337 -21.44 18.32 -11.35
C GLU B 337 -21.34 19.63 -12.06
N PHE B 338 -20.86 19.67 -13.27
CA PHE B 338 -20.93 20.98 -13.92
C PHE B 338 -21.36 20.83 -15.34
N ASP B 339 -22.21 21.76 -15.74
CA ASP B 339 -22.84 21.84 -17.05
C ASP B 339 -21.92 22.57 -18.04
N LEU B 340 -21.28 21.83 -18.93
CA LEU B 340 -20.42 22.42 -19.95
C LEU B 340 -21.29 23.25 -20.90
N ASN B 341 -22.45 22.68 -21.21
CA ASN B 341 -23.47 23.29 -22.07
C ASN B 341 -24.81 22.62 -21.74
N PRO B 342 -25.91 23.19 -22.22
CA PRO B 342 -27.20 22.55 -21.84
C PRO B 342 -27.34 21.05 -22.16
N ASP B 343 -26.47 20.48 -23.02
CA ASP B 343 -26.45 19.06 -23.44
C ASP B 343 -25.36 18.20 -22.80
N THR B 344 -24.25 18.81 -22.34
CA THR B 344 -23.10 18.09 -21.78
C THR B 344 -22.86 18.40 -20.32
N MET B 345 -22.60 17.34 -19.54
CA MET B 345 -22.32 17.41 -18.11
C MET B 345 -21.13 16.53 -17.69
N LEU B 346 -20.21 17.11 -16.91
CA LEU B 346 -19.05 16.44 -16.35
C LEU B 346 -19.22 16.29 -14.84
N THR B 347 -18.92 15.10 -14.31
CA THR B 347 -19.03 14.76 -12.91
C THR B 347 -17.68 14.22 -12.36
N VAL B 348 -17.28 14.67 -11.17
CA VAL B 348 -16.12 14.17 -10.44
C VAL B 348 -16.56 13.96 -9.01
N GLY B 349 -16.30 12.78 -8.49
CA GLY B 349 -16.66 12.43 -7.13
C GLY B 349 -15.70 11.44 -6.49
N ALA B 350 -15.81 11.31 -5.17
CA ALA B 350 -15.00 10.39 -4.39
C ALA B 350 -15.72 10.05 -3.10
N ASP B 351 -15.54 8.81 -2.64
CA ASP B 351 -16.12 8.34 -1.39
C ASP B 351 -15.14 7.45 -0.63
N TYR B 352 -15.21 7.53 0.70
CA TYR B 352 -14.34 6.84 1.62
C TYR B 352 -15.18 6.18 2.69
N GLN B 353 -14.70 5.03 3.21
CA GLN B 353 -15.32 4.30 4.31
C GLN B 353 -14.34 3.38 5.01
N ASP B 354 -14.26 3.53 6.32
CA ASP B 354 -13.40 2.68 7.13
C ASP B 354 -14.23 2.08 8.22
N ASN B 355 -14.09 0.76 8.42
CA ASN B 355 -14.80 -0.07 9.40
C ASN B 355 -13.73 -0.69 10.30
N ASP B 356 -13.65 -0.22 11.56
CA ASP B 356 -12.62 -0.68 12.49
C ASP B 356 -13.20 -1.30 13.78
N PRO B 357 -13.36 -2.65 13.83
CA PRO B 357 -13.83 -3.30 15.06
C PRO B 357 -12.69 -3.80 15.97
N LYS B 358 -13.02 -3.99 17.24
CA LYS B 358 -12.14 -4.57 18.24
C LYS B 358 -12.96 -5.63 18.96
N GLY B 359 -12.44 -6.85 19.09
CA GLY B 359 -13.17 -7.93 19.75
C GLY B 359 -13.92 -8.80 18.78
N SER B 360 -13.61 -8.70 17.46
CA SER B 360 -14.22 -9.49 16.37
C SER B 360 -14.17 -11.00 16.64
N GLY B 361 -15.31 -11.65 16.51
CA GLY B 361 -15.40 -13.09 16.66
C GLY B 361 -14.89 -13.74 15.39
N TRP B 362 -14.52 -15.01 15.44
CA TRP B 362 -14.01 -15.65 14.22
C TRP B 362 -15.04 -16.60 13.61
N SER B 363 -15.19 -17.77 14.21
CA SER B 363 -16.17 -18.71 13.69
C SER B 363 -17.37 -18.58 14.60
N GLY B 364 -18.42 -18.01 14.07
CA GLY B 364 -19.63 -17.79 14.87
C GLY B 364 -19.37 -16.89 16.05
N SER B 365 -19.88 -17.29 17.26
CA SER B 365 -19.74 -16.53 18.52
C SER B 365 -19.36 -17.49 19.63
N PHE B 366 -19.73 -18.77 19.45
CA PHE B 366 -19.39 -19.81 20.41
C PHE B 366 -19.34 -21.19 19.77
N PRO B 367 -18.61 -22.18 20.34
CA PRO B 367 -18.64 -23.54 19.75
C PRO B 367 -19.97 -24.23 20.02
N LEU B 368 -20.46 -25.01 19.06
CA LEU B 368 -21.70 -25.75 19.25
C LEU B 368 -21.59 -26.82 20.36
N PHE B 369 -20.45 -27.49 20.45
CA PHE B 369 -20.26 -28.55 21.45
C PHE B 369 -19.01 -28.40 22.32
N ASP B 370 -19.10 -28.95 23.53
CA ASP B 370 -17.99 -28.98 24.49
C ASP B 370 -17.05 -30.14 24.17
N SER B 371 -15.89 -30.18 24.80
CA SER B 371 -14.92 -31.26 24.50
C SER B 371 -15.50 -32.70 24.53
N GLN B 372 -16.59 -32.92 25.31
CA GLN B 372 -17.25 -34.24 25.45
C GLN B 372 -18.28 -34.53 24.37
N GLY B 373 -18.66 -33.51 23.62
CA GLY B 373 -19.65 -33.61 22.54
C GLY B 373 -21.01 -33.07 22.89
N ASN B 374 -21.19 -32.65 24.16
CA ASN B 374 -22.46 -32.11 24.66
C ASN B 374 -22.65 -30.71 24.10
N ARG B 375 -23.91 -30.33 23.77
CA ARG B 375 -24.23 -29.02 23.22
C ARG B 375 -23.98 -27.95 24.25
N ASN B 376 -23.35 -26.84 23.83
CA ASN B 376 -23.02 -25.71 24.71
C ASN B 376 -24.23 -24.84 25.00
N ASP B 377 -24.26 -24.24 26.19
CA ASP B 377 -25.34 -23.34 26.57
C ASP B 377 -24.72 -22.02 27.00
N VAL B 378 -24.55 -21.08 26.05
CA VAL B 378 -23.96 -19.79 26.41
C VAL B 378 -24.98 -18.67 26.25
N SER B 379 -24.79 -17.61 27.03
CA SER B 379 -25.64 -16.42 27.02
C SER B 379 -25.46 -15.59 25.75
N ARG B 380 -26.48 -14.84 25.37
CA ARG B 380 -26.41 -14.01 24.17
C ARG B 380 -25.23 -13.00 24.16
N SER B 381 -24.68 -12.66 25.33
CA SER B 381 -23.55 -11.74 25.44
C SER B 381 -22.20 -12.38 25.16
N PHE B 382 -22.13 -13.73 25.09
CA PHE B 382 -20.88 -14.45 24.81
C PHE B 382 -20.23 -14.05 23.45
N ASN B 383 -18.94 -13.72 23.52
CA ASN B 383 -18.15 -13.39 22.34
C ASN B 383 -16.82 -14.16 22.37
N ASN B 384 -16.62 -15.02 21.40
CA ASN B 384 -15.40 -15.84 21.30
C ASN B 384 -14.09 -15.09 21.04
N GLY B 385 -14.15 -14.03 20.24
CA GLY B 385 -12.96 -13.27 19.90
C GLY B 385 -12.21 -12.56 21.00
N ALA B 386 -10.89 -12.50 20.86
CA ALA B 386 -10.00 -11.84 21.82
C ALA B 386 -10.22 -10.34 21.69
N LYS B 387 -9.88 -9.59 22.75
CA LYS B 387 -10.04 -8.13 22.80
C LYS B 387 -9.41 -7.39 21.59
N TRP B 388 -8.21 -7.86 21.13
CA TRP B 388 -7.43 -7.30 20.02
C TRP B 388 -7.83 -7.79 18.63
N SER B 389 -8.66 -8.85 18.56
CA SER B 389 -9.12 -9.46 17.30
C SER B 389 -9.88 -8.41 16.50
N SER B 390 -9.54 -8.28 15.21
CA SER B 390 -10.11 -7.26 14.35
C SER B 390 -10.21 -7.67 12.88
N TRP B 391 -11.39 -7.51 12.30
CA TRP B 391 -11.47 -7.68 10.88
C TRP B 391 -11.76 -6.25 10.45
N GLU B 392 -10.70 -5.54 10.08
CA GLU B 392 -10.77 -4.14 9.63
C GLU B 392 -10.96 -4.13 8.10
N GLN B 393 -12.05 -3.45 7.62
CA GLN B 393 -12.41 -3.37 6.18
C GLN B 393 -12.52 -1.93 5.71
N TYR B 394 -11.91 -1.60 4.58
CA TYR B 394 -11.95 -0.23 4.02
C TYR B 394 -12.26 -0.21 2.53
N THR B 395 -12.80 0.91 2.05
CA THR B 395 -13.17 1.17 0.65
C THR B 395 -12.95 2.65 0.33
N ARG B 396 -12.56 2.93 -0.92
CA ARG B 396 -12.40 4.26 -1.48
C ARG B 396 -12.58 4.19 -3.01
N THR B 397 -13.44 5.10 -3.55
CA THR B 397 -13.78 5.18 -4.97
C THR B 397 -13.48 6.58 -5.47
N VAL B 398 -12.96 6.69 -6.67
CA VAL B 398 -12.74 7.98 -7.32
C VAL B 398 -13.38 7.80 -8.66
N PHE B 399 -14.42 8.59 -8.94
CA PHE B 399 -15.11 8.45 -10.20
C PHE B 399 -15.23 9.78 -10.97
N ALA B 400 -15.39 9.65 -12.28
CA ALA B 400 -15.61 10.77 -13.19
C ALA B 400 -16.64 10.33 -14.24
N ASN B 401 -17.63 11.17 -14.52
CA ASN B 401 -18.69 10.84 -15.49
C ASN B 401 -18.89 11.89 -16.57
N LEU B 402 -19.10 11.46 -17.81
CA LEU B 402 -19.40 12.39 -18.89
C LEU B 402 -20.72 11.97 -19.55
N GLU B 403 -21.68 12.88 -19.62
CA GLU B 403 -23.00 12.61 -20.20
C GLU B 403 -23.37 13.63 -21.29
N HIS B 404 -23.80 13.11 -22.45
CA HIS B 404 -24.20 13.94 -23.58
C HIS B 404 -25.58 13.62 -24.11
N ASN B 405 -26.40 14.68 -24.29
CA ASN B 405 -27.73 14.60 -24.90
C ASN B 405 -27.57 14.94 -26.36
N PHE B 406 -27.88 13.99 -27.24
CA PHE B 406 -27.80 14.18 -28.68
C PHE B 406 -29.19 14.59 -29.20
N ALA B 407 -29.24 15.32 -30.32
CA ALA B 407 -30.44 15.85 -31.00
C ALA B 407 -31.50 14.81 -31.36
N ASN B 408 -31.10 13.54 -31.55
CA ASN B 408 -32.01 12.42 -31.92
C ASN B 408 -32.71 11.74 -30.71
N GLY B 409 -32.72 12.40 -29.56
CA GLY B 409 -33.30 11.86 -28.33
C GLY B 409 -32.39 10.87 -27.62
N TRP B 410 -31.20 10.61 -28.19
CA TRP B 410 -30.22 9.68 -27.66
C TRP B 410 -29.27 10.31 -26.65
N VAL B 411 -28.80 9.47 -25.73
CA VAL B 411 -27.88 9.84 -24.66
C VAL B 411 -26.67 8.90 -24.73
N GLY B 412 -25.51 9.47 -24.46
CA GLY B 412 -24.22 8.78 -24.37
C GLY B 412 -23.63 9.01 -23.00
N LYS B 413 -23.06 7.98 -22.38
CA LYS B 413 -22.45 8.14 -21.05
C LYS B 413 -21.10 7.45 -20.94
N VAL B 414 -20.10 8.18 -20.36
CA VAL B 414 -18.76 7.68 -20.06
C VAL B 414 -18.52 7.73 -18.55
N GLN B 415 -18.17 6.55 -17.95
CA GLN B 415 -17.91 6.34 -16.52
C GLN B 415 -16.52 5.67 -16.23
N LEU B 416 -15.61 6.44 -15.63
CA LEU B 416 -14.27 6.02 -15.19
C LEU B 416 -14.23 5.92 -13.67
N ASP B 417 -13.80 4.75 -13.17
CA ASP B 417 -13.70 4.45 -11.75
C ASP B 417 -12.39 3.79 -11.36
N HIS B 418 -11.86 4.24 -10.19
CA HIS B 418 -10.69 3.68 -9.53
C HIS B 418 -11.11 3.29 -8.12
N LYS B 419 -11.26 1.98 -7.83
CA LYS B 419 -11.71 1.49 -6.53
C LYS B 419 -10.62 0.74 -5.73
N ILE B 420 -10.72 0.81 -4.39
CA ILE B 420 -9.87 0.09 -3.45
C ILE B 420 -10.81 -0.59 -2.46
N ASN B 421 -10.52 -1.83 -2.11
CA ASN B 421 -11.34 -2.67 -1.22
C ASN B 421 -10.34 -3.56 -0.53
N GLY B 422 -10.01 -3.19 0.68
CA GLY B 422 -9.03 -3.90 1.46
C GLY B 422 -9.50 -4.32 2.84
N TYR B 423 -8.57 -4.99 3.57
CA TYR B 423 -8.80 -5.55 4.90
C TYR B 423 -7.45 -5.80 5.62
N HIS B 424 -7.45 -5.59 6.94
CA HIS B 424 -6.31 -5.83 7.84
C HIS B 424 -6.91 -6.58 9.03
N ALA B 425 -6.87 -7.92 8.97
CA ALA B 425 -7.51 -8.81 9.91
C ALA B 425 -6.59 -9.65 10.82
N PRO B 426 -6.01 -9.09 11.92
CA PRO B 426 -5.28 -9.94 12.87
C PRO B 426 -6.32 -10.59 13.81
N LEU B 427 -6.84 -11.78 13.42
CA LEU B 427 -7.88 -12.53 14.13
C LEU B 427 -7.38 -13.45 15.24
N GLY B 428 -8.21 -13.70 16.24
CA GLY B 428 -7.93 -14.56 17.38
C GLY B 428 -9.19 -14.80 18.18
N ALA B 429 -9.59 -16.10 18.36
CA ALA B 429 -10.83 -16.47 19.06
C ALA B 429 -10.82 -17.88 19.62
N ILE B 430 -11.66 -18.15 20.68
CA ILE B 430 -11.81 -19.51 21.23
C ILE B 430 -12.36 -20.33 20.08
N MET B 431 -11.65 -21.39 19.72
CA MET B 431 -12.09 -22.20 18.59
C MET B 431 -11.79 -23.69 18.78
N GLY B 432 -12.79 -24.51 18.49
CA GLY B 432 -12.71 -25.95 18.63
C GLY B 432 -13.72 -26.45 19.64
N ASP B 433 -13.67 -27.75 19.95
CA ASP B 433 -14.57 -28.39 20.92
C ASP B 433 -14.23 -27.95 22.36
N TRP B 434 -14.71 -26.76 22.74
CA TRP B 434 -14.46 -26.13 24.03
C TRP B 434 -15.78 -25.71 24.70
N PRO B 435 -15.89 -25.67 26.06
CA PRO B 435 -14.83 -25.87 27.07
C PRO B 435 -14.47 -27.32 27.40
N ALA B 436 -13.30 -27.48 28.02
CA ALA B 436 -12.83 -28.76 28.49
C ALA B 436 -13.44 -28.92 29.92
N PRO B 437 -13.48 -30.13 30.54
CA PRO B 437 -14.13 -30.27 31.86
C PRO B 437 -13.66 -29.30 32.96
N ASP B 438 -12.38 -28.89 32.93
CA ASP B 438 -11.78 -27.95 33.90
C ASP B 438 -12.02 -26.47 33.46
N ASN B 439 -13.11 -26.22 32.68
CA ASN B 439 -13.48 -24.90 32.14
C ASN B 439 -12.34 -24.20 31.35
N SER B 440 -11.56 -25.01 30.61
CA SER B 440 -10.44 -24.54 29.80
C SER B 440 -10.86 -24.44 28.33
N ALA B 441 -10.13 -23.62 27.58
CA ALA B 441 -10.36 -23.44 26.15
C ALA B 441 -9.06 -23.10 25.47
N LYS B 442 -9.01 -23.20 24.13
CA LYS B 442 -7.88 -22.87 23.27
C LYS B 442 -8.28 -21.86 22.22
N ILE B 443 -7.35 -20.95 21.92
CA ILE B 443 -7.49 -19.83 20.97
C ILE B 443 -6.79 -20.17 19.66
N VAL B 444 -7.43 -19.81 18.57
CA VAL B 444 -6.90 -19.97 17.22
C VAL B 444 -6.73 -18.54 16.73
N ALA B 445 -5.51 -18.18 16.27
CA ALA B 445 -5.14 -16.84 15.75
C ALA B 445 -4.44 -16.91 14.39
N GLN B 446 -4.99 -16.20 13.40
CA GLN B 446 -4.44 -16.09 12.03
C GLN B 446 -4.67 -14.68 11.52
N LYS B 447 -3.73 -14.16 10.76
CA LYS B 447 -3.79 -12.81 10.21
C LYS B 447 -3.83 -12.83 8.69
N TYR B 448 -4.77 -12.09 8.14
CA TYR B 448 -4.99 -11.97 6.70
C TYR B 448 -4.93 -10.50 6.38
N THR B 449 -4.15 -10.10 5.38
CA THR B 449 -4.02 -8.70 4.93
C THR B 449 -4.00 -8.66 3.42
N GLY B 450 -5.00 -8.02 2.85
CA GLY B 450 -5.14 -7.92 1.41
C GLY B 450 -5.79 -6.65 0.93
N GLU B 451 -5.57 -6.34 -0.35
CA GLU B 451 -6.12 -5.17 -1.02
C GLU B 451 -6.36 -5.47 -2.49
N THR B 452 -7.48 -4.96 -3.02
CA THR B 452 -7.85 -5.10 -4.43
C THR B 452 -8.00 -3.70 -5.04
N LYS B 453 -7.15 -3.34 -6.03
CA LYS B 453 -7.22 -2.06 -6.75
C LYS B 453 -7.92 -2.34 -8.07
N SER B 454 -9.01 -1.59 -8.39
CA SER B 454 -9.74 -1.79 -9.65
C SER B 454 -9.83 -0.52 -10.48
N ASN B 455 -9.67 -0.66 -11.80
CA ASN B 455 -9.79 0.41 -12.77
C ASN B 455 -10.77 -0.01 -13.81
N SER B 456 -11.95 0.63 -13.84
CA SER B 456 -13.00 0.30 -14.80
C SER B 456 -13.33 1.48 -15.73
N LEU B 457 -13.70 1.15 -16.99
CA LEU B 457 -14.17 2.10 -18.00
C LEU B 457 -15.45 1.56 -18.61
N ASP B 458 -16.49 2.39 -18.61
CA ASP B 458 -17.78 1.98 -19.12
C ASP B 458 -18.45 3.10 -19.98
N ILE B 459 -18.52 2.88 -21.30
CA ILE B 459 -19.17 3.72 -22.31
C ILE B 459 -20.49 3.01 -22.77
N TYR B 460 -21.61 3.73 -22.86
CA TYR B 460 -22.88 3.18 -23.37
C TYR B 460 -23.76 4.24 -24.05
N LEU B 461 -24.54 3.81 -25.05
CA LEU B 461 -25.44 4.64 -25.84
C LEU B 461 -26.87 4.12 -25.78
N THR B 462 -27.83 5.01 -25.56
CA THR B 462 -29.23 4.61 -25.54
C THR B 462 -30.11 5.62 -26.19
N GLY B 463 -31.21 5.15 -26.81
CA GLY B 463 -32.22 6.00 -27.44
C GLY B 463 -33.28 5.30 -28.26
N PRO B 464 -34.30 6.05 -28.69
CA PRO B 464 -35.40 5.52 -29.50
C PRO B 464 -35.09 5.31 -31.00
N PHE B 465 -35.72 4.31 -31.61
CA PHE B 465 -35.59 4.06 -33.05
C PHE B 465 -36.95 3.65 -33.63
N GLN B 466 -37.18 3.88 -34.92
CA GLN B 466 -38.46 3.55 -35.51
C GLN B 466 -38.41 2.43 -36.56
N PHE B 467 -39.23 1.41 -36.35
CA PHE B 467 -39.35 0.28 -37.25
C PHE B 467 -40.84 -0.03 -37.43
N LEU B 468 -41.32 -0.11 -38.67
CA LEU B 468 -42.74 -0.39 -38.98
C LEU B 468 -43.75 0.57 -38.32
N GLY B 469 -43.43 1.86 -38.37
CA GLY B 469 -44.19 2.96 -37.77
C GLY B 469 -44.37 2.98 -36.26
N ARG B 470 -43.52 2.27 -35.50
CA ARG B 470 -43.58 2.19 -34.04
C ARG B 470 -42.27 2.70 -33.50
N GLU B 471 -42.27 3.09 -32.23
CA GLU B 471 -41.09 3.57 -31.53
C GLU B 471 -40.56 2.56 -30.54
N HIS B 472 -39.28 2.17 -30.72
CA HIS B 472 -38.60 1.19 -29.90
C HIS B 472 -37.42 1.87 -29.24
N GLU B 473 -36.72 1.18 -28.32
CA GLU B 473 -35.50 1.71 -27.68
C GLU B 473 -34.35 0.70 -27.71
N LEU B 474 -33.11 1.20 -27.75
CA LEU B 474 -31.91 0.38 -27.83
C LEU B 474 -30.85 0.83 -26.89
N VAL B 475 -30.06 -0.17 -26.36
CA VAL B 475 -28.87 0.04 -25.51
C VAL B 475 -27.74 -0.73 -26.12
N VAL B 476 -26.62 -0.06 -26.30
CA VAL B 476 -25.39 -0.62 -26.84
C VAL B 476 -24.27 -0.13 -25.94
N GLY B 477 -23.43 -1.05 -25.47
CA GLY B 477 -22.36 -0.67 -24.56
C GLY B 477 -21.13 -1.54 -24.60
N THR B 478 -20.06 -1.02 -24.00
CA THR B 478 -18.80 -1.71 -23.88
C THR B 478 -18.25 -1.41 -22.48
N SER B 479 -17.55 -2.38 -21.90
CA SER B 479 -16.96 -2.21 -20.58
C SER B 479 -15.62 -2.92 -20.51
N ALA B 480 -14.68 -2.37 -19.71
CA ALA B 480 -13.35 -2.96 -19.48
C ALA B 480 -12.98 -2.76 -18.01
N SER B 481 -12.48 -3.82 -17.38
CA SER B 481 -12.09 -3.80 -15.97
C SER B 481 -10.76 -4.49 -15.77
N PHE B 482 -9.91 -3.88 -14.93
CA PHE B 482 -8.56 -4.37 -14.60
C PHE B 482 -8.46 -4.26 -13.11
N SER B 483 -8.39 -5.42 -12.47
CA SER B 483 -8.38 -5.62 -11.04
C SER B 483 -7.08 -6.31 -10.60
N HIS B 484 -6.52 -5.91 -9.46
CA HIS B 484 -5.29 -6.49 -8.93
C HIS B 484 -5.46 -6.77 -7.43
N TRP B 485 -5.34 -8.05 -7.04
CA TRP B 485 -5.50 -8.52 -5.66
C TRP B 485 -4.21 -9.04 -5.06
N GLU B 486 -3.70 -8.31 -4.11
CA GLU B 486 -2.52 -8.71 -3.38
C GLU B 486 -2.95 -9.03 -1.96
N GLY B 487 -2.37 -10.07 -1.38
CA GLY B 487 -2.68 -10.53 -0.03
C GLY B 487 -1.62 -11.41 0.59
N LYS B 488 -1.49 -11.38 1.92
CA LYS B 488 -0.57 -12.22 2.67
C LYS B 488 -1.42 -12.92 3.73
N SER B 489 -1.02 -14.12 4.11
CA SER B 489 -1.75 -14.91 5.11
C SER B 489 -0.73 -15.49 6.11
N TYR B 490 -0.93 -15.24 7.42
CA TYR B 490 -0.01 -15.68 8.49
C TYR B 490 -0.64 -16.71 9.43
N TRP B 491 -0.10 -17.94 9.48
CA TRP B 491 -0.61 -19.02 10.35
C TRP B 491 0.50 -19.81 11.07
N ASN B 492 1.78 -19.40 10.92
CA ASN B 492 2.89 -20.05 11.60
C ASN B 492 3.40 -19.06 12.63
N LEU B 493 2.71 -19.04 13.79
CA LEU B 493 2.98 -18.12 14.90
C LEU B 493 4.19 -18.53 15.74
N ARG B 494 4.90 -17.53 16.25
CA ARG B 494 6.08 -17.81 17.04
C ARG B 494 5.83 -17.83 18.54
N ASN B 495 6.18 -18.95 19.17
CA ASN B 495 6.15 -19.08 20.63
C ASN B 495 4.88 -18.60 21.30
N TYR B 496 3.73 -19.01 20.80
CA TYR B 496 2.48 -18.49 21.32
C TYR B 496 1.73 -19.46 22.25
N ASP B 497 1.35 -18.97 23.48
CA ASP B 497 0.54 -19.76 24.43
C ASP B 497 -0.91 -19.35 24.18
N ASN B 498 -1.66 -20.27 23.56
CA ASN B 498 -3.04 -20.05 23.15
C ASN B 498 -4.08 -20.65 24.09
N THR B 499 -3.75 -20.85 25.36
CA THR B 499 -4.71 -21.42 26.32
C THR B 499 -5.28 -20.37 27.28
N THR B 500 -6.54 -20.53 27.67
CA THR B 500 -7.17 -19.64 28.63
C THR B 500 -7.81 -20.48 29.74
N ASP B 501 -7.57 -20.11 30.99
CA ASP B 501 -8.13 -20.81 32.15
C ASP B 501 -9.66 -20.76 32.29
N ASP B 502 -10.27 -19.63 31.98
CA ASP B 502 -11.72 -19.48 32.12
C ASP B 502 -12.46 -19.26 30.78
N PHE B 503 -13.43 -20.13 30.50
CA PHE B 503 -14.23 -20.06 29.28
C PHE B 503 -15.59 -19.40 29.51
N ILE B 504 -16.29 -19.82 30.55
CA ILE B 504 -17.59 -19.26 30.94
C ILE B 504 -17.50 -17.75 31.22
N ASN B 505 -16.40 -17.28 31.78
CA ASN B 505 -16.23 -15.86 32.12
C ASN B 505 -15.31 -15.08 31.17
N TRP B 506 -15.10 -15.62 29.98
CA TRP B 506 -14.22 -15.08 28.95
C TRP B 506 -14.59 -13.62 28.59
N ASP B 507 -13.63 -12.72 28.83
CA ASP B 507 -13.70 -11.29 28.52
C ASP B 507 -12.70 -10.95 27.38
N GLY B 508 -12.23 -11.97 26.68
CA GLY B 508 -11.33 -11.81 25.53
C GLY B 508 -9.88 -11.47 25.86
N ASP B 509 -9.48 -11.74 27.09
CA ASP B 509 -8.12 -11.41 27.50
C ASP B 509 -7.08 -12.51 27.34
N ILE B 510 -6.39 -12.39 26.22
CA ILE B 510 -5.24 -13.20 25.82
C ILE B 510 -4.30 -12.25 25.03
N GLY B 511 -3.00 -12.47 25.13
CA GLY B 511 -2.01 -11.67 24.42
C GLY B 511 -2.03 -11.93 22.93
N LYS B 512 -1.49 -10.97 22.15
CA LYS B 512 -1.43 -11.04 20.68
C LYS B 512 -0.19 -11.83 20.27
N PRO B 513 -0.34 -12.78 19.35
CA PRO B 513 0.74 -13.66 18.89
C PRO B 513 1.74 -13.02 17.94
N ASP B 514 2.91 -13.65 17.85
CA ASP B 514 3.93 -13.20 16.94
C ASP B 514 3.46 -13.92 15.70
N TRP B 515 3.02 -13.15 14.71
CA TRP B 515 2.49 -13.70 13.48
C TRP B 515 3.50 -14.45 12.64
N GLY B 516 4.78 -14.13 12.87
CA GLY B 516 5.84 -14.72 12.09
C GLY B 516 5.90 -14.07 10.72
N THR B 517 6.18 -14.90 9.72
CA THR B 517 6.32 -14.51 8.32
C THR B 517 5.14 -15.03 7.46
N PRO B 518 4.79 -14.41 6.28
CA PRO B 518 3.64 -14.92 5.51
C PRO B 518 3.78 -16.38 5.13
N SER B 519 2.71 -17.13 5.39
CA SER B 519 2.55 -18.59 5.16
C SER B 519 1.96 -18.87 3.77
N GLN B 520 1.43 -17.80 3.10
CA GLN B 520 0.79 -17.82 1.79
C GLN B 520 0.68 -16.39 1.24
N TYR B 521 0.83 -16.23 -0.08
CA TYR B 521 0.75 -14.96 -0.79
C TYR B 521 -0.26 -15.07 -1.94
N ILE B 522 -0.95 -13.96 -2.18
CA ILE B 522 -1.90 -13.88 -3.26
C ILE B 522 -1.53 -12.69 -4.13
N ASP B 523 -1.44 -12.91 -5.43
CA ASP B 523 -1.15 -11.84 -6.37
C ASP B 523 -1.89 -12.15 -7.66
N ASP B 524 -3.12 -11.69 -7.76
CA ASP B 524 -3.95 -11.97 -8.94
C ASP B 524 -4.34 -10.75 -9.75
N LYS B 525 -4.13 -10.82 -11.06
CA LYS B 525 -4.51 -9.76 -11.99
C LYS B 525 -5.66 -10.25 -12.86
N THR B 526 -6.81 -9.56 -12.82
CA THR B 526 -8.01 -9.94 -13.57
C THR B 526 -8.37 -8.81 -14.54
N ARG B 527 -8.66 -9.20 -15.80
CA ARG B 527 -9.01 -8.35 -16.93
C ARG B 527 -10.35 -8.89 -17.49
N GLN B 528 -11.45 -8.13 -17.32
CA GLN B 528 -12.75 -8.52 -17.87
C GLN B 528 -13.22 -7.49 -18.90
N LEU B 529 -13.55 -7.96 -20.12
CA LEU B 529 -14.03 -7.14 -21.22
C LEU B 529 -15.45 -7.54 -21.60
N GLY B 530 -16.34 -6.55 -21.69
CA GLY B 530 -17.73 -6.78 -22.07
C GLY B 530 -18.27 -5.95 -23.22
N SER B 531 -19.35 -6.47 -23.83
CA SER B 531 -20.12 -5.86 -24.90
C SER B 531 -21.57 -6.31 -24.73
N TYR B 532 -22.49 -5.34 -24.68
CA TYR B 532 -23.91 -5.62 -24.54
C TYR B 532 -24.73 -4.82 -25.55
N MET B 533 -25.90 -5.34 -25.87
CA MET B 533 -26.87 -4.72 -26.75
C MET B 533 -28.23 -5.26 -26.33
N THR B 534 -29.21 -4.36 -26.17
CA THR B 534 -30.57 -4.73 -25.76
C THR B 534 -31.56 -3.88 -26.53
N ALA B 535 -32.54 -4.53 -27.14
CA ALA B 535 -33.60 -3.85 -27.84
C ALA B 535 -34.93 -4.15 -27.17
N ARG B 536 -35.74 -3.12 -27.01
CA ARG B 536 -37.07 -3.24 -26.47
C ARG B 536 -38.00 -2.80 -27.57
N PHE B 537 -38.63 -3.77 -28.21
CA PHE B 537 -39.53 -3.50 -29.31
C PHE B 537 -40.96 -3.30 -28.79
N ASN B 538 -41.60 -2.20 -29.21
CA ASN B 538 -43.00 -1.93 -28.94
C ASN B 538 -43.74 -2.56 -30.14
N VAL B 539 -44.05 -3.86 -30.00
CA VAL B 539 -44.65 -4.74 -31.02
C VAL B 539 -46.09 -4.36 -31.34
N THR B 540 -46.92 -4.21 -30.28
CA THR B 540 -48.35 -3.91 -30.30
C THR B 540 -48.54 -2.93 -29.16
N ASP B 541 -49.74 -2.40 -29.03
CA ASP B 541 -50.04 -1.51 -27.93
C ASP B 541 -49.90 -2.29 -26.64
N ASP B 542 -50.31 -3.55 -26.67
CA ASP B 542 -50.23 -4.42 -25.50
C ASP B 542 -48.97 -5.31 -25.36
N LEU B 543 -48.15 -5.41 -26.39
CA LEU B 543 -46.96 -6.25 -26.32
C LEU B 543 -45.68 -5.50 -26.54
N ASN B 544 -44.67 -5.80 -25.69
CA ASN B 544 -43.30 -5.28 -25.72
C ASN B 544 -42.33 -6.45 -25.55
N LEU B 545 -41.44 -6.64 -26.54
CA LEU B 545 -40.44 -7.72 -26.57
C LEU B 545 -39.02 -7.23 -26.28
N PHE B 546 -38.29 -7.95 -25.40
CA PHE B 546 -36.91 -7.68 -25.02
C PHE B 546 -36.00 -8.75 -25.57
N LEU B 547 -35.01 -8.31 -26.35
CA LEU B 547 -33.98 -9.14 -26.92
C LEU B 547 -32.65 -8.43 -26.76
N GLY B 548 -31.72 -9.12 -26.13
CA GLY B 548 -30.38 -8.61 -25.90
C GLY B 548 -29.41 -9.69 -25.49
N GLY B 549 -28.18 -9.30 -25.22
CA GLY B 549 -27.17 -10.25 -24.79
C GLY B 549 -25.87 -9.60 -24.47
N ARG B 550 -24.96 -10.37 -23.87
CA ARG B 550 -23.62 -9.91 -23.52
C ARG B 550 -22.57 -10.91 -23.99
N VAL B 551 -21.43 -10.40 -24.47
CA VAL B 551 -20.28 -11.21 -24.88
C VAL B 551 -19.19 -10.80 -23.89
N VAL B 552 -18.62 -11.81 -23.22
CA VAL B 552 -17.65 -11.64 -22.12
C VAL B 552 -16.34 -12.33 -22.42
N ASP B 553 -15.22 -11.60 -22.15
CA ASP B 553 -13.83 -12.03 -22.22
C ASP B 553 -13.31 -11.87 -20.79
N TYR B 554 -12.68 -12.92 -20.26
CA TYR B 554 -12.21 -12.99 -18.86
C TYR B 554 -10.85 -13.66 -18.78
N ARG B 555 -9.90 -13.03 -18.07
CA ARG B 555 -8.53 -13.54 -17.96
C ARG B 555 -7.95 -13.24 -16.59
N VAL B 556 -7.41 -14.27 -15.90
CA VAL B 556 -6.79 -14.12 -14.59
C VAL B 556 -5.34 -14.59 -14.62
N THR B 557 -4.40 -13.72 -14.25
CA THR B 557 -2.98 -14.05 -14.20
C THR B 557 -2.50 -13.93 -12.75
N GLY B 558 -1.45 -14.64 -12.40
CA GLY B 558 -0.94 -14.61 -11.03
C GLY B 558 0.08 -15.68 -10.72
N LEU B 559 0.13 -16.11 -9.44
CA LEU B 559 1.08 -17.13 -8.96
C LEU B 559 0.66 -18.53 -9.39
N ASN B 560 -0.66 -18.73 -9.61
CA ASN B 560 -1.29 -19.98 -10.07
C ASN B 560 -1.36 -19.96 -11.62
N PRO B 561 -1.80 -21.05 -12.32
CA PRO B 561 -1.81 -21.00 -13.80
C PRO B 561 -2.90 -20.07 -14.36
N THR B 562 -2.58 -19.39 -15.49
CA THR B 562 -3.45 -18.43 -16.17
C THR B 562 -4.78 -19.05 -16.60
N ILE B 563 -5.89 -18.35 -16.27
CA ILE B 563 -7.27 -18.71 -16.62
C ILE B 563 -7.67 -17.81 -17.80
N ARG B 564 -8.13 -18.40 -18.90
CA ARG B 564 -8.51 -17.66 -20.11
C ARG B 564 -9.86 -18.11 -20.55
N GLU B 565 -10.80 -17.17 -20.68
CA GLU B 565 -12.17 -17.43 -21.14
C GLU B 565 -12.57 -16.39 -22.14
N SER B 566 -12.77 -16.77 -23.40
CA SER B 566 -13.15 -15.85 -24.46
C SER B 566 -14.52 -16.14 -25.03
N GLY B 567 -15.15 -15.11 -25.58
CA GLY B 567 -16.45 -15.15 -26.24
C GLY B 567 -17.55 -15.88 -25.48
N ARG B 568 -17.76 -15.46 -24.24
CA ARG B 568 -18.79 -16.09 -23.47
C ARG B 568 -20.09 -15.29 -23.54
N PHE B 569 -21.04 -15.88 -24.25
CA PHE B 569 -22.36 -15.35 -24.51
C PHE B 569 -23.28 -15.52 -23.28
N ILE B 570 -24.11 -14.47 -22.99
CA ILE B 570 -25.13 -14.40 -21.93
C ILE B 570 -26.40 -13.87 -22.64
N PRO B 571 -27.45 -14.72 -22.84
CA PRO B 571 -28.65 -14.26 -23.54
C PRO B 571 -29.63 -13.48 -22.67
N TYR B 572 -30.55 -12.73 -23.30
CA TYR B 572 -31.60 -11.97 -22.62
C TYR B 572 -32.87 -11.94 -23.47
N VAL B 573 -33.90 -12.65 -23.03
CA VAL B 573 -35.20 -12.74 -23.71
C VAL B 573 -36.27 -12.39 -22.69
N GLY B 574 -37.13 -11.45 -23.05
CA GLY B 574 -38.20 -11.00 -22.17
C GLY B 574 -39.38 -10.50 -22.98
N ALA B 575 -40.57 -10.49 -22.36
CA ALA B 575 -41.81 -10.00 -22.96
C ALA B 575 -42.77 -9.56 -21.85
N VAL B 576 -43.61 -8.54 -22.15
CA VAL B 576 -44.61 -7.97 -21.24
C VAL B 576 -45.90 -7.74 -22.03
N TYR B 577 -47.01 -8.32 -21.56
CA TYR B 577 -48.32 -8.20 -22.19
C TYR B 577 -49.37 -7.57 -21.27
N ASP B 578 -49.91 -6.41 -21.67
CA ASP B 578 -50.91 -5.63 -20.95
C ASP B 578 -52.27 -6.30 -21.01
N LEU B 579 -52.72 -6.80 -19.87
CA LEU B 579 -54.06 -7.36 -19.73
C LEU B 579 -55.17 -6.30 -19.68
N ASN B 580 -54.92 -5.22 -18.93
CA ASN B 580 -55.86 -4.12 -18.71
C ASN B 580 -55.12 -2.88 -18.19
N ASP B 581 -55.82 -1.86 -17.70
CA ASP B 581 -55.13 -0.65 -17.27
C ASP B 581 -54.30 -0.84 -16.00
N THR B 582 -54.56 -1.93 -15.25
CA THR B 582 -53.87 -2.30 -14.03
C THR B 582 -52.79 -3.39 -14.20
N TYR B 583 -53.15 -4.54 -14.80
CA TYR B 583 -52.28 -5.70 -14.88
C TYR B 583 -51.60 -5.95 -16.20
N SER B 584 -50.36 -6.47 -16.08
CA SER B 584 -49.50 -6.90 -17.17
C SER B 584 -48.85 -8.24 -16.79
N VAL B 585 -48.82 -9.19 -17.73
CA VAL B 585 -48.17 -10.47 -17.50
C VAL B 585 -46.80 -10.43 -18.17
N TYR B 586 -45.79 -11.05 -17.55
CA TYR B 586 -44.43 -11.12 -18.11
C TYR B 586 -43.84 -12.53 -18.08
N ALA B 587 -42.75 -12.70 -18.82
CA ALA B 587 -41.99 -13.94 -18.95
C ALA B 587 -40.59 -13.54 -19.38
N SER B 588 -39.57 -14.20 -18.78
CA SER B 588 -38.16 -13.93 -19.06
C SER B 588 -37.26 -15.16 -19.01
N TYR B 589 -36.20 -15.14 -19.84
CA TYR B 589 -35.13 -16.12 -19.92
C TYR B 589 -33.84 -15.30 -19.84
N THR B 590 -33.12 -15.48 -18.73
CA THR B 590 -31.86 -14.80 -18.44
C THR B 590 -30.79 -15.80 -17.96
N ASP B 591 -29.51 -15.44 -18.13
CA ASP B 591 -28.40 -16.33 -17.81
C ASP B 591 -27.20 -15.63 -17.14
N ILE B 592 -26.39 -16.38 -16.38
CA ILE B 592 -25.15 -15.87 -15.79
C ILE B 592 -24.14 -17.02 -15.52
N PHE B 593 -22.84 -16.71 -15.57
CA PHE B 593 -21.78 -17.66 -15.29
C PHE B 593 -20.77 -17.02 -14.37
N MET B 594 -19.93 -17.84 -13.74
CA MET B 594 -18.85 -17.41 -12.88
C MET B 594 -17.66 -18.28 -13.19
N PRO B 595 -16.57 -17.68 -13.68
CA PRO B 595 -15.35 -18.48 -13.90
C PRO B 595 -14.93 -19.04 -12.55
N GLN B 596 -14.69 -20.36 -12.49
CA GLN B 596 -14.30 -21.04 -11.26
C GLN B 596 -12.83 -20.73 -10.87
N ASP B 597 -12.44 -21.04 -9.61
CA ASP B 597 -11.08 -20.84 -9.12
C ASP B 597 -10.08 -21.80 -9.78
N SER B 598 -8.81 -21.60 -9.47
CA SER B 598 -7.79 -22.50 -9.96
C SER B 598 -7.76 -23.72 -9.03
N TRP B 599 -8.47 -23.62 -7.90
CA TRP B 599 -8.52 -24.71 -6.92
C TRP B 599 -9.57 -25.76 -7.31
N TYR B 600 -10.62 -25.33 -8.03
CA TYR B 600 -11.73 -26.14 -8.53
C TYR B 600 -11.39 -26.79 -9.88
N ARG B 601 -10.59 -27.87 -9.84
CA ARG B 601 -10.16 -28.66 -11.02
C ARG B 601 -10.52 -30.13 -10.78
N ASP B 602 -10.56 -30.97 -11.82
CA ASP B 602 -10.93 -32.40 -11.68
C ASP B 602 -9.75 -33.37 -11.53
N SER B 603 -10.04 -34.66 -11.70
CA SER B 603 -9.10 -35.77 -11.56
C SER B 603 -7.94 -35.68 -12.53
N SER B 604 -8.22 -35.19 -13.73
CA SER B 604 -7.21 -35.04 -14.78
C SER B 604 -6.46 -33.70 -14.74
N ASN B 605 -6.76 -32.90 -13.72
CA ASN B 605 -6.20 -31.58 -13.38
C ASN B 605 -6.72 -30.44 -14.25
N LYS B 606 -7.73 -30.74 -15.06
CA LYS B 606 -8.36 -29.74 -15.89
C LYS B 606 -9.30 -28.91 -15.05
N LEU B 607 -9.43 -27.63 -15.36
CA LEU B 607 -10.32 -26.76 -14.61
C LEU B 607 -11.78 -27.06 -14.90
N LEU B 608 -12.67 -26.82 -13.95
CA LEU B 608 -14.08 -27.09 -14.18
C LEU B 608 -14.69 -25.98 -15.04
N GLU B 609 -15.71 -26.34 -15.85
CA GLU B 609 -16.46 -25.40 -16.70
C GLU B 609 -17.12 -24.38 -15.77
N PRO B 610 -17.40 -23.09 -16.19
CA PRO B 610 -17.93 -22.11 -15.22
C PRO B 610 -19.24 -22.48 -14.60
N ASP B 611 -19.39 -22.14 -13.30
CA ASP B 611 -20.62 -22.37 -12.56
C ASP B 611 -21.65 -21.43 -13.19
N GLU B 612 -22.76 -21.95 -13.69
CA GLU B 612 -23.73 -21.10 -14.39
C GLU B 612 -25.18 -21.55 -14.24
N GLY B 613 -26.11 -20.65 -14.58
CA GLY B 613 -27.53 -20.96 -14.47
C GLY B 613 -28.43 -20.02 -15.23
N GLN B 614 -29.65 -20.49 -15.51
CA GLN B 614 -30.70 -19.77 -16.24
C GLN B 614 -31.90 -19.53 -15.36
N ASN B 615 -32.54 -18.38 -15.52
CA ASN B 615 -33.73 -18.07 -14.74
C ASN B 615 -34.87 -18.05 -15.70
N TYR B 616 -35.87 -18.91 -15.42
CA TYR B 616 -37.10 -19.07 -16.18
C TYR B 616 -38.15 -18.45 -15.30
N GLU B 617 -38.76 -17.33 -15.75
CA GLU B 617 -39.75 -16.64 -14.95
C GLU B 617 -41.03 -16.27 -15.66
N ILE B 618 -42.16 -16.54 -15.01
CA ILE B 618 -43.50 -16.17 -15.45
C ILE B 618 -44.11 -15.38 -14.31
N GLY B 619 -44.86 -14.34 -14.63
CA GLY B 619 -45.45 -13.52 -13.57
C GLY B 619 -46.51 -12.53 -14.04
N ILE B 620 -47.10 -11.89 -13.03
CA ILE B 620 -48.11 -10.86 -13.22
C ILE B 620 -47.78 -9.64 -12.34
N LYS B 621 -47.92 -8.45 -12.89
CA LYS B 621 -47.65 -7.21 -12.16
C LYS B 621 -48.84 -6.24 -12.27
N GLY B 622 -49.15 -5.57 -11.17
CA GLY B 622 -50.23 -4.58 -11.05
C GLY B 622 -49.72 -3.19 -10.77
N GLU B 623 -50.48 -2.19 -11.23
CA GLU B 623 -50.15 -0.76 -11.03
C GLU B 623 -51.43 -0.01 -10.75
N TYR B 624 -51.47 0.62 -9.57
CA TYR B 624 -52.61 1.36 -9.05
C TYR B 624 -52.20 2.77 -8.74
N LEU B 625 -53.20 3.64 -8.52
CA LEU B 625 -53.05 5.05 -8.15
C LEU B 625 -51.98 5.81 -8.94
N ASP B 626 -51.98 5.71 -10.27
CA ASP B 626 -51.01 6.43 -11.12
C ASP B 626 -49.53 6.04 -10.81
N GLY B 627 -49.34 4.78 -10.43
CA GLY B 627 -48.02 4.23 -10.14
C GLY B 627 -47.54 4.39 -8.72
N ARG B 628 -48.37 5.02 -7.85
CA ARG B 628 -48.03 5.25 -6.44
C ARG B 628 -48.05 3.96 -5.59
N LEU B 629 -48.69 2.89 -6.10
CA LEU B 629 -48.78 1.56 -5.50
C LEU B 629 -48.50 0.53 -6.60
N ASN B 630 -47.68 -0.47 -6.26
CA ASN B 630 -47.28 -1.54 -7.16
C ASN B 630 -47.40 -2.91 -6.48
N THR B 631 -48.00 -3.89 -7.19
CA THR B 631 -48.11 -5.29 -6.75
C THR B 631 -47.47 -6.23 -7.81
N SER B 632 -47.03 -7.42 -7.36
CA SER B 632 -46.43 -8.44 -8.22
C SER B 632 -46.61 -9.84 -7.64
N LEU B 633 -46.61 -10.84 -8.52
CA LEU B 633 -46.69 -12.28 -8.21
C LEU B 633 -45.94 -12.96 -9.34
N ALA B 634 -44.92 -13.78 -8.99
CA ALA B 634 -44.07 -14.46 -9.97
C ALA B 634 -43.76 -15.92 -9.65
N TYR B 635 -43.53 -16.75 -10.69
CA TYR B 635 -43.09 -18.13 -10.56
C TYR B 635 -41.73 -18.25 -11.23
N PHE B 636 -40.75 -18.81 -10.50
CA PHE B 636 -39.39 -18.95 -10.99
C PHE B 636 -38.81 -20.35 -10.84
N GLU B 637 -37.81 -20.62 -11.66
CA GLU B 637 -37.02 -21.84 -11.72
C GLU B 637 -35.61 -21.46 -12.12
N ILE B 638 -34.62 -21.88 -11.33
CA ILE B 638 -33.23 -21.58 -11.64
C ILE B 638 -32.57 -22.90 -11.94
N HIS B 639 -32.09 -23.08 -13.16
CA HIS B 639 -31.45 -24.31 -13.57
C HIS B 639 -29.95 -24.07 -13.54
N GLU B 640 -29.24 -24.78 -12.66
CA GLU B 640 -27.80 -24.62 -12.49
C GLU B 640 -26.98 -25.75 -13.09
N GLU B 641 -25.86 -25.35 -13.68
CA GLU B 641 -24.86 -26.23 -14.30
C GLU B 641 -23.49 -25.95 -13.68
N ASN B 642 -22.64 -27.01 -13.63
CA ASN B 642 -21.26 -27.01 -13.15
C ASN B 642 -21.09 -26.54 -11.71
N ARG B 643 -21.94 -27.05 -10.81
CA ARG B 643 -21.89 -26.79 -9.36
C ARG B 643 -20.79 -27.72 -8.81
N ALA B 644 -19.66 -27.15 -8.41
CA ALA B 644 -18.53 -27.94 -7.92
C ALA B 644 -18.90 -28.74 -6.68
N GLU B 645 -18.62 -30.04 -6.72
CA GLU B 645 -18.85 -31.02 -5.66
C GLU B 645 -17.55 -31.81 -5.57
N GLU B 646 -17.03 -32.12 -4.36
CA GLU B 646 -15.76 -32.87 -4.27
C GLU B 646 -15.88 -34.26 -4.91
N ASP B 647 -14.75 -34.74 -5.43
CA ASP B 647 -14.61 -36.06 -6.02
C ASP B 647 -14.20 -37.05 -4.92
N ALA B 648 -15.15 -37.39 -4.06
CA ALA B 648 -14.97 -38.30 -2.90
C ALA B 648 -14.13 -39.56 -3.17
N LEU B 649 -14.45 -40.26 -4.26
CA LEU B 649 -13.74 -41.47 -4.68
C LEU B 649 -12.28 -41.21 -5.08
N TYR B 650 -12.04 -40.16 -5.86
CA TYR B 650 -10.65 -39.78 -6.19
C TYR B 650 -9.93 -39.30 -4.95
N ASN B 651 -10.54 -38.32 -4.23
CA ASN B 651 -9.98 -37.68 -3.06
C ASN B 651 -9.56 -38.64 -1.93
N SER B 652 -10.25 -39.79 -1.77
CA SER B 652 -9.94 -40.79 -0.75
C SER B 652 -8.67 -41.59 -1.12
N LYS B 653 -8.47 -41.83 -2.43
CA LYS B 653 -7.32 -42.55 -2.99
C LYS B 653 -6.73 -41.73 -4.15
N PRO B 654 -6.14 -40.56 -3.88
CA PRO B 654 -5.60 -39.78 -5.00
C PRO B 654 -4.45 -40.48 -5.72
N THR B 655 -4.51 -40.49 -7.04
CA THR B 655 -3.47 -41.14 -7.84
C THR B 655 -2.63 -40.18 -8.69
N ASN B 656 -3.05 -38.93 -8.77
CA ASN B 656 -2.33 -37.96 -9.58
C ASN B 656 -1.67 -36.91 -8.71
N PRO B 657 -0.35 -36.74 -8.90
CA PRO B 657 0.52 -35.80 -8.18
C PRO B 657 0.14 -34.34 -8.44
N ALA B 658 -0.28 -34.03 -9.66
CA ALA B 658 -0.61 -32.64 -10.02
C ALA B 658 -1.85 -32.11 -9.29
N ILE B 659 -2.73 -33.02 -8.90
CA ILE B 659 -3.93 -32.69 -8.14
C ILE B 659 -4.03 -33.61 -6.91
N THR B 660 -4.12 -33.04 -5.71
CA THR B 660 -4.26 -33.82 -4.47
C THR B 660 -5.73 -33.84 -3.95
N TYR B 661 -6.51 -32.78 -4.28
CA TYR B 661 -7.92 -32.62 -3.93
C TYR B 661 -8.65 -32.11 -5.18
N ALA B 662 -9.45 -32.99 -5.80
CA ALA B 662 -10.17 -32.73 -7.03
C ALA B 662 -11.67 -32.53 -6.81
N TYR B 663 -12.34 -32.03 -7.85
CA TYR B 663 -13.76 -31.71 -7.84
C TYR B 663 -14.51 -32.25 -9.05
N LYS B 664 -15.83 -32.35 -8.91
CA LYS B 664 -16.73 -32.85 -9.96
C LYS B 664 -17.88 -31.85 -10.16
N GLY B 665 -18.36 -31.69 -11.40
CA GLY B 665 -19.44 -30.75 -11.68
C GLY B 665 -20.78 -31.43 -11.63
N ILE B 666 -21.76 -30.82 -10.96
CA ILE B 666 -23.12 -31.36 -10.88
C ILE B 666 -24.16 -30.29 -11.24
N LYS B 667 -25.41 -30.72 -11.42
CA LYS B 667 -26.56 -29.84 -11.69
C LYS B 667 -27.33 -29.62 -10.39
N ALA B 668 -28.07 -28.50 -10.30
CA ALA B 668 -28.97 -28.14 -9.19
C ALA B 668 -30.19 -27.41 -9.76
N LYS B 669 -31.35 -27.41 -9.06
CA LYS B 669 -32.53 -26.71 -9.54
C LYS B 669 -33.34 -26.07 -8.41
N THR B 670 -33.54 -24.71 -8.49
CA THR B 670 -34.43 -23.97 -7.56
C THR B 670 -35.80 -23.87 -8.22
N LYS B 671 -36.86 -24.06 -7.44
CA LYS B 671 -38.26 -23.94 -7.85
C LYS B 671 -38.90 -23.13 -6.74
N GLY B 672 -39.59 -22.06 -7.12
CA GLY B 672 -40.23 -21.20 -6.14
C GLY B 672 -41.19 -20.18 -6.71
N TYR B 673 -41.69 -19.30 -5.84
CA TYR B 673 -42.61 -18.22 -6.15
C TYR B 673 -42.41 -17.07 -5.17
N GLU B 674 -42.84 -15.87 -5.57
CA GLU B 674 -42.67 -14.66 -4.81
C GLU B 674 -43.83 -13.72 -5.11
N ALA B 675 -44.42 -13.11 -4.06
CA ALA B 675 -45.50 -12.13 -4.15
C ALA B 675 -45.01 -10.86 -3.46
N GLU B 676 -45.30 -9.67 -4.02
CA GLU B 676 -44.87 -8.42 -3.40
C GLU B 676 -45.85 -7.25 -3.56
N ILE B 677 -45.88 -6.35 -2.56
CA ILE B 677 -46.70 -5.12 -2.57
C ILE B 677 -45.87 -3.97 -2.02
N SER B 678 -45.83 -2.82 -2.71
CA SER B 678 -45.15 -1.63 -2.20
C SER B 678 -45.81 -0.33 -2.66
N GLY B 679 -45.89 0.61 -1.71
CA GLY B 679 -46.44 1.95 -1.89
C GLY B 679 -47.66 2.27 -1.06
N GLU B 680 -48.36 3.35 -1.46
CA GLU B 680 -49.58 3.90 -0.86
C GLU B 680 -50.78 2.95 -0.81
N LEU B 681 -51.29 2.70 0.41
CA LEU B 681 -52.51 1.90 0.64
C LEU B 681 -53.72 2.85 0.81
N ALA B 682 -53.38 4.02 1.33
CA ALA B 682 -54.25 5.16 1.63
C ALA B 682 -53.40 6.43 1.46
N PRO B 683 -54.00 7.61 1.62
CA PRO B 683 -53.23 8.82 1.38
C PRO B 683 -51.96 9.00 2.21
N GLY B 684 -51.94 8.67 3.49
CA GLY B 684 -50.69 8.82 4.24
C GLY B 684 -50.11 7.52 4.74
N TRP B 685 -50.62 6.39 4.21
CA TRP B 685 -50.29 5.04 4.60
C TRP B 685 -49.50 4.34 3.53
N GLN B 686 -48.28 3.92 3.89
CA GLN B 686 -47.34 3.26 2.99
C GLN B 686 -46.93 1.88 3.49
N VAL B 687 -46.66 0.97 2.55
CA VAL B 687 -46.22 -0.38 2.90
C VAL B 687 -45.19 -0.97 1.96
N GLN B 688 -44.37 -1.86 2.49
CA GLN B 688 -43.41 -2.63 1.73
C GLN B 688 -43.68 -4.04 2.24
N ALA B 689 -44.08 -4.95 1.37
CA ALA B 689 -44.39 -6.31 1.82
C ALA B 689 -44.01 -7.38 0.82
N GLY B 690 -43.81 -8.61 1.29
CA GLY B 690 -43.41 -9.70 0.42
C GLY B 690 -43.43 -11.06 1.08
N TYR B 691 -43.64 -12.09 0.25
CA TYR B 691 -43.66 -13.50 0.60
C TYR B 691 -42.80 -14.27 -0.40
N THR B 692 -41.91 -15.15 0.09
CA THR B 692 -41.07 -15.94 -0.81
C THR B 692 -41.07 -17.42 -0.45
N HIS B 693 -41.35 -18.28 -1.42
CA HIS B 693 -41.24 -19.73 -1.20
C HIS B 693 -40.16 -20.29 -2.13
N LYS B 694 -39.24 -21.05 -1.57
CA LYS B 694 -38.20 -21.64 -2.38
C LYS B 694 -37.69 -22.99 -1.90
N ILE B 695 -37.29 -23.82 -2.87
CA ILE B 695 -36.61 -25.08 -2.56
C ILE B 695 -35.52 -25.34 -3.61
N ILE B 696 -34.29 -25.55 -3.18
CA ILE B 696 -33.17 -25.87 -4.09
C ILE B 696 -32.70 -27.30 -3.78
N ARG B 697 -32.59 -28.12 -4.82
CA ARG B 697 -32.16 -29.50 -4.71
C ARG B 697 -31.10 -29.77 -5.76
N ASP B 698 -30.18 -30.67 -5.48
CA ASP B 698 -29.13 -30.99 -6.45
C ASP B 698 -29.47 -32.17 -7.38
N ASP B 699 -28.44 -32.70 -8.04
CA ASP B 699 -28.57 -33.77 -9.02
C ASP B 699 -29.19 -35.03 -8.42
N SER B 700 -28.77 -35.33 -7.20
CA SER B 700 -29.24 -36.49 -6.43
C SER B 700 -30.65 -36.40 -5.85
N GLY B 701 -31.25 -35.21 -5.84
CA GLY B 701 -32.61 -34.97 -5.35
C GLY B 701 -32.66 -34.43 -3.95
N LYS B 702 -31.55 -34.52 -3.24
CA LYS B 702 -31.43 -34.00 -1.89
C LYS B 702 -31.54 -32.45 -1.85
N LYS B 703 -32.10 -31.88 -0.76
CA LYS B 703 -32.26 -30.43 -0.58
C LYS B 703 -30.88 -29.87 -0.19
N VAL B 704 -30.60 -28.63 -0.67
CA VAL B 704 -29.34 -27.89 -0.42
C VAL B 704 -29.66 -26.45 0.06
N SER B 705 -28.67 -25.72 0.62
CA SER B 705 -28.85 -24.35 1.17
C SER B 705 -30.00 -24.35 2.22
N THR B 706 -30.04 -25.42 3.05
CA THR B 706 -31.06 -25.73 4.05
C THR B 706 -31.19 -24.65 5.16
N TRP B 707 -30.09 -23.89 5.43
CA TRP B 707 -30.08 -22.77 6.40
C TRP B 707 -30.92 -21.60 5.87
N GLU B 708 -31.26 -21.60 4.58
CA GLU B 708 -32.12 -20.55 4.05
C GLU B 708 -33.52 -21.13 4.14
N PRO B 709 -34.45 -20.45 4.84
CA PRO B 709 -35.80 -21.03 4.98
C PRO B 709 -36.54 -21.16 3.65
N GLN B 710 -37.35 -22.22 3.54
CA GLN B 710 -38.18 -22.47 2.35
C GLN B 710 -39.25 -21.40 2.17
N ASP B 711 -39.75 -20.84 3.30
CA ASP B 711 -40.77 -19.81 3.38
C ASP B 711 -40.33 -18.62 4.23
N GLN B 712 -40.63 -17.41 3.74
CA GLN B 712 -40.31 -16.16 4.43
C GLN B 712 -41.35 -15.09 4.12
N LEU B 713 -41.65 -14.23 5.10
CA LEU B 713 -42.67 -13.19 5.00
C LEU B 713 -42.18 -11.86 5.62
N SER B 714 -42.45 -10.73 4.96
CA SER B 714 -42.03 -9.41 5.44
C SER B 714 -43.11 -8.35 5.20
N LEU B 715 -43.32 -7.50 6.19
CA LEU B 715 -44.26 -6.40 6.12
C LEU B 715 -43.73 -5.25 6.93
N TYR B 716 -43.62 -4.07 6.31
CA TYR B 716 -43.15 -2.84 6.94
C TYR B 716 -44.06 -1.72 6.50
N THR B 717 -44.83 -1.19 7.45
CA THR B 717 -45.84 -0.15 7.22
C THR B 717 -45.59 1.08 8.10
N SER B 718 -46.09 2.25 7.65
CA SER B 718 -45.99 3.50 8.39
C SER B 718 -47.16 4.36 8.01
N TYR B 719 -47.70 5.13 8.97
CA TYR B 719 -48.82 6.01 8.76
C TYR B 719 -48.55 7.43 9.28
N LYS B 720 -48.78 8.44 8.41
CA LYS B 720 -48.66 9.85 8.73
C LYS B 720 -50.04 10.39 8.98
N PHE B 721 -50.23 10.95 10.17
CA PHE B 721 -51.49 11.47 10.65
C PHE B 721 -51.90 12.78 10.00
N LYS B 722 -53.23 12.97 9.87
CA LYS B 722 -53.86 14.16 9.31
C LYS B 722 -54.44 15.06 10.40
N GLY B 723 -54.80 16.29 10.01
CA GLY B 723 -55.40 17.25 10.92
C GLY B 723 -54.47 17.67 12.02
N ALA B 724 -55.01 17.79 13.25
CA ALA B 724 -54.24 18.21 14.43
C ALA B 724 -52.99 17.36 14.73
N LEU B 725 -52.97 16.07 14.32
CA LEU B 725 -51.82 15.22 14.58
C LEU B 725 -50.83 15.16 13.41
N ASP B 726 -50.90 16.11 12.49
CA ASP B 726 -50.10 16.01 11.27
C ASP B 726 -48.60 15.89 11.46
N LYS B 727 -48.12 16.36 12.60
CA LYS B 727 -46.69 16.29 12.91
C LYS B 727 -46.21 14.91 13.37
N LEU B 728 -47.15 14.01 13.63
CA LEU B 728 -46.86 12.65 14.10
C LEU B 728 -46.93 11.57 13.02
N THR B 729 -45.89 10.75 12.97
CA THR B 729 -45.77 9.57 12.12
C THR B 729 -45.56 8.38 13.05
N VAL B 730 -46.27 7.31 12.78
CA VAL B 730 -46.24 6.08 13.55
C VAL B 730 -45.97 4.94 12.52
N GLY B 731 -45.23 3.92 12.92
CA GLY B 731 -44.89 2.83 12.02
C GLY B 731 -44.64 1.55 12.77
N GLY B 732 -44.40 0.50 12.01
CA GLY B 732 -44.14 -0.83 12.52
C GLY B 732 -43.90 -1.85 11.43
N GLY B 733 -43.56 -3.04 11.84
CA GLY B 733 -43.27 -4.12 10.91
C GLY B 733 -43.07 -5.44 11.59
N ALA B 734 -43.07 -6.49 10.78
CA ALA B 734 -42.89 -7.84 11.25
C ALA B 734 -42.31 -8.67 10.12
N ARG B 735 -41.38 -9.56 10.48
CA ARG B 735 -40.79 -10.49 9.55
C ARG B 735 -40.82 -11.89 10.16
N TRP B 736 -41.38 -12.83 9.40
CA TRP B 736 -41.49 -14.23 9.77
C TRP B 736 -40.65 -15.08 8.81
N GLN B 737 -40.08 -16.17 9.33
CA GLN B 737 -39.33 -17.09 8.51
C GLN B 737 -39.50 -18.52 9.02
N GLY B 738 -39.68 -19.47 8.10
CA GLY B 738 -39.86 -20.88 8.40
C GLY B 738 -38.64 -21.56 9.01
N LYS B 739 -38.76 -22.87 9.28
CA LYS B 739 -37.69 -23.70 9.85
C LYS B 739 -36.47 -23.73 8.90
N SER B 740 -35.29 -23.55 9.48
CA SER B 740 -34.00 -23.55 8.81
C SER B 740 -33.10 -24.47 9.59
N TRP B 741 -32.36 -25.33 8.90
CA TRP B 741 -31.51 -26.31 9.55
C TRP B 741 -30.20 -26.56 8.82
N GLN B 742 -29.22 -27.09 9.53
CA GLN B 742 -27.94 -27.43 8.95
C GLN B 742 -27.43 -28.71 9.54
N MET B 743 -26.62 -29.45 8.79
CA MET B 743 -26.05 -30.69 9.30
C MET B 743 -24.67 -30.32 9.80
N VAL B 744 -24.40 -30.66 11.05
CA VAL B 744 -23.13 -30.31 11.70
C VAL B 744 -22.39 -31.57 12.15
N TYR B 745 -21.06 -31.57 12.06
CA TYR B 745 -20.35 -32.77 12.49
C TYR B 745 -19.88 -32.63 13.92
N ASN B 746 -20.29 -33.59 14.78
CA ASN B 746 -19.90 -33.67 16.18
C ASN B 746 -18.61 -34.52 16.23
N ASN B 747 -17.44 -33.82 16.28
CA ASN B 747 -16.14 -34.47 16.31
C ASN B 747 -15.93 -35.32 17.60
N PRO B 748 -16.19 -34.80 18.85
CA PRO B 748 -16.03 -35.64 20.06
C PRO B 748 -16.88 -36.92 20.11
N ARG B 749 -18.10 -36.89 19.53
CA ARG B 749 -19.00 -38.05 19.47
C ARG B 749 -18.99 -38.76 18.10
N SER B 750 -18.09 -38.33 17.17
CA SER B 750 -17.88 -38.88 15.84
C SER B 750 -19.18 -39.17 15.09
N ARG B 751 -20.10 -38.17 15.05
CA ARG B 751 -21.43 -38.31 14.42
C ARG B 751 -21.93 -37.02 13.81
N TRP B 752 -22.82 -37.12 12.82
CA TRP B 752 -23.46 -35.95 12.23
C TRP B 752 -24.73 -35.65 13.01
N GLU B 753 -25.06 -34.36 13.18
CA GLU B 753 -26.25 -33.88 13.88
C GLU B 753 -26.97 -32.85 13.03
N LYS B 754 -28.27 -32.62 13.29
CA LYS B 754 -29.10 -31.62 12.59
C LYS B 754 -29.31 -30.48 13.57
N PHE B 755 -28.75 -29.32 13.24
CA PHE B 755 -28.87 -28.12 14.06
C PHE B 755 -29.98 -27.28 13.42
N SER B 756 -31.11 -27.14 14.11
CA SER B 756 -32.30 -26.43 13.62
C SER B 756 -32.58 -25.07 14.29
N GLN B 757 -33.31 -24.22 13.57
CA GLN B 757 -33.85 -22.96 14.03
C GLN B 757 -35.33 -23.09 13.68
N GLU B 758 -36.21 -23.15 14.67
CA GLU B 758 -37.65 -23.26 14.41
C GLU B 758 -38.11 -21.94 13.81
N ASP B 759 -39.30 -21.93 13.20
CA ASP B 759 -39.82 -20.69 12.60
C ASP B 759 -39.95 -19.60 13.66
N TYR B 760 -39.78 -18.33 13.28
CA TYR B 760 -39.82 -17.23 14.25
C TYR B 760 -40.26 -15.92 13.67
N TRP B 761 -40.85 -15.08 14.52
CA TRP B 761 -41.34 -13.76 14.18
C TRP B 761 -40.44 -12.73 14.81
N LEU B 762 -40.24 -11.61 14.11
CA LEU B 762 -39.51 -10.45 14.63
C LEU B 762 -40.37 -9.21 14.41
N VAL B 763 -40.70 -8.48 15.50
CA VAL B 763 -41.55 -7.29 15.44
C VAL B 763 -40.72 -6.04 15.75
N ASP B 764 -40.85 -5.04 14.88
CA ASP B 764 -40.22 -3.72 14.96
C ASP B 764 -41.35 -2.68 15.13
N LEU B 765 -41.11 -1.63 15.92
CA LEU B 765 -42.04 -0.51 16.05
C LEU B 765 -41.27 0.78 15.76
N MET B 766 -42.01 1.82 15.41
CA MET B 766 -41.40 3.10 15.04
C MET B 766 -42.40 4.29 15.33
N ALA B 767 -41.84 5.50 15.56
CA ALA B 767 -42.59 6.74 15.78
C ALA B 767 -41.68 7.94 15.55
N ARG B 768 -42.25 9.00 14.95
CA ARG B 768 -41.54 10.25 14.67
C ARG B 768 -42.41 11.45 14.95
N TYR B 769 -41.81 12.51 15.51
CA TYR B 769 -42.56 13.71 15.74
C TYR B 769 -41.79 14.89 15.21
N GLN B 770 -42.43 15.71 14.37
CA GLN B 770 -41.84 16.93 13.82
C GLN B 770 -42.07 18.04 14.85
N ILE B 771 -41.10 18.27 15.77
CA ILE B 771 -41.21 19.28 16.86
C ILE B 771 -41.35 20.71 16.31
N THR B 772 -40.43 21.08 15.41
CA THR B 772 -40.33 22.37 14.72
C THR B 772 -40.26 22.02 13.24
N ASP B 773 -40.27 23.00 12.36
CA ASP B 773 -40.20 22.77 10.92
C ASP B 773 -38.86 22.10 10.58
N LYS B 774 -37.83 22.56 11.28
CA LYS B 774 -36.46 22.07 11.11
C LYS B 774 -36.07 20.89 12.01
N LEU B 775 -36.62 20.80 13.21
CA LEU B 775 -36.25 19.72 14.11
C LEU B 775 -37.33 18.68 14.30
N SER B 776 -36.89 17.41 14.29
CA SER B 776 -37.73 16.23 14.47
C SER B 776 -37.00 15.20 15.32
N ALA B 777 -37.77 14.46 16.09
CA ALA B 777 -37.22 13.39 16.90
C ALA B 777 -37.93 12.07 16.54
N SER B 778 -37.16 10.98 16.57
CA SER B 778 -37.65 9.63 16.27
C SER B 778 -37.19 8.57 17.28
N VAL B 779 -37.98 7.50 17.38
CA VAL B 779 -37.69 6.35 18.22
C VAL B 779 -37.93 5.11 17.40
N ASN B 780 -37.06 4.12 17.53
CA ASN B 780 -37.20 2.85 16.84
C ASN B 780 -36.96 1.70 17.81
N VAL B 781 -37.96 0.79 17.97
CA VAL B 781 -37.85 -0.41 18.81
C VAL B 781 -37.73 -1.65 17.90
N ASN B 782 -36.62 -2.39 18.00
CA ASN B 782 -36.36 -3.58 17.19
C ASN B 782 -36.36 -4.80 18.08
N ASN B 783 -36.85 -5.94 17.57
CA ASN B 783 -37.05 -7.20 18.31
C ASN B 783 -37.91 -6.89 19.56
N VAL B 784 -39.05 -6.18 19.33
CA VAL B 784 -40.03 -5.72 20.32
C VAL B 784 -40.32 -6.80 21.39
N PHE B 785 -40.52 -8.06 20.98
CA PHE B 785 -40.81 -9.16 21.91
C PHE B 785 -39.59 -9.98 22.32
N ASP B 786 -38.39 -9.40 22.16
CA ASP B 786 -37.07 -9.94 22.49
C ASP B 786 -36.98 -11.46 22.31
N LYS B 787 -37.00 -11.90 21.03
CA LYS B 787 -36.94 -13.30 20.61
C LYS B 787 -35.49 -13.76 20.55
N THR B 788 -35.21 -14.98 21.06
CA THR B 788 -33.87 -15.56 20.93
C THR B 788 -33.89 -16.41 19.66
N TYR B 789 -32.94 -16.14 18.77
CA TYR B 789 -32.79 -16.83 17.50
C TYR B 789 -31.34 -16.79 17.05
N TYR B 790 -31.04 -17.49 15.94
CA TYR B 790 -29.70 -17.58 15.38
C TYR B 790 -29.55 -16.94 14.02
N THR B 791 -28.38 -16.33 13.76
CA THR B 791 -27.97 -15.74 12.47
C THR B 791 -27.04 -16.72 11.74
N ASN B 792 -26.24 -17.49 12.53
CA ASN B 792 -25.34 -18.55 12.05
C ASN B 792 -25.90 -19.86 12.58
N ILE B 793 -26.27 -20.73 11.63
CA ILE B 793 -26.83 -22.05 11.91
C ILE B 793 -25.72 -23.10 11.56
N GLY B 794 -24.80 -23.34 12.49
CA GLY B 794 -23.74 -24.33 12.35
C GLY B 794 -22.54 -24.15 11.44
N PHE B 795 -22.28 -22.94 10.90
CA PHE B 795 -21.07 -22.74 10.08
C PHE B 795 -19.85 -22.75 11.00
N TYR B 796 -18.85 -23.56 10.62
CA TYR B 796 -17.61 -23.78 11.34
C TYR B 796 -17.88 -24.44 12.71
N THR B 797 -18.96 -25.30 12.77
CA THR B 797 -19.45 -26.05 13.94
C THR B 797 -19.60 -25.13 15.17
N SER B 798 -20.11 -23.93 14.89
CA SER B 798 -20.32 -22.88 15.87
C SER B 798 -21.62 -22.14 15.51
N ALA B 799 -22.09 -21.23 16.37
CA ALA B 799 -23.34 -20.51 16.11
C ALA B 799 -23.29 -19.05 16.57
N SER B 800 -24.32 -18.28 16.18
CA SER B 800 -24.40 -16.86 16.50
C SER B 800 -25.83 -16.48 16.76
N TYR B 801 -26.07 -15.56 17.71
CA TYR B 801 -27.43 -15.08 18.04
C TYR B 801 -27.75 -13.76 17.35
N GLY B 802 -29.03 -13.58 17.01
CA GLY B 802 -29.56 -12.34 16.46
C GLY B 802 -29.75 -11.34 17.58
N ASP B 803 -29.84 -10.04 17.22
CA ASP B 803 -29.96 -8.99 18.23
C ASP B 803 -31.10 -9.13 19.21
N PRO B 804 -30.82 -8.97 20.55
CA PRO B 804 -31.91 -8.93 21.53
C PRO B 804 -32.75 -7.66 21.31
N ARG B 805 -33.79 -7.42 22.13
CA ARG B 805 -34.59 -6.18 21.97
C ARG B 805 -33.65 -4.95 22.08
N ASN B 806 -33.77 -3.99 21.13
CA ASN B 806 -32.95 -2.78 21.12
C ASN B 806 -33.70 -1.55 20.59
N LEU B 807 -33.30 -0.36 21.06
CA LEU B 807 -33.93 0.90 20.70
C LEU B 807 -32.92 1.88 20.13
N MET B 808 -33.36 2.73 19.18
CA MET B 808 -32.55 3.79 18.60
C MET B 808 -33.36 5.08 18.64
N PHE B 809 -32.76 6.07 19.26
CA PHE B 809 -33.34 7.40 19.41
C PHE B 809 -32.53 8.34 18.57
N SER B 810 -33.20 9.10 17.68
CA SER B 810 -32.51 10.06 16.81
C SER B 810 -33.25 11.40 16.73
N THR B 811 -32.49 12.49 16.55
CA THR B 811 -33.01 13.83 16.36
C THR B 811 -32.38 14.37 15.11
N ARG B 812 -33.15 15.03 14.25
CA ARG B 812 -32.64 15.55 12.98
C ARG B 812 -32.98 17.01 12.77
N TRP B 813 -31.96 17.80 12.37
CA TRP B 813 -32.05 19.21 12.06
C TRP B 813 -31.87 19.43 10.56
N ASP B 814 -32.91 19.94 9.88
CA ASP B 814 -32.89 20.31 8.47
C ASP B 814 -32.61 21.82 8.35
N PHE B 815 -31.69 22.22 7.43
CA PHE B 815 -31.35 23.62 7.26
C PHE B 815 -32.32 24.31 6.32
N MET C 11 41.00 -15.05 9.70
CA MET C 11 41.82 -16.16 10.19
C MET C 11 41.76 -16.29 11.70
N VAL C 12 41.22 -17.40 12.18
CA VAL C 12 41.15 -17.67 13.62
C VAL C 12 42.08 -18.83 13.93
N ILE C 13 43.03 -18.59 14.84
CA ILE C 13 44.01 -19.62 15.20
C ILE C 13 43.88 -20.08 16.63
N THR C 14 43.74 -21.38 16.85
CA THR C 14 43.60 -21.85 18.21
C THR C 14 44.96 -22.27 18.74
N HIS C 15 45.46 -21.53 19.72
CA HIS C 15 46.76 -21.86 20.27
C HIS C 15 46.62 -22.83 21.42
N VAL C 16 46.83 -24.09 21.11
CA VAL C 16 46.79 -25.14 22.12
C VAL C 16 47.96 -25.02 23.07
N GLN C 17 49.14 -24.82 22.51
CA GLN C 17 50.37 -24.68 23.29
C GLN C 17 50.33 -23.38 24.08
N GLY C 18 50.93 -23.38 25.26
CA GLY C 18 50.92 -22.18 26.07
C GLY C 18 51.68 -21.09 25.33
N GLY C 19 51.14 -19.90 25.35
CA GLY C 19 51.76 -18.77 24.68
C GLY C 19 51.27 -17.46 25.25
N GLY C 20 52.01 -16.38 24.98
CA GLY C 20 51.63 -15.06 25.44
C GLY C 20 50.31 -14.65 24.81
N ARG C 21 50.17 -14.95 23.52
CA ARG C 21 48.94 -14.67 22.80
C ARG C 21 47.80 -15.52 23.32
N ASP C 22 46.61 -14.92 23.38
CA ASP C 22 45.38 -15.58 23.84
C ASP C 22 45.17 -16.96 23.19
N ILE C 23 44.66 -17.96 23.97
CA ILE C 23 44.41 -19.34 23.51
C ILE C 23 43.62 -19.36 22.17
N ILE C 24 42.59 -18.49 22.04
CA ILE C 24 41.80 -18.31 20.82
C ILE C 24 42.14 -16.89 20.32
N GLN C 25 42.83 -16.81 19.17
CA GLN C 25 43.28 -15.55 18.57
C GLN C 25 42.58 -15.18 17.25
N TYR C 26 42.17 -13.89 17.10
CA TYR C 26 41.62 -13.33 15.86
C TYR C 26 42.66 -12.41 15.24
N ILE C 27 43.07 -12.71 14.01
CA ILE C 27 44.04 -11.89 13.29
C ILE C 27 43.33 -11.17 12.15
N PRO C 28 43.45 -9.84 12.10
CA PRO C 28 42.81 -9.03 11.07
C PRO C 28 43.79 -8.11 10.36
N ALA C 29 43.44 -7.71 9.14
CA ALA C 29 44.28 -6.79 8.36
C ALA C 29 44.27 -5.40 8.98
N ARG C 30 45.40 -4.71 8.94
CA ARG C 30 45.46 -3.37 9.51
C ARG C 30 44.62 -2.40 8.70
N SER C 31 44.10 -1.36 9.34
CA SER C 31 43.27 -0.36 8.66
C SER C 31 43.57 1.10 9.04
N SER C 32 43.48 1.97 8.05
CA SER C 32 43.64 3.41 8.22
C SER C 32 42.30 4.11 7.97
N TYR C 33 41.24 3.31 7.82
CA TYR C 33 39.88 3.76 7.52
C TYR C 33 39.02 3.84 8.77
N GLY C 34 39.65 3.83 9.94
CA GLY C 34 38.89 3.82 11.18
C GLY C 34 37.96 5.00 11.31
N THR C 35 38.42 6.19 10.93
CA THR C 35 37.56 7.36 10.98
C THR C 35 37.48 8.00 9.60
N PRO C 36 36.26 8.19 9.08
CA PRO C 36 35.96 8.79 7.79
C PRO C 36 35.34 10.16 8.00
N PRO C 37 35.81 11.18 7.29
CA PRO C 37 35.22 12.49 7.57
C PRO C 37 33.73 12.60 7.28
N PHE C 38 33.29 12.06 6.15
CA PHE C 38 31.90 12.14 5.76
C PHE C 38 31.34 10.80 5.32
N VAL C 39 30.14 10.48 5.76
CA VAL C 39 29.48 9.24 5.37
C VAL C 39 28.20 9.60 4.63
N PRO C 40 28.01 9.03 3.44
CA PRO C 40 26.82 9.35 2.66
C PRO C 40 25.50 8.99 3.33
N PRO C 41 24.56 9.95 3.34
CA PRO C 41 23.23 9.67 3.92
C PRO C 41 22.52 8.66 2.99
N GLY C 42 21.54 7.98 3.55
CA GLY C 42 20.78 6.99 2.83
C GLY C 42 21.20 5.55 3.05
N PRO C 43 20.44 4.56 2.48
CA PRO C 43 20.73 3.14 2.71
C PRO C 43 22.19 2.68 2.48
N SER C 44 22.70 1.89 3.46
CA SER C 44 24.06 1.32 3.47
C SER C 44 24.10 0.07 2.60
N PRO C 45 25.05 -0.03 1.62
CA PRO C 45 25.12 -1.25 0.80
C PRO C 45 25.88 -2.43 1.46
N TYR C 46 26.50 -2.19 2.64
CA TYR C 46 27.37 -3.16 3.33
C TYR C 46 26.67 -4.03 4.36
N VAL C 47 25.40 -3.74 4.68
CA VAL C 47 24.66 -4.46 5.73
C VAL C 47 24.54 -5.98 5.39
N GLY C 48 23.95 -6.30 4.24
CA GLY C 48 23.76 -7.67 3.75
C GLY C 48 25.01 -8.51 3.81
N THR C 49 26.11 -8.03 3.19
CA THR C 49 27.41 -8.73 3.15
C THR C 49 28.09 -8.71 4.53
N GLY C 50 27.84 -7.66 5.32
CA GLY C 50 28.35 -7.53 6.68
C GLY C 50 27.80 -8.59 7.61
N MET C 51 26.49 -8.83 7.49
CA MET C 51 25.76 -9.83 8.25
C MET C 51 26.19 -11.25 7.85
N GLN C 52 26.39 -11.45 6.51
CA GLN C 52 26.86 -12.66 5.83
C GLN C 52 28.29 -13.01 6.29
N GLU C 53 29.19 -12.00 6.41
CA GLU C 53 30.57 -12.19 6.85
C GLU C 53 30.66 -12.50 8.33
N TYR C 54 29.73 -11.92 9.13
CA TYR C 54 29.62 -12.12 10.57
C TYR C 54 29.23 -13.56 10.87
N ARG C 55 28.15 -14.04 10.25
CA ARG C 55 27.65 -15.40 10.40
C ARG C 55 28.75 -16.45 10.06
N LYS C 56 29.58 -16.17 9.00
CA LYS C 56 30.71 -17.02 8.56
C LYS C 56 31.79 -17.14 9.64
N LEU C 57 32.24 -15.97 10.14
CA LEU C 57 33.30 -15.93 11.16
C LEU C 57 32.85 -16.38 12.55
N ARG C 58 31.63 -15.99 12.97
CA ARG C 58 31.06 -16.34 14.27
C ARG C 58 30.99 -17.84 14.46
N SER C 59 30.54 -18.62 13.45
CA SER C 59 30.49 -20.09 13.56
C SER C 59 31.89 -20.75 13.79
N THR C 60 32.92 -20.35 12.99
CA THR C 60 34.31 -20.82 13.08
C THR C 60 35.01 -20.49 14.39
N LEU C 61 34.52 -19.46 15.10
CA LEU C 61 35.02 -19.00 16.38
C LEU C 61 34.28 -19.71 17.53
N ASP C 62 32.95 -19.95 17.35
CA ASP C 62 32.09 -20.66 18.31
C ASP C 62 32.38 -22.16 18.36
N LYS C 63 32.61 -22.78 17.18
CA LYS C 63 32.91 -24.20 17.01
C LYS C 63 34.37 -24.50 17.36
N SER C 64 35.19 -23.45 17.49
CA SER C 64 36.56 -23.57 17.94
C SER C 64 36.61 -23.50 19.46
N HIS C 65 35.70 -22.74 20.06
CA HIS C 65 35.59 -22.64 21.51
C HIS C 65 34.99 -23.93 22.13
N SER C 66 33.88 -24.45 21.58
CA SER C 66 33.20 -25.65 22.08
C SER C 66 33.95 -26.94 21.83
N GLU C 67 34.80 -27.00 20.77
CA GLU C 67 35.62 -28.18 20.47
C GLU C 67 36.70 -28.36 21.57
N LEU C 68 37.13 -27.21 22.13
CA LEU C 68 38.15 -27.05 23.15
C LEU C 68 37.60 -27.27 24.57
N LYS C 69 36.40 -26.79 24.85
CA LYS C 69 35.75 -27.04 26.13
C LYS C 69 35.43 -28.54 26.27
N LYS C 70 34.97 -29.14 25.18
CA LYS C 70 34.67 -30.57 25.10
C LYS C 70 35.86 -31.37 25.71
N ASN C 71 37.06 -31.17 25.17
CA ASN C 71 38.27 -31.89 25.57
C ASN C 71 39.32 -31.05 26.32
N LEU C 72 38.90 -30.17 27.21
CA LEU C 72 39.85 -29.28 27.90
C LEU C 72 40.78 -30.01 28.91
N LYS C 73 40.29 -31.11 29.56
CA LYS C 73 41.05 -31.92 30.54
C LYS C 73 42.30 -32.50 29.88
N ASN C 74 42.15 -33.10 28.68
CA ASN C 74 43.23 -33.74 27.91
C ASN C 74 44.14 -32.71 27.30
N GLU C 75 43.56 -31.64 26.76
CA GLU C 75 44.30 -30.55 26.13
C GLU C 75 45.25 -29.90 27.15
N THR C 76 44.74 -29.53 28.33
CA THR C 76 45.58 -28.88 29.33
C THR C 76 46.60 -29.88 29.94
N LEU C 77 46.21 -31.16 30.15
CA LEU C 77 47.16 -32.15 30.63
C LEU C 77 48.24 -32.46 29.57
N LYS C 78 47.90 -32.26 28.29
CA LYS C 78 48.85 -32.40 27.18
C LYS C 78 49.83 -31.18 27.19
N GLU C 79 49.36 -29.97 27.63
CA GLU C 79 50.20 -28.77 27.72
C GLU C 79 51.25 -29.03 28.81
N VAL C 80 50.76 -29.57 29.96
CA VAL C 80 51.52 -29.96 31.15
C VAL C 80 52.57 -30.99 30.71
N ASP C 81 52.16 -31.99 29.91
CA ASP C 81 53.04 -33.05 29.42
C ASP C 81 54.13 -32.52 28.45
N GLU C 82 53.82 -31.52 27.62
CA GLU C 82 54.84 -30.91 26.76
C GLU C 82 55.90 -30.14 27.58
N LEU C 83 55.45 -29.36 28.55
CA LEU C 83 56.34 -28.62 29.46
C LEU C 83 57.15 -29.56 30.35
N LYS C 84 56.52 -30.66 30.80
CA LYS C 84 57.14 -31.70 31.63
C LYS C 84 58.34 -32.29 30.88
N SER C 85 58.12 -32.69 29.61
CA SER C 85 59.15 -33.29 28.75
C SER C 85 60.16 -32.28 28.24
N GLU C 86 59.71 -31.03 27.96
CA GLU C 86 60.58 -29.92 27.53
C GLU C 86 61.63 -29.60 28.61
N ALA C 87 61.34 -29.97 29.89
CA ALA C 87 62.19 -29.76 31.05
C ALA C 87 63.00 -31.03 31.41
N GLY C 88 62.92 -32.05 30.57
CA GLY C 88 63.65 -33.29 30.81
C GLY C 88 63.00 -34.29 31.74
N LEU C 89 61.86 -33.94 32.36
CA LEU C 89 61.14 -34.83 33.27
C LEU C 89 60.38 -35.95 32.51
N PRO C 90 60.12 -37.14 33.11
CA PRO C 90 59.34 -38.15 32.39
C PRO C 90 57.85 -37.85 32.56
N GLY C 91 57.04 -38.44 31.70
CA GLY C 91 55.60 -38.25 31.71
C GLY C 91 54.93 -38.76 32.97
N LYS C 92 55.41 -39.90 33.43
CA LYS C 92 54.90 -40.53 34.64
C LYS C 92 55.83 -40.14 35.75
N ALA C 93 55.28 -39.57 36.83
CA ALA C 93 56.15 -39.11 37.89
C ALA C 93 55.83 -39.82 39.19
N VAL C 94 56.85 -40.48 39.73
CA VAL C 94 56.76 -41.21 40.99
C VAL C 94 57.71 -40.66 42.09
N SER C 95 58.97 -40.32 41.71
CA SER C 95 60.02 -39.80 42.59
C SER C 95 59.55 -38.58 43.40
N ALA C 96 60.16 -38.33 44.56
CA ALA C 96 59.84 -37.18 45.42
C ALA C 96 60.34 -35.91 44.74
N ASN C 97 61.52 -36.02 44.12
CA ASN C 97 62.24 -35.00 43.35
C ASN C 97 61.39 -34.63 42.12
N ASP C 98 60.84 -35.66 41.44
CA ASP C 98 59.99 -35.54 40.24
C ASP C 98 58.60 -34.95 40.47
N ILE C 99 57.91 -35.34 41.57
CA ILE C 99 56.60 -34.84 41.99
C ILE C 99 56.68 -33.34 42.30
N ARG C 100 57.71 -32.95 43.09
CA ARG C 100 58.01 -31.55 43.49
C ARG C 100 58.35 -30.71 42.26
N ASP C 101 59.14 -31.29 41.30
CA ASP C 101 59.52 -30.63 40.06
C ASP C 101 58.29 -30.42 39.17
N GLU C 102 57.44 -31.47 39.07
CA GLU C 102 56.19 -31.51 38.30
C GLU C 102 55.18 -30.50 38.86
N LYS C 103 55.06 -30.40 40.21
CA LYS C 103 54.14 -29.45 40.81
C LYS C 103 54.47 -28.03 40.37
N SER C 104 55.74 -27.66 40.37
CA SER C 104 56.14 -26.30 40.02
C SER C 104 55.68 -25.93 38.61
N ILE C 105 55.82 -26.88 37.69
CA ILE C 105 55.37 -26.69 36.30
C ILE C 105 53.86 -26.33 36.26
N VAL C 106 53.02 -27.13 36.97
CA VAL C 106 51.56 -26.98 37.12
C VAL C 106 51.23 -25.58 37.70
N ASP C 107 51.94 -25.20 38.76
CA ASP C 107 51.82 -23.89 39.39
C ASP C 107 52.29 -22.73 38.48
N ALA C 108 53.41 -22.94 37.78
CA ALA C 108 53.95 -21.94 36.85
C ALA C 108 53.00 -21.73 35.72
N LEU C 109 52.37 -22.83 35.24
CA LEU C 109 51.38 -22.79 34.16
C LEU C 109 50.12 -22.11 34.65
N MET C 110 49.65 -22.47 35.87
CA MET C 110 48.49 -21.91 36.53
C MET C 110 48.64 -20.39 36.65
N ASP C 111 49.79 -19.93 37.16
CA ASP C 111 50.05 -18.52 37.32
C ASP C 111 50.06 -17.78 35.98
N ALA C 112 50.64 -18.40 34.96
CA ALA C 112 50.71 -17.79 33.64
C ALA C 112 49.30 -17.57 33.10
N LYS C 113 48.45 -18.56 33.32
CA LYS C 113 47.04 -18.51 32.90
C LYS C 113 46.26 -17.51 33.74
N ALA C 114 46.62 -17.42 35.02
CA ALA C 114 46.03 -16.47 35.96
C ALA C 114 46.32 -15.01 35.52
N LYS C 115 47.59 -14.73 35.11
CA LYS C 115 48.07 -13.43 34.64
C LYS C 115 47.30 -13.04 33.40
N SER C 116 47.23 -13.97 32.39
CA SER C 116 46.52 -13.83 31.12
C SER C 116 45.04 -13.54 31.36
N LEU C 117 44.38 -14.31 32.26
CA LEU C 117 42.96 -14.15 32.63
C LEU C 117 42.75 -12.79 33.30
N LYS C 118 43.68 -12.39 34.22
CA LYS C 118 43.65 -11.11 34.93
C LYS C 118 43.83 -9.92 33.95
N ALA C 119 44.67 -10.08 32.89
CA ALA C 119 44.92 -9.06 31.87
C ALA C 119 43.64 -8.75 31.07
N ILE C 120 42.82 -9.79 30.79
CA ILE C 120 41.55 -9.69 30.06
C ILE C 120 40.52 -9.07 31.01
N GLU C 121 40.39 -9.64 32.23
CA GLU C 121 39.44 -9.18 33.24
C GLU C 121 39.68 -7.75 33.74
N ASP C 122 40.96 -7.32 33.90
CA ASP C 122 41.30 -5.98 34.38
C ASP C 122 41.41 -4.93 33.24
N ARG C 123 40.57 -5.08 32.20
CA ARG C 123 40.46 -4.14 31.08
C ARG C 123 39.31 -3.21 31.44
N PRO C 124 39.37 -1.91 31.02
CA PRO C 124 38.27 -0.98 31.35
C PRO C 124 36.91 -1.45 30.82
N ALA C 125 35.87 -1.22 31.62
CA ALA C 125 34.52 -1.63 31.27
C ALA C 125 33.90 -0.87 30.11
N ASN C 126 33.29 -1.64 29.22
CA ASN C 126 32.60 -1.14 28.04
C ASN C 126 31.69 -2.25 27.51
N LEU C 127 30.94 -1.97 26.46
CA LEU C 127 30.01 -2.97 25.92
C LEU C 127 30.73 -4.23 25.44
N TYR C 128 31.90 -4.06 24.84
CA TYR C 128 32.70 -5.19 24.35
C TYR C 128 33.19 -6.13 25.45
N THR C 129 33.58 -5.60 26.60
CA THR C 129 34.11 -6.41 27.70
C THR C 129 33.07 -7.04 28.61
N ALA C 130 31.80 -6.73 28.41
CA ALA C 130 30.75 -7.30 29.24
C ALA C 130 30.67 -8.81 29.12
N SER C 131 30.31 -9.47 30.21
CA SER C 131 30.22 -10.93 30.24
C SER C 131 29.15 -11.40 29.26
N ASP C 132 28.08 -10.64 29.17
CA ASP C 132 26.95 -10.94 28.30
C ASP C 132 27.19 -10.54 26.85
N PHE C 133 28.43 -10.16 26.55
CA PHE C 133 28.77 -9.71 25.20
C PHE C 133 28.54 -10.75 24.10
N PRO C 134 28.85 -12.02 24.35
CA PRO C 134 28.64 -13.03 23.30
C PRO C 134 27.18 -13.09 22.93
N GLN C 135 26.31 -13.00 23.91
CA GLN C 135 24.86 -13.00 23.70
C GLN C 135 24.41 -11.80 22.90
N LYS C 136 25.03 -10.64 23.17
CA LYS C 136 24.70 -9.32 22.63
C LYS C 136 25.45 -8.90 21.34
N SER C 137 26.53 -9.62 20.98
CA SER C 137 27.37 -9.32 19.80
C SER C 137 26.64 -9.18 18.46
N GLU C 138 25.81 -10.14 18.06
CA GLU C 138 25.12 -10.03 16.76
C GLU C 138 24.14 -8.86 16.66
N SER C 139 23.36 -8.64 17.71
CA SER C 139 22.43 -7.51 17.77
C SER C 139 23.12 -6.15 17.76
N MET C 140 24.20 -6.04 18.52
CA MET C 140 25.04 -4.84 18.63
C MET C 140 25.71 -4.47 17.30
N TYR C 141 26.30 -5.48 16.61
CA TYR C 141 26.97 -5.38 15.32
C TYR C 141 26.05 -4.82 14.26
N GLN C 142 24.86 -5.42 14.12
CA GLN C 142 23.86 -5.01 13.14
C GLN C 142 23.41 -3.57 13.41
N SER C 143 23.28 -3.17 14.70
CA SER C 143 22.90 -1.83 15.12
C SER C 143 23.98 -0.83 14.71
N GLN C 144 25.26 -1.21 14.86
CA GLN C 144 26.42 -0.41 14.48
C GLN C 144 26.48 -0.20 12.96
N LEU C 145 26.18 -1.26 12.17
CA LEU C 145 26.15 -1.18 10.69
C LEU C 145 25.04 -0.23 10.21
N LEU C 146 23.83 -0.38 10.79
CA LEU C 146 22.62 0.42 10.50
C LEU C 146 22.80 1.90 10.90
N ALA C 147 23.37 2.16 12.09
CA ALA C 147 23.65 3.50 12.62
C ALA C 147 24.78 4.22 11.89
N SER C 148 25.90 3.54 11.61
CA SER C 148 27.06 4.14 10.95
C SER C 148 26.97 4.29 9.44
N ARG C 149 26.21 3.41 8.77
CA ARG C 149 26.05 3.34 7.30
C ARG C 149 27.37 3.08 6.57
N LYS C 150 28.46 2.82 7.33
CA LYS C 150 29.78 2.58 6.78
C LYS C 150 30.15 1.09 6.68
N PHE C 151 31.34 0.83 6.10
CA PHE C 151 31.90 -0.48 5.85
C PHE C 151 32.04 -1.32 7.11
N TYR C 152 31.61 -2.59 7.02
CA TYR C 152 31.58 -3.58 8.11
C TYR C 152 32.93 -3.94 8.68
N GLY C 153 33.96 -3.98 7.84
CA GLY C 153 35.33 -4.34 8.18
C GLY C 153 35.86 -4.07 9.59
N GLU C 154 35.79 -2.80 10.04
CA GLU C 154 36.30 -2.40 11.37
C GLU C 154 35.47 -2.99 12.51
N PHE C 155 34.14 -3.06 12.33
CA PHE C 155 33.19 -3.58 13.31
C PHE C 155 33.37 -5.06 13.50
N LEU C 156 33.39 -5.80 12.37
CA LEU C 156 33.57 -7.24 12.30
C LEU C 156 34.87 -7.68 12.96
N ASP C 157 36.00 -6.97 12.68
CA ASP C 157 37.30 -7.28 13.25
C ASP C 157 37.30 -7.07 14.75
N ARG C 158 36.66 -5.98 15.22
CA ARG C 158 36.54 -5.66 16.64
C ARG C 158 35.69 -6.69 17.39
N HIS C 159 34.49 -7.04 16.86
CA HIS C 159 33.59 -8.02 17.48
C HIS C 159 34.24 -9.39 17.60
N MET C 160 35.02 -9.81 16.59
CA MET C 160 35.68 -11.12 16.59
C MET C 160 36.89 -11.14 17.54
N SER C 161 37.75 -10.10 17.53
CA SER C 161 38.88 -9.96 18.46
C SER C 161 38.40 -9.95 19.93
N GLU C 162 37.27 -9.26 20.21
CA GLU C 162 36.62 -9.14 21.51
C GLU C 162 35.94 -10.44 21.97
N LEU C 163 35.52 -11.31 21.03
CA LEU C 163 34.92 -12.61 21.29
C LEU C 163 36.00 -13.66 21.41
N ALA C 164 37.18 -13.43 20.77
CA ALA C 164 38.33 -14.32 20.87
C ALA C 164 38.80 -14.24 22.33
N LYS C 165 38.87 -13.03 22.88
CA LYS C 165 39.21 -12.80 24.29
C LYS C 165 38.17 -13.35 25.29
N ALA C 166 36.88 -13.12 24.99
CA ALA C 166 35.76 -13.63 25.80
C ALA C 166 35.82 -15.17 25.96
N TYR C 167 36.03 -15.87 24.85
CA TYR C 167 36.15 -17.31 24.79
C TYR C 167 37.48 -17.76 25.40
N SER C 168 38.55 -16.93 25.31
CA SER C 168 39.86 -17.26 25.91
C SER C 168 39.73 -17.15 27.42
N ALA C 169 38.98 -16.16 27.93
CA ALA C 169 38.72 -15.98 29.35
C ALA C 169 37.88 -17.10 29.92
N ASP C 170 36.96 -17.66 29.14
CA ASP C 170 36.13 -18.78 29.61
C ASP C 170 37.03 -20.03 29.83
N ILE C 171 37.86 -20.34 28.82
CA ILE C 171 38.83 -21.45 28.79
C ILE C 171 39.85 -21.30 29.95
N TYR C 172 40.57 -20.15 30.02
CA TYR C 172 41.56 -19.83 31.07
C TYR C 172 40.99 -20.04 32.49
N LYS C 173 39.75 -19.53 32.77
CA LYS C 173 39.03 -19.68 34.06
C LYS C 173 38.86 -21.16 34.43
N ALA C 174 38.50 -22.01 33.45
CA ALA C 174 38.30 -23.45 33.58
C ALA C 174 39.61 -24.23 33.71
N GLN C 175 40.67 -23.78 32.99
CA GLN C 175 42.00 -24.39 33.01
C GLN C 175 42.65 -24.26 34.37
N ILE C 176 42.43 -23.12 35.08
CA ILE C 176 42.93 -22.86 36.43
C ILE C 176 42.30 -23.86 37.41
N ALA C 177 40.99 -24.15 37.24
CA ALA C 177 40.24 -25.13 38.04
C ALA C 177 40.86 -26.52 37.88
N ILE C 178 41.22 -26.89 36.63
CA ILE C 178 41.87 -28.17 36.29
C ILE C 178 43.25 -28.25 36.94
N LEU C 179 44.03 -27.15 36.87
CA LEU C 179 45.38 -27.08 37.43
C LEU C 179 45.39 -27.04 38.95
N LYS C 180 44.34 -26.45 39.59
CA LYS C 180 44.19 -26.40 41.05
C LYS C 180 44.01 -27.82 41.59
N GLN C 181 43.17 -28.63 40.90
CA GLN C 181 42.89 -30.04 41.22
C GLN C 181 44.12 -30.90 40.94
N THR C 182 44.85 -30.62 39.83
CA THR C 182 46.08 -31.34 39.48
C THR C 182 47.18 -31.05 40.52
N SER C 183 47.31 -29.75 40.93
CA SER C 183 48.25 -29.27 41.96
C SER C 183 47.94 -29.86 43.32
N GLN C 184 46.64 -29.94 43.71
CA GLN C 184 46.22 -30.52 44.98
C GLN C 184 46.63 -31.99 45.08
N GLU C 185 46.31 -32.78 44.07
CA GLU C 185 46.67 -34.19 43.98
C GLU C 185 48.20 -34.38 44.10
N LEU C 186 49.00 -33.46 43.52
CA LEU C 186 50.46 -33.53 43.56
C LEU C 186 51.02 -33.48 45.00
N GLU C 187 50.55 -32.53 45.82
CA GLU C 187 50.99 -32.42 47.19
C GLU C 187 50.57 -33.65 47.99
N ASN C 188 49.40 -34.20 47.66
CA ASN C 188 48.92 -35.38 48.36
C ASN C 188 49.89 -36.52 48.18
N LYS C 189 50.36 -36.72 46.96
CA LYS C 189 51.34 -37.77 46.69
C LYS C 189 52.63 -37.46 47.43
N ALA C 190 53.04 -36.19 47.38
CA ALA C 190 54.26 -35.74 48.04
C ALA C 190 54.26 -35.97 49.54
N ARG C 191 53.13 -35.57 50.22
CA ARG C 191 52.91 -35.70 51.68
C ARG C 191 53.02 -37.15 52.13
N SER C 192 52.27 -38.06 51.45
CA SER C 192 52.22 -39.51 51.70
C SER C 192 53.52 -40.25 51.35
N LEU C 193 54.19 -39.75 50.32
CA LEU C 193 55.48 -40.21 49.83
C LEU C 193 56.58 -39.92 50.85
N GLU C 194 56.54 -38.72 51.43
CA GLU C 194 57.52 -38.31 52.45
C GLU C 194 57.16 -39.01 53.76
N ALA C 195 55.85 -39.22 54.04
CA ALA C 195 55.32 -39.95 55.20
C ALA C 195 55.82 -41.40 55.15
N GLU C 196 55.78 -42.01 53.94
CA GLU C 196 56.20 -43.38 53.73
C GLU C 196 57.72 -43.54 53.74
N ALA C 197 58.47 -42.49 53.29
CA ALA C 197 59.94 -42.47 53.33
C ALA C 197 60.39 -42.46 54.79
N GLN C 198 59.68 -41.63 55.63
CA GLN C 198 59.88 -41.43 57.08
C GLN C 198 59.66 -42.74 57.84
N ARG C 199 58.45 -43.34 57.68
CA ARG C 199 58.04 -44.60 58.29
C ARG C 199 59.11 -45.68 58.10
N ALA C 200 59.50 -45.90 56.82
CA ALA C 200 60.49 -46.85 56.36
C ALA C 200 61.88 -46.62 56.95
N ALA C 201 62.31 -45.34 57.05
CA ALA C 201 63.62 -44.94 57.60
C ALA C 201 63.70 -45.31 59.09
N ALA C 202 62.56 -45.18 59.80
CA ALA C 202 62.43 -45.51 61.21
C ALA C 202 62.49 -47.01 61.42
N GLU C 203 61.91 -47.78 60.46
CA GLU C 203 61.90 -49.25 60.50
C GLU C 203 63.29 -49.84 60.21
N VAL C 204 64.09 -49.17 59.36
CA VAL C 204 65.45 -49.57 58.97
C VAL C 204 66.42 -49.40 60.18
N GLU C 205 66.05 -48.58 61.19
CA GLU C 205 66.86 -48.39 62.41
C GLU C 205 66.54 -49.43 63.48
N MET D 11 -1.91 -42.82 20.63
CA MET D 11 -2.08 -42.58 19.21
C MET D 11 -1.11 -43.44 18.41
N VAL D 12 0.19 -43.30 18.72
CA VAL D 12 1.23 -44.06 18.05
C VAL D 12 1.82 -45.10 18.98
N ILE D 13 1.81 -46.36 18.55
CA ILE D 13 2.34 -47.45 19.35
C ILE D 13 3.30 -48.32 18.54
N THR D 14 4.27 -48.91 19.23
CA THR D 14 5.23 -49.82 18.61
C THR D 14 5.13 -51.18 19.27
N HIS D 15 4.89 -52.23 18.49
CA HIS D 15 4.73 -53.56 19.06
C HIS D 15 5.93 -54.47 18.85
N VAL D 16 6.58 -54.86 19.94
CA VAL D 16 7.67 -55.82 19.86
C VAL D 16 7.23 -57.17 20.43
N GLN D 17 6.47 -57.10 21.52
CA GLN D 17 5.93 -58.28 22.20
C GLN D 17 4.92 -59.10 21.40
N GLY D 18 4.03 -58.42 20.67
CA GLY D 18 2.99 -59.11 19.91
C GLY D 18 3.17 -59.09 18.41
N GLY D 19 3.16 -60.29 17.83
CA GLY D 19 3.32 -60.50 16.41
C GLY D 19 2.27 -59.98 15.45
N GLY D 20 1.00 -60.07 15.83
CA GLY D 20 -0.08 -59.67 14.95
C GLY D 20 -0.15 -58.23 14.46
N ARG D 21 0.06 -57.26 15.35
CA ARG D 21 0.02 -55.85 14.96
C ARG D 21 1.27 -55.36 14.23
N ASP D 22 1.10 -54.30 13.43
CA ASP D 22 2.22 -53.70 12.68
C ASP D 22 3.28 -53.19 13.65
N ILE D 23 4.55 -53.14 13.22
CA ILE D 23 5.61 -52.71 14.16
C ILE D 23 5.34 -51.32 14.70
N ILE D 24 5.13 -50.37 13.79
CA ILE D 24 4.79 -48.98 14.07
C ILE D 24 3.31 -48.84 13.71
N GLN D 25 2.45 -48.72 14.72
CA GLN D 25 1.00 -48.62 14.54
C GLN D 25 0.44 -47.27 14.96
N TYR D 26 -0.44 -46.70 14.11
CA TYR D 26 -1.20 -45.48 14.39
C TYR D 26 -2.66 -45.89 14.60
N ILE D 27 -3.28 -45.41 15.69
CA ILE D 27 -4.66 -45.79 15.93
C ILE D 27 -5.62 -44.58 15.89
N PRO D 28 -6.13 -44.26 14.70
CA PRO D 28 -7.02 -43.12 14.56
C PRO D 28 -8.39 -43.41 15.11
N ALA D 29 -9.04 -42.41 15.68
CA ALA D 29 -10.37 -42.63 16.21
C ALA D 29 -11.24 -42.99 15.01
N ARG D 30 -12.24 -43.82 15.24
CA ARG D 30 -13.11 -44.24 14.16
C ARG D 30 -14.17 -43.18 13.97
N SER D 31 -13.82 -42.14 13.20
CA SER D 31 -14.72 -41.03 12.98
C SER D 31 -15.37 -41.04 11.60
N SER D 32 -16.69 -41.07 11.60
CA SER D 32 -17.46 -41.10 10.36
C SER D 32 -17.79 -39.72 9.80
N TYR D 33 -16.79 -39.02 9.27
CA TYR D 33 -16.98 -37.70 8.68
C TYR D 33 -17.64 -37.73 7.28
N GLY D 34 -17.09 -38.54 6.39
CA GLY D 34 -17.57 -38.67 5.02
C GLY D 34 -17.39 -37.44 4.17
N THR D 35 -18.31 -37.26 3.23
CA THR D 35 -18.31 -36.18 2.25
C THR D 35 -19.33 -35.09 2.62
N PRO D 36 -18.91 -33.95 3.23
CA PRO D 36 -19.88 -32.87 3.48
C PRO D 36 -20.32 -32.25 2.14
N PRO D 37 -21.62 -32.01 1.96
CA PRO D 37 -22.09 -31.45 0.69
C PRO D 37 -21.60 -30.05 0.36
N PHE D 38 -21.59 -29.19 1.36
CA PHE D 38 -21.19 -27.80 1.19
C PHE D 38 -20.14 -27.39 2.21
N VAL D 39 -19.15 -26.63 1.76
CA VAL D 39 -18.10 -26.13 2.63
C VAL D 39 -18.20 -24.61 2.54
N PRO D 40 -18.25 -23.93 3.70
CA PRO D 40 -18.43 -22.49 3.58
C PRO D 40 -17.23 -21.95 2.81
N PRO D 41 -17.45 -21.04 1.86
CA PRO D 41 -16.38 -20.46 1.06
C PRO D 41 -15.56 -19.45 1.85
N GLY D 42 -14.31 -19.24 1.46
CA GLY D 42 -13.45 -18.30 2.15
C GLY D 42 -12.30 -18.97 2.88
N PRO D 43 -11.52 -18.20 3.64
CA PRO D 43 -10.36 -18.76 4.35
C PRO D 43 -10.71 -19.80 5.39
N SER D 44 -9.94 -20.89 5.41
CA SER D 44 -10.10 -21.97 6.37
C SER D 44 -9.40 -21.66 7.68
N PRO D 45 -10.13 -21.78 8.80
CA PRO D 45 -9.54 -21.52 10.12
C PRO D 45 -8.70 -22.69 10.69
N TYR D 46 -8.71 -23.87 9.99
CA TYR D 46 -8.08 -25.11 10.45
C TYR D 46 -6.65 -25.32 9.99
N VAL D 47 -6.15 -24.47 9.06
CA VAL D 47 -4.83 -24.65 8.46
C VAL D 47 -3.71 -24.57 9.55
N GLY D 48 -3.64 -23.44 10.27
CA GLY D 48 -2.68 -23.20 11.34
C GLY D 48 -2.57 -24.34 12.35
N THR D 49 -3.73 -24.74 12.95
CA THR D 49 -3.79 -25.82 13.94
C THR D 49 -3.58 -27.20 13.28
N GLY D 50 -3.97 -27.33 12.01
CA GLY D 50 -3.77 -28.54 11.21
C GLY D 50 -2.31 -28.84 11.01
N MET D 51 -1.54 -27.77 10.69
CA MET D 51 -0.10 -27.83 10.45
C MET D 51 0.64 -28.10 11.76
N GLN D 52 0.18 -27.47 12.86
CA GLN D 52 0.65 -27.60 14.25
C GLN D 52 0.43 -29.04 14.73
N GLU D 53 -0.74 -29.62 14.39
CA GLU D 53 -1.10 -30.99 14.78
C GLU D 53 -0.26 -32.01 14.05
N TYR D 54 0.02 -31.73 12.76
CA TYR D 54 0.81 -32.57 11.88
C TYR D 54 2.24 -32.67 12.39
N ARG D 55 2.89 -31.52 12.63
CA ARG D 55 4.26 -31.42 13.12
C ARG D 55 4.40 -32.17 14.47
N LYS D 56 3.36 -32.05 15.35
CA LYS D 56 3.26 -32.68 16.67
C LYS D 56 3.27 -34.22 16.58
N LEU D 57 2.41 -34.81 15.70
CA LEU D 57 2.28 -36.25 15.47
C LEU D 57 3.39 -36.86 14.63
N ARG D 58 3.83 -36.16 13.55
CA ARG D 58 4.90 -36.60 12.65
C ARG D 58 6.16 -36.79 13.44
N SER D 59 6.45 -35.84 14.36
CA SER D 59 7.64 -35.85 15.22
C SER D 59 7.73 -37.12 16.06
N THR D 60 6.64 -37.49 16.79
CA THR D 60 6.55 -38.69 17.65
C THR D 60 6.73 -39.96 16.84
N LEU D 61 6.09 -40.00 15.66
CA LEU D 61 6.13 -41.10 14.71
C LEU D 61 7.54 -41.23 14.12
N ASP D 62 8.27 -40.10 13.94
CA ASP D 62 9.65 -40.08 13.43
C ASP D 62 10.62 -40.53 14.53
N LYS D 63 10.28 -40.25 15.80
CA LYS D 63 11.09 -40.66 16.95
C LYS D 63 10.96 -42.17 17.11
N SER D 64 9.72 -42.70 17.17
CA SER D 64 9.38 -44.13 17.28
C SER D 64 10.04 -44.95 16.15
N HIS D 65 10.11 -44.37 14.93
CA HIS D 65 10.74 -45.02 13.78
C HIS D 65 12.26 -45.00 13.93
N SER D 66 12.87 -43.84 14.28
CA SER D 66 14.33 -43.73 14.41
C SER D 66 14.90 -44.50 15.59
N GLU D 67 14.16 -44.56 16.72
CA GLU D 67 14.55 -45.24 17.96
C GLU D 67 14.70 -46.73 17.74
N LEU D 68 13.74 -47.32 17.01
CA LEU D 68 13.73 -48.74 16.68
C LEU D 68 14.78 -49.06 15.60
N LYS D 69 14.86 -48.23 14.53
CA LYS D 69 15.79 -48.32 13.40
C LYS D 69 17.24 -48.36 13.90
N LYS D 70 17.55 -47.52 14.89
CA LYS D 70 18.85 -47.43 15.54
C LYS D 70 19.26 -48.69 16.32
N ASN D 71 18.29 -49.26 17.04
CA ASN D 71 18.47 -50.42 17.91
C ASN D 71 17.87 -51.71 17.39
N LEU D 72 17.70 -51.81 16.09
CA LEU D 72 17.05 -52.98 15.50
C LEU D 72 17.71 -54.35 15.72
N LYS D 73 19.03 -54.44 15.61
CA LYS D 73 19.70 -55.75 15.79
C LYS D 73 19.41 -56.38 17.17
N ASN D 74 19.51 -55.58 18.24
CA ASN D 74 19.22 -56.02 19.62
C ASN D 74 17.74 -56.34 19.82
N GLU D 75 16.86 -55.53 19.23
CA GLU D 75 15.39 -55.74 19.24
C GLU D 75 14.83 -56.89 18.38
N THR D 76 15.27 -57.00 17.13
CA THR D 76 14.87 -58.11 16.24
C THR D 76 15.38 -59.43 16.85
N LEU D 77 16.54 -59.44 17.54
CA LEU D 77 17.03 -60.66 18.20
C LEU D 77 16.23 -60.95 19.50
N LYS D 78 15.60 -59.92 20.10
CA LYS D 78 14.75 -60.06 21.28
C LYS D 78 13.39 -60.66 20.89
N GLU D 79 12.98 -60.49 19.61
CA GLU D 79 11.76 -61.07 19.05
C GLU D 79 11.96 -62.58 18.83
N VAL D 80 13.22 -63.01 18.57
CA VAL D 80 13.58 -64.41 18.37
C VAL D 80 13.51 -65.15 19.72
N ASP D 81 14.01 -64.52 20.77
CA ASP D 81 14.01 -65.16 22.08
C ASP D 81 12.59 -65.47 22.53
N GLU D 82 11.67 -64.55 22.30
CA GLU D 82 10.29 -64.76 22.69
C GLU D 82 9.66 -65.92 21.93
N LEU D 83 9.92 -65.98 20.62
CA LEU D 83 9.40 -67.06 19.78
C LEU D 83 9.97 -68.40 20.20
N LYS D 84 11.26 -68.38 20.50
CA LYS D 84 11.99 -69.58 20.94
C LYS D 84 11.29 -70.20 22.14
N SER D 85 10.92 -69.36 23.13
CA SER D 85 10.24 -69.75 24.36
C SER D 85 8.75 -70.02 24.15
N GLU D 86 8.08 -69.25 23.22
CA GLU D 86 6.66 -69.41 22.85
C GLU D 86 6.43 -70.78 22.24
N ALA D 87 7.46 -71.30 21.55
CA ALA D 87 7.53 -72.64 20.99
C ALA D 87 8.34 -73.46 21.99
N GLY D 88 8.33 -74.77 21.88
CA GLY D 88 9.05 -75.61 22.84
C GLY D 88 10.56 -75.61 22.67
N LEU D 89 11.21 -74.49 22.95
CA LEU D 89 12.68 -74.42 22.89
C LEU D 89 13.27 -73.52 23.98
N PRO D 90 14.37 -73.96 24.62
CA PRO D 90 15.04 -73.12 25.62
C PRO D 90 16.35 -72.50 25.11
N GLY D 91 16.68 -71.28 25.52
CA GLY D 91 17.93 -70.67 25.08
C GLY D 91 18.93 -70.64 26.23
N LYS D 92 20.23 -70.82 25.97
CA LYS D 92 20.89 -70.73 24.67
C LYS D 92 21.04 -72.07 23.95
N ALA D 93 21.87 -72.12 22.90
CA ALA D 93 22.06 -73.35 22.15
C ALA D 93 23.52 -73.75 21.96
N VAL D 94 23.84 -75.01 22.21
CA VAL D 94 25.21 -75.49 22.06
C VAL D 94 25.48 -76.52 20.94
N SER D 95 24.69 -77.60 20.92
CA SER D 95 24.84 -78.68 19.93
C SER D 95 24.39 -78.32 18.52
N ALA D 96 24.88 -79.05 17.52
CA ALA D 96 24.48 -78.78 16.15
C ALA D 96 22.96 -78.69 16.00
N ASN D 97 22.25 -79.65 16.59
CA ASN D 97 20.79 -79.67 16.55
C ASN D 97 20.14 -78.48 17.23
N ASP D 98 20.67 -78.06 18.37
CA ASP D 98 20.07 -76.96 19.10
C ASP D 98 20.10 -75.68 18.29
N ILE D 99 21.24 -75.39 17.66
CA ILE D 99 21.36 -74.21 16.81
C ILE D 99 20.52 -74.35 15.54
N ARG D 100 20.53 -75.55 14.98
CA ARG D 100 19.79 -75.87 13.74
C ARG D 100 18.28 -75.70 13.94
N ASP D 101 17.79 -75.91 15.19
CA ASP D 101 16.40 -75.72 15.59
C ASP D 101 16.11 -74.21 15.63
N GLU D 102 17.01 -73.45 16.29
CA GLU D 102 17.00 -71.99 16.44
C GLU D 102 17.00 -71.31 15.05
N LYS D 103 17.74 -71.88 14.07
CA LYS D 103 17.80 -71.39 12.68
C LYS D 103 16.42 -71.44 12.00
N SER D 104 15.62 -72.52 12.20
CA SER D 104 14.25 -72.61 11.65
C SER D 104 13.32 -71.54 12.27
N ILE D 105 13.53 -71.18 13.57
CA ILE D 105 12.79 -70.11 14.28
C ILE D 105 13.09 -68.76 13.63
N VAL D 106 14.36 -68.51 13.35
CA VAL D 106 14.77 -67.28 12.68
C VAL D 106 14.18 -67.23 11.28
N ASP D 107 14.24 -68.37 10.59
CA ASP D 107 13.71 -68.46 9.24
C ASP D 107 12.19 -68.29 9.13
N ALA D 108 11.45 -68.90 10.05
CA ALA D 108 10.00 -68.77 10.05
C ALA D 108 9.62 -67.32 10.30
N LEU D 109 10.33 -66.73 11.26
CA LEU D 109 10.17 -65.33 11.63
C LEU D 109 10.50 -64.42 10.43
N MET D 110 11.53 -64.79 9.66
CA MET D 110 11.95 -64.06 8.47
C MET D 110 10.86 -64.13 7.41
N ASP D 111 10.11 -65.23 7.39
CA ASP D 111 9.04 -65.45 6.42
C ASP D 111 7.75 -64.73 6.83
N ALA D 112 7.55 -64.52 8.14
CA ALA D 112 6.41 -63.77 8.68
C ALA D 112 6.53 -62.27 8.31
N LYS D 113 7.77 -61.73 8.38
CA LYS D 113 8.14 -60.35 8.02
C LYS D 113 7.95 -60.13 6.52
N ALA D 114 8.15 -61.20 5.70
CA ALA D 114 7.96 -61.18 4.25
C ALA D 114 6.46 -61.04 3.88
N LYS D 115 5.58 -61.84 4.55
CA LYS D 115 4.13 -61.82 4.34
C LYS D 115 3.58 -60.45 4.71
N SER D 116 3.97 -59.95 5.92
CA SER D 116 3.58 -58.63 6.45
C SER D 116 4.01 -57.50 5.49
N LEU D 117 5.27 -57.53 4.99
CA LEU D 117 5.81 -56.56 4.02
C LEU D 117 5.04 -56.65 2.69
N LYS D 118 4.72 -57.90 2.22
CA LYS D 118 3.95 -58.16 1.00
C LYS D 118 2.49 -57.65 1.14
N ALA D 119 1.89 -57.74 2.35
CA ALA D 119 0.53 -57.24 2.63
C ALA D 119 0.43 -55.70 2.47
N ILE D 120 1.50 -54.97 2.87
CA ILE D 120 1.61 -53.52 2.76
C ILE D 120 1.88 -53.17 1.29
N GLU D 121 2.87 -53.84 0.68
CA GLU D 121 3.27 -53.63 -0.72
C GLU D 121 2.17 -53.98 -1.74
N ASP D 122 1.38 -55.05 -1.52
CA ASP D 122 0.30 -55.48 -2.43
C ASP D 122 -1.06 -54.80 -2.13
N ARG D 123 -1.01 -53.53 -1.69
CA ARG D 123 -2.20 -52.69 -1.48
C ARG D 123 -2.40 -51.90 -2.77
N PRO D 124 -3.66 -51.53 -3.13
CA PRO D 124 -3.88 -50.77 -4.39
C PRO D 124 -3.08 -49.49 -4.49
N ALA D 125 -2.51 -49.22 -5.66
CA ALA D 125 -1.68 -48.05 -5.88
C ALA D 125 -2.39 -46.70 -5.86
N ASN D 126 -1.79 -45.78 -5.12
CA ASN D 126 -2.25 -44.41 -4.99
C ASN D 126 -1.12 -43.56 -4.40
N LEU D 127 -1.34 -42.26 -4.25
CA LEU D 127 -0.32 -41.38 -3.72
C LEU D 127 0.14 -41.77 -2.31
N TYR D 128 -0.79 -42.20 -1.48
CA TYR D 128 -0.49 -42.62 -0.11
C TYR D 128 0.43 -43.83 -0.01
N THR D 129 0.23 -44.79 -0.90
CA THR D 129 1.00 -46.03 -0.90
C THR D 129 2.34 -45.93 -1.62
N ALA D 130 2.62 -44.78 -2.22
CA ALA D 130 3.85 -44.56 -2.95
C ALA D 130 5.08 -44.76 -2.06
N SER D 131 6.15 -45.26 -2.66
CA SER D 131 7.42 -45.53 -1.96
C SER D 131 7.93 -44.24 -1.29
N ASP D 132 7.82 -43.11 -2.02
CA ASP D 132 8.24 -41.77 -1.67
C ASP D 132 7.19 -40.96 -0.84
N PHE D 133 6.16 -41.65 -0.28
CA PHE D 133 5.10 -41.01 0.52
C PHE D 133 5.61 -40.19 1.73
N PRO D 134 6.59 -40.66 2.56
CA PRO D 134 7.04 -39.83 3.70
C PRO D 134 7.68 -38.50 3.28
N GLN D 135 8.33 -38.49 2.11
CA GLN D 135 8.95 -37.30 1.53
C GLN D 135 7.88 -36.30 1.08
N LYS D 136 6.77 -36.81 0.51
CA LYS D 136 5.69 -36.03 -0.08
C LYS D 136 4.52 -35.65 0.87
N SER D 137 4.45 -36.29 2.02
CA SER D 137 3.34 -36.08 2.96
C SER D 137 3.11 -34.69 3.54
N GLU D 138 4.15 -33.98 3.98
CA GLU D 138 3.91 -32.65 4.55
C GLU D 138 3.35 -31.66 3.52
N SER D 139 3.91 -31.70 2.32
CA SER D 139 3.44 -30.83 1.23
C SER D 139 2.04 -31.18 0.70
N MET D 140 1.76 -32.47 0.55
CA MET D 140 0.47 -33.01 0.11
C MET D 140 -0.66 -32.63 1.08
N TYR D 141 -0.42 -32.80 2.40
CA TYR D 141 -1.34 -32.51 3.50
C TYR D 141 -1.77 -31.04 3.48
N GLN D 142 -0.77 -30.13 3.42
CA GLN D 142 -1.01 -28.69 3.42
C GLN D 142 -1.83 -28.29 2.19
N SER D 143 -1.57 -28.95 1.02
CA SER D 143 -2.28 -28.71 -0.24
C SER D 143 -3.74 -29.11 -0.11
N GLN D 144 -3.99 -30.26 0.55
CA GLN D 144 -5.33 -30.80 0.81
C GLN D 144 -6.11 -29.87 1.75
N LEU D 145 -5.45 -29.32 2.80
CA LEU D 145 -6.10 -28.39 3.74
C LEU D 145 -6.52 -27.09 3.04
N LEU D 146 -5.61 -26.52 2.22
CA LEU D 146 -5.79 -25.29 1.46
C LEU D 146 -6.87 -25.42 0.38
N ALA D 147 -6.87 -26.55 -0.35
CA ALA D 147 -7.84 -26.87 -1.40
C ALA D 147 -9.24 -27.18 -0.86
N SER D 148 -9.34 -28.01 0.20
CA SER D 148 -10.63 -28.42 0.76
C SER D 148 -11.32 -27.40 1.67
N ARG D 149 -10.53 -26.52 2.35
CA ARG D 149 -10.98 -25.52 3.33
C ARG D 149 -11.69 -26.17 4.55
N LYS D 150 -11.69 -27.52 4.62
CA LYS D 150 -12.36 -28.25 5.68
C LYS D 150 -11.41 -28.69 6.80
N PHE D 151 -11.99 -29.29 7.85
CA PHE D 151 -11.32 -29.76 9.05
C PHE D 151 -10.21 -30.77 8.76
N TYR D 152 -9.05 -30.56 9.41
CA TYR D 152 -7.83 -31.34 9.26
C TYR D 152 -7.95 -32.80 9.66
N GLY D 153 -8.73 -33.09 10.70
CA GLY D 153 -8.97 -34.42 11.28
C GLY D 153 -8.87 -35.64 10.39
N GLU D 154 -9.64 -35.67 9.27
CA GLU D 154 -9.65 -36.81 8.35
C GLU D 154 -8.34 -36.98 7.59
N PHE D 155 -7.72 -35.85 7.20
CA PHE D 155 -6.46 -35.79 6.45
C PHE D 155 -5.32 -36.26 7.30
N LEU D 156 -5.21 -35.70 8.51
CA LEU D 156 -4.19 -35.99 9.51
C LEU D 156 -4.21 -37.47 9.90
N ASP D 157 -5.41 -38.06 10.14
CA ASP D 157 -5.54 -39.47 10.50
C ASP D 157 -5.09 -40.37 9.36
N ARG D 158 -5.44 -40.00 8.13
CA ARG D 158 -5.05 -40.75 6.93
C ARG D 158 -3.54 -40.68 6.68
N HIS D 159 -2.95 -39.50 6.77
CA HIS D 159 -1.51 -39.36 6.56
C HIS D 159 -0.71 -40.15 7.58
N MET D 160 -1.12 -40.07 8.85
CA MET D 160 -0.41 -40.79 9.90
C MET D 160 -0.53 -42.32 9.79
N SER D 161 -1.71 -42.82 9.46
CA SER D 161 -1.90 -44.26 9.30
C SER D 161 -1.07 -44.76 8.14
N GLU D 162 -1.08 -43.98 7.07
CA GLU D 162 -0.33 -44.25 5.84
C GLU D 162 1.17 -44.14 6.00
N LEU D 163 1.62 -43.26 6.90
CA LEU D 163 3.04 -43.11 7.27
C LEU D 163 3.57 -44.30 8.10
N ALA D 164 2.77 -44.73 9.07
CA ALA D 164 3.04 -45.86 9.96
C ALA D 164 3.23 -47.12 9.10
N LYS D 165 2.44 -47.25 8.02
CA LYS D 165 2.53 -48.36 7.08
C LYS D 165 3.82 -48.23 6.27
N ALA D 166 4.25 -46.98 5.98
CA ALA D 166 5.49 -46.70 5.25
C ALA D 166 6.71 -47.08 6.12
N TYR D 167 6.65 -46.69 7.42
CA TYR D 167 7.66 -46.94 8.43
C TYR D 167 7.74 -48.40 8.88
N SER D 168 6.64 -49.17 8.72
CA SER D 168 6.61 -50.60 9.05
C SER D 168 7.31 -51.37 7.92
N ALA D 169 7.07 -50.97 6.66
CA ALA D 169 7.69 -51.59 5.48
C ALA D 169 9.20 -51.38 5.58
N ASP D 170 9.64 -50.11 5.82
CA ASP D 170 11.05 -49.73 5.96
C ASP D 170 11.81 -50.63 6.95
N ILE D 171 11.20 -50.86 8.14
CA ILE D 171 11.72 -51.70 9.23
C ILE D 171 11.73 -53.18 8.80
N TYR D 172 10.56 -53.79 8.41
CA TYR D 172 10.44 -55.20 7.96
C TYR D 172 11.55 -55.61 7.00
N LYS D 173 11.88 -54.71 6.06
CA LYS D 173 12.93 -54.85 5.04
C LYS D 173 14.30 -54.93 5.73
N ALA D 174 14.59 -53.97 6.63
CA ALA D 174 15.83 -53.85 7.41
C ALA D 174 15.96 -54.98 8.42
N GLN D 175 14.81 -55.56 8.85
CA GLN D 175 14.73 -56.68 9.79
C GLN D 175 15.05 -58.00 9.14
N ILE D 176 14.58 -58.22 7.89
CA ILE D 176 14.85 -59.46 7.11
C ILE D 176 16.36 -59.59 6.82
N ALA D 177 17.06 -58.48 6.45
CA ALA D 177 18.52 -58.46 6.20
C ALA D 177 19.32 -58.83 7.45
N ILE D 178 18.78 -58.51 8.66
CA ILE D 178 19.38 -58.85 9.97
C ILE D 178 19.15 -60.33 10.23
N LEU D 179 17.91 -60.82 9.98
CA LEU D 179 17.48 -62.20 10.14
C LEU D 179 18.25 -63.15 9.21
N LYS D 180 18.45 -62.79 7.91
CA LYS D 180 19.23 -63.58 6.94
C LYS D 180 20.67 -63.68 7.40
N GLN D 181 21.27 -62.52 7.76
CA GLN D 181 22.64 -62.40 8.27
C GLN D 181 22.83 -63.30 9.51
N THR D 182 21.82 -63.32 10.42
CA THR D 182 21.81 -64.17 11.61
C THR D 182 21.73 -65.65 11.20
N SER D 183 20.81 -65.97 10.22
CA SER D 183 20.57 -67.31 9.68
C SER D 183 21.78 -67.93 9.03
N GLN D 184 22.57 -67.14 8.26
CA GLN D 184 23.79 -67.66 7.64
C GLN D 184 24.89 -67.90 8.68
N GLU D 185 24.88 -67.14 9.79
CA GLU D 185 25.82 -67.26 10.92
C GLU D 185 25.59 -68.58 11.69
N LEU D 186 24.29 -68.94 11.92
CA LEU D 186 23.85 -70.18 12.57
C LEU D 186 24.19 -71.37 11.67
N GLU D 187 24.04 -71.20 10.36
CA GLU D 187 24.41 -72.25 9.42
C GLU D 187 25.92 -72.52 9.45
N ASN D 188 26.72 -71.45 9.54
CA ASN D 188 28.18 -71.61 9.58
C ASN D 188 28.65 -72.37 10.82
N LYS D 189 28.08 -72.00 11.95
CA LYS D 189 28.34 -72.63 13.25
C LYS D 189 27.85 -74.06 13.24
N ALA D 190 26.70 -74.34 12.56
CA ALA D 190 26.08 -75.67 12.45
C ALA D 190 26.99 -76.65 11.78
N ARG D 191 27.38 -76.41 10.51
CA ARG D 191 28.30 -77.32 9.80
C ARG D 191 29.73 -77.36 10.41
N SER D 192 30.16 -76.31 11.11
CA SER D 192 31.48 -76.30 11.75
C SER D 192 31.55 -77.38 12.84
N LEU D 193 30.47 -77.50 13.60
CA LEU D 193 30.32 -78.49 14.67
C LEU D 193 30.17 -79.88 14.06
N GLU D 194 29.31 -80.03 13.02
CA GLU D 194 29.04 -81.30 12.34
C GLU D 194 30.25 -81.89 11.62
N ALA D 195 31.13 -81.03 11.05
CA ALA D 195 32.34 -81.47 10.33
C ALA D 195 33.34 -82.02 11.35
N GLU D 196 33.56 -81.24 12.45
CA GLU D 196 34.42 -81.58 13.58
C GLU D 196 33.97 -82.92 14.16
N ALA D 197 32.62 -83.16 14.18
CA ALA D 197 31.96 -84.36 14.68
C ALA D 197 32.24 -85.55 13.79
N GLN D 198 32.10 -85.35 12.49
CA GLN D 198 32.38 -86.42 11.53
C GLN D 198 33.85 -86.81 11.60
N ARG D 199 34.72 -85.81 11.73
CA ARG D 199 36.16 -86.02 11.81
C ARG D 199 36.53 -86.85 13.05
N ALA D 200 35.87 -86.51 14.16
CA ALA D 200 36.03 -87.16 15.46
C ALA D 200 35.51 -88.61 15.48
N ALA D 201 34.33 -88.88 14.88
CA ALA D 201 33.79 -90.25 14.82
C ALA D 201 34.70 -91.12 13.94
N ALA D 202 35.17 -90.56 12.79
CA ALA D 202 36.06 -91.19 11.83
C ALA D 202 37.38 -91.67 12.45
N GLU D 203 37.97 -90.86 13.36
CA GLU D 203 39.23 -91.24 14.03
C GLU D 203 39.00 -92.38 15.02
N VAL D 204 37.80 -92.42 15.69
CA VAL D 204 37.41 -93.49 16.63
C VAL D 204 37.21 -94.80 15.86
N GLU D 205 36.60 -94.75 14.66
CA GLU D 205 36.47 -95.98 13.87
C GLU D 205 37.87 -96.53 13.52
N ALA D 206 38.82 -95.63 13.18
CA ALA D 206 40.22 -95.94 12.83
C ALA D 206 40.98 -96.59 14.02
N ASP D 207 41.11 -95.87 15.13
CA ASP D 207 41.82 -96.39 16.29
C ASP D 207 41.31 -97.75 16.74
N TYR D 208 40.02 -97.98 16.56
CA TYR D 208 39.40 -99.25 16.95
C TYR D 208 39.13 -100.18 15.77
S SO4 E . 10.58 -8.02 -7.33
O1 SO4 E . 10.27 -6.74 -7.99
O2 SO4 E . 9.51 -8.30 -6.37
O3 SO4 E . 10.66 -9.09 -8.32
O4 SO4 E . 11.89 -7.94 -6.67
S SO4 F . 16.12 14.03 -21.02
O1 SO4 F . 16.19 14.64 -22.36
O2 SO4 F . 14.78 14.16 -20.48
O3 SO4 F . 16.45 12.59 -21.05
O4 SO4 F . 17.07 14.66 -20.12
S SO4 G . 34.55 5.96 -24.32
O1 SO4 G . 33.81 4.72 -24.63
O2 SO4 G . 33.89 7.13 -24.90
O3 SO4 G . 35.89 5.87 -24.87
O4 SO4 G . 34.68 6.15 -22.87
S SO4 H . 38.48 31.31 3.34
O1 SO4 H . 37.47 31.49 2.27
O2 SO4 H . 37.94 30.39 4.36
O3 SO4 H . 38.76 32.63 3.92
O4 SO4 H . 39.74 30.76 2.78
S SO4 I . 18.87 12.40 -16.16
O1 SO4 I . 19.19 13.37 -17.22
O2 SO4 I . 17.63 12.82 -15.51
O3 SO4 I . 19.94 12.35 -15.15
O4 SO4 I . 18.70 11.07 -16.75
S SO4 J . -0.71 -6.42 13.87
O1 SO4 J . -1.72 -6.91 12.98
O2 SO4 J . -1.39 -5.85 15.01
O3 SO4 J . 0.18 -7.50 14.32
O4 SO4 J . 0.06 -5.38 13.17
S SO4 K . -26.95 0.13 13.40
O1 SO4 K . -28.31 0.56 13.74
O2 SO4 K . -26.98 -0.97 12.43
O3 SO4 K . -26.23 -0.39 14.57
O4 SO4 K . -26.23 1.31 12.89
S SO4 L . -29.36 -14.26 27.64
O1 SO4 L . -30.61 -13.59 27.29
O2 SO4 L . -29.54 -14.94 28.91
O3 SO4 L . -29.01 -15.28 26.64
O4 SO4 L . -28.25 -13.28 27.76
S SO4 M . -40.46 -29.46 -4.87
O1 SO4 M . -40.74 -29.88 -3.50
O2 SO4 M . -41.51 -28.53 -5.31
O3 SO4 M . -40.42 -30.64 -5.75
O4 SO4 M . -39.14 -28.79 -4.91
S SO4 N . -24.74 -4.74 11.88
O1 SO4 N . -26.17 -4.46 11.99
O2 SO4 N . -24.21 -4.22 10.62
O3 SO4 N . -24.49 -6.19 11.93
O4 SO4 N . -24.05 -4.08 13.00
#